data_6ZE7
#
_entry.id   6ZE7
#
_cell.length_a   92.611
_cell.length_b   109.674
_cell.length_c   115.634
_cell.angle_alpha   90.000
_cell.angle_beta   90.000
_cell.angle_gamma   90.000
#
_symmetry.space_group_name_H-M   'P 21 21 21'
#
loop_
_entity.id
_entity.type
_entity.pdbx_description
1 polymer 'FAD-dependent oxidoreductase'
2 branched 2-acetamido-2-deoxy-beta-D-glucopyranose-(1-4)-2-acetamido-2-deoxy-beta-D-glucopyranose
3 non-polymer 'DIHYDROFLAVINE-ADENINE DINUCLEOTIDE'
4 non-polymer 2-acetamido-2-deoxy-beta-D-glucopyranose
5 non-polymer P-NITROPHENOL
6 non-polymer 'FORMIC ACID'
7 non-polymer 'ACETATE ION'
8 non-polymer 'TETRAETHYLENE GLYCOL'
9 non-polymer 'TRIETHYLENE GLYCOL'
10 non-polymer 'MAGNESIUM ION'
11 non-polymer 'SODIUM ION'
12 water water
#
_entity_poly.entity_id   1
_entity_poly.type   'polypeptide(L)'
_entity_poly.pdbx_seq_one_letter_code
;NVHSNYTFIIAGGGISGLTLADRLTEDPRVTVLVIEAGPLDRGEDGILVPGAFSPWLYFWPGLVSTPQAGLNNRTVDVIT
AQVVGGGSTINAMVYLRGDKDDYDSWGALGNPGWSWNSMLPYFIKSETFTPPSPELAAAGNITWDGSIRGRSGPVNYSYP
NYFFPGSENWWNAANEVGLPPVKDPMAGSKQGVFWIPSAIDARTMTRSHARRNHYDRVSSRPNYHILPSHLVSKILFRGK
QAIGVSYIPTSGGNTTTNVYASKEITLAAGGLGTPKILQLSGIGPRKLLNELGIPVISDLPGVGQNLQDQPTLTIPYTFT
NNVFPNTDSLTTNATYNAEQRALYDSSKQGAYTIVNSLSTNIGVMSLQRAAPKSYRQIIAAARARSASLSLPPGTDPAVI
RGYQAQRNAILKQFENPNVGVGTVHWGTGSSALVYHLKPLSRGTVNIRSTNPLDAPEIDYRTGTDPIDAQVYTSLFRKNR
EIFNAPSMRVLGPSEAAPFGANLTTDEEIYAVMRELINPSNAHQCCTAAMMPKDMGGVVSSEQKVYGVQGLRVADISFWP
FQLSGSPMATAYAGAERLADVIKKEHRLAGAPKSL
;
_entity_poly.pdbx_strand_id   A,B
#
loop_
_chem_comp.id
_chem_comp.type
_chem_comp.name
_chem_comp.formula
ACT non-polymer 'ACETATE ION' 'C2 H3 O2 -1'
FDA non-polymer 'DIHYDROFLAVINE-ADENINE DINUCLEOTIDE' 'C27 H35 N9 O15 P2'
FMT non-polymer 'FORMIC ACID' 'C H2 O2'
MG non-polymer 'MAGNESIUM ION' 'Mg 2'
NA non-polymer 'SODIUM ION' 'Na 1'
NAG D-saccharide, beta linking 2-acetamido-2-deoxy-beta-D-glucopyranose 'C8 H15 N O6'
NPO non-polymer P-NITROPHENOL 'C6 H5 N O3'
PG4 non-polymer 'TETRAETHYLENE GLYCOL' 'C8 H18 O5'
PGE non-polymer 'TRIETHYLENE GLYCOL' 'C6 H14 O4'
#
# COMPACT_ATOMS: atom_id res chain seq x y z
N ASN A 5 26.84 -32.91 23.69
CA ASN A 5 25.53 -32.63 24.36
C ASN A 5 25.01 -31.24 23.92
N TYR A 6 23.71 -31.15 23.83
CA TYR A 6 22.92 -29.91 23.61
C TYR A 6 22.08 -29.75 24.87
N THR A 7 21.60 -28.55 25.14
CA THR A 7 20.62 -28.35 26.22
C THR A 7 19.31 -29.05 25.83
N PHE A 8 18.83 -28.76 24.61
CA PHE A 8 17.58 -29.33 24.05
C PHE A 8 17.80 -29.93 22.67
N ILE A 9 17.12 -31.05 22.40
CA ILE A 9 17.03 -31.62 21.04
C ILE A 9 15.56 -31.57 20.63
N ILE A 10 15.30 -30.96 19.47
CA ILE A 10 13.94 -30.89 18.90
C ILE A 10 13.87 -31.80 17.68
N ALA A 11 12.94 -32.77 17.68
CA ALA A 11 12.66 -33.65 16.53
C ALA A 11 11.59 -32.99 15.63
N GLY A 12 12.03 -32.48 14.47
CA GLY A 12 11.16 -31.76 13.52
C GLY A 12 11.49 -30.30 13.50
N GLY A 13 11.85 -29.79 12.33
CA GLY A 13 12.09 -28.36 12.13
C GLY A 13 10.95 -27.73 11.34
N GLY A 14 9.72 -27.98 11.77
CA GLY A 14 8.57 -27.31 11.13
C GLY A 14 8.19 -26.06 11.87
N ILE A 15 6.92 -25.69 11.78
CA ILE A 15 6.50 -24.41 12.40
C ILE A 15 6.81 -24.42 13.87
N SER A 16 6.34 -25.44 14.57
CA SER A 16 6.48 -25.50 16.04
C SER A 16 7.95 -25.63 16.46
N GLY A 17 8.69 -26.52 15.79
CA GLY A 17 10.09 -26.84 16.14
C GLY A 17 10.96 -25.59 15.99
N LEU A 18 10.89 -24.88 14.86
CA LEU A 18 11.75 -23.72 14.61
C LEU A 18 11.33 -22.56 15.53
N THR A 19 10.03 -22.34 15.75
CA THR A 19 9.60 -21.28 16.66
C THR A 19 10.20 -21.51 18.05
N LEU A 20 10.11 -22.72 18.55
CA LEU A 20 10.63 -23.04 19.89
C LEU A 20 12.16 -22.86 19.87
N ALA A 21 12.83 -23.38 18.85
CA ALA A 21 14.31 -23.36 18.83
C ALA A 21 14.77 -21.90 18.84
N ASP A 22 14.17 -21.07 18.03
CA ASP A 22 14.43 -19.62 18.00
C ASP A 22 14.35 -19.06 19.43
N ARG A 23 13.20 -19.21 20.07
CA ARG A 23 12.99 -18.58 21.38
C ARG A 23 13.96 -19.14 22.42
N LEU A 24 14.19 -20.44 22.44
CA LEU A 24 15.10 -21.04 23.47
C LEU A 24 16.51 -20.48 23.31
N THR A 25 16.97 -20.26 22.09
CA THR A 25 18.37 -19.80 21.80
C THR A 25 18.55 -18.31 22.02
N GLU A 26 17.49 -17.59 22.43
CA GLU A 26 17.60 -16.19 22.89
C GLU A 26 18.53 -16.13 24.13
N ASP A 27 18.66 -17.23 24.84
CA ASP A 27 19.58 -17.36 25.99
C ASP A 27 20.86 -18.00 25.48
N PRO A 28 21.97 -17.24 25.41
CA PRO A 28 23.21 -17.76 24.85
C PRO A 28 23.77 -18.97 25.61
N ARG A 29 23.31 -19.22 26.83
CA ARG A 29 23.71 -20.43 27.62
C ARG A 29 22.93 -21.64 27.19
N VAL A 30 21.92 -21.49 26.31
CA VAL A 30 21.09 -22.64 25.89
C VAL A 30 21.47 -23.01 24.46
N THR A 31 21.81 -24.28 24.26
CA THR A 31 22.11 -24.80 22.93
C THR A 31 20.96 -25.71 22.48
N VAL A 32 20.59 -25.64 21.21
CA VAL A 32 19.49 -26.47 20.66
C VAL A 32 19.96 -27.14 19.38
N LEU A 33 19.66 -28.39 19.21
CA LEU A 33 19.78 -29.06 17.91
C LEU A 33 18.38 -29.39 17.40
N VAL A 34 18.05 -28.90 16.21
CA VAL A 34 16.81 -29.26 15.51
C VAL A 34 17.19 -30.28 14.44
N ILE A 35 16.64 -31.48 14.52
CA ILE A 35 16.79 -32.53 13.49
C ILE A 35 15.54 -32.53 12.61
N GLU A 36 15.69 -32.24 11.33
CA GLU A 36 14.58 -32.12 10.37
C GLU A 36 14.71 -33.14 9.26
N ALA A 37 13.63 -33.86 8.99
CA ALA A 37 13.58 -34.92 7.97
C ALA A 37 13.93 -34.38 6.59
N GLY A 38 13.41 -33.22 6.20
CA GLY A 38 13.61 -32.67 4.86
C GLY A 38 14.84 -31.76 4.76
N PRO A 39 15.11 -31.30 3.54
CA PRO A 39 16.23 -30.37 3.30
C PRO A 39 15.81 -28.92 3.56
N LEU A 40 16.78 -28.03 3.47
CA LEU A 40 16.50 -26.60 3.27
C LEU A 40 15.91 -26.40 1.89
N ASP A 41 14.80 -25.64 1.78
CA ASP A 41 14.35 -25.12 0.46
C ASP A 41 15.47 -24.26 -0.13
N ARG A 42 15.45 -24.13 -1.46
CA ARG A 42 16.46 -23.38 -2.25
C ARG A 42 15.94 -22.00 -2.63
N GLY A 43 14.89 -21.47 -1.98
CA GLY A 43 14.30 -20.18 -2.35
C GLY A 43 13.74 -20.17 -3.77
N GLU A 44 13.29 -21.33 -4.23
CA GLU A 44 12.75 -21.42 -5.60
CA GLU A 44 12.64 -21.57 -5.54
C GLU A 44 11.42 -20.65 -5.65
N ASP A 45 11.06 -20.19 -6.84
CA ASP A 45 9.82 -19.41 -7.05
C ASP A 45 8.59 -20.19 -6.54
N GLY A 46 8.56 -21.50 -6.71
CA GLY A 46 7.40 -22.32 -6.29
C GLY A 46 7.19 -22.30 -4.78
N ILE A 47 8.20 -21.86 -4.04
CA ILE A 47 8.07 -21.64 -2.57
C ILE A 47 7.84 -20.17 -2.32
N LEU A 48 8.69 -19.29 -2.84
CA LEU A 48 8.66 -17.90 -2.34
C LEU A 48 7.55 -17.06 -2.99
N VAL A 49 7.16 -17.32 -4.23
CA VAL A 49 6.28 -16.40 -4.98
C VAL A 49 4.85 -16.95 -4.92
N PRO A 50 3.87 -16.22 -4.36
CA PRO A 50 2.53 -16.79 -4.19
C PRO A 50 1.95 -17.34 -5.51
N GLY A 51 2.04 -16.58 -6.59
CA GLY A 51 1.41 -16.99 -7.86
C GLY A 51 2.08 -18.22 -8.47
N ALA A 52 3.29 -18.58 -8.07
CA ALA A 52 4.04 -19.74 -8.58
C ALA A 52 3.85 -20.96 -7.69
N PHE A 53 2.96 -20.87 -6.71
CA PHE A 53 2.78 -21.89 -5.64
C PHE A 53 2.86 -23.33 -6.16
N SER A 54 3.82 -24.12 -5.69
CA SER A 54 4.11 -25.51 -6.16
C SER A 54 4.33 -26.38 -4.94
N PRO A 55 3.27 -26.68 -4.14
CA PRO A 55 3.44 -27.32 -2.83
C PRO A 55 4.01 -28.73 -2.94
N TRP A 56 3.88 -29.36 -4.12
CA TRP A 56 4.25 -30.79 -4.28
C TRP A 56 5.79 -30.92 -4.26
N LEU A 57 6.51 -29.81 -4.33
CA LEU A 57 7.98 -29.84 -4.31
C LEU A 57 8.53 -30.52 -3.04
N TYR A 58 7.85 -30.44 -1.90
CA TYR A 58 8.32 -31.01 -0.62
C TYR A 58 7.25 -31.85 0.10
N PHE A 59 6.37 -32.55 -0.63
CA PHE A 59 5.43 -33.50 0.02
C PHE A 59 6.24 -34.69 0.55
N TRP A 60 5.94 -35.13 1.75
CA TRP A 60 6.48 -36.39 2.31
C TRP A 60 6.11 -37.53 1.39
N PRO A 61 7.09 -38.29 0.82
CA PRO A 61 6.73 -39.33 -0.14
C PRO A 61 6.22 -40.63 0.54
N GLY A 62 5.41 -41.36 -0.20
CA GLY A 62 5.02 -42.75 0.09
C GLY A 62 4.00 -42.89 1.21
N LEU A 63 3.16 -41.86 1.43
CA LEU A 63 2.08 -41.92 2.43
C LEU A 63 0.73 -42.02 1.72
N VAL A 64 -0.01 -43.06 2.07
CA VAL A 64 -1.35 -43.37 1.51
CA VAL A 64 -1.38 -43.28 1.53
C VAL A 64 -2.27 -43.69 2.69
N SER A 65 -3.55 -43.39 2.58
CA SER A 65 -4.52 -43.76 3.63
C SER A 65 -4.85 -45.24 3.48
N THR A 66 -5.42 -45.79 4.53
CA THR A 66 -6.26 -47.01 4.43
C THR A 66 -7.50 -46.69 3.60
N PRO A 67 -8.20 -47.72 3.09
CA PRO A 67 -9.49 -47.50 2.46
C PRO A 67 -10.40 -46.78 3.46
N GLN A 68 -11.08 -45.73 3.00
CA GLN A 68 -11.88 -44.85 3.90
C GLN A 68 -13.33 -45.35 3.97
N ALA A 69 -13.69 -45.97 5.09
CA ALA A 69 -15.02 -46.62 5.23
C ALA A 69 -16.17 -45.64 5.04
N GLY A 70 -15.99 -44.38 5.44
CA GLY A 70 -16.96 -43.29 5.32
C GLY A 70 -16.97 -42.67 3.93
N LEU A 71 -16.02 -43.01 3.06
CA LEU A 71 -15.94 -42.37 1.71
C LEU A 71 -15.86 -43.44 0.63
N ASN A 72 -16.77 -44.42 0.69
CA ASN A 72 -16.89 -45.47 -0.36
C ASN A 72 -15.60 -46.26 -0.48
N ASN A 73 -14.88 -46.43 0.63
CA ASN A 73 -13.62 -47.18 0.73
C ASN A 73 -12.54 -46.65 -0.21
N ARG A 74 -12.62 -45.37 -0.57
CA ARG A 74 -11.54 -44.70 -1.34
C ARG A 74 -10.22 -44.70 -0.56
N THR A 75 -9.10 -44.81 -1.28
CA THR A 75 -7.76 -44.57 -0.71
CA THR A 75 -7.74 -44.60 -0.75
C THR A 75 -7.25 -43.25 -1.27
N VAL A 76 -6.64 -42.43 -0.43
CA VAL A 76 -6.16 -41.10 -0.89
C VAL A 76 -4.66 -41.02 -0.61
N ASP A 77 -3.94 -40.22 -1.40
CA ASP A 77 -2.56 -39.85 -1.05
C ASP A 77 -2.62 -38.94 0.18
N VAL A 78 -1.71 -39.17 1.10
CA VAL A 78 -1.58 -38.36 2.34
C VAL A 78 -0.56 -37.26 2.09
N ILE A 79 -0.95 -36.03 2.42
CA ILE A 79 -0.13 -34.83 2.15
C ILE A 79 0.35 -34.28 3.48
N THR A 80 1.67 -34.18 3.63
CA THR A 80 2.27 -33.46 4.78
C THR A 80 3.67 -32.99 4.33
N ALA A 81 4.22 -31.95 4.95
CA ALA A 81 5.53 -31.36 4.54
C ALA A 81 6.71 -32.24 4.98
N GLN A 82 7.76 -32.25 4.16
CA GLN A 82 9.07 -32.81 4.52
C GLN A 82 10.13 -31.79 4.08
N VAL A 83 10.39 -30.79 4.91
CA VAL A 83 11.24 -29.62 4.54
C VAL A 83 11.45 -28.76 5.75
N VAL A 84 12.62 -28.13 5.86
CA VAL A 84 12.82 -27.13 6.91
C VAL A 84 11.71 -26.06 6.76
N GLY A 85 11.05 -25.75 7.84
CA GLY A 85 9.89 -24.83 7.89
C GLY A 85 8.57 -25.61 7.92
N GLY A 86 8.62 -26.92 7.67
CA GLY A 86 7.43 -27.80 7.66
C GLY A 86 6.30 -27.28 6.80
N GLY A 87 5.07 -27.33 7.34
CA GLY A 87 3.89 -26.96 6.55
C GLY A 87 3.97 -25.52 6.12
N SER A 88 4.64 -24.65 6.87
CA SER A 88 4.71 -23.23 6.46
C SER A 88 5.44 -23.05 5.12
N THR A 89 6.33 -23.95 4.76
CA THR A 89 7.15 -23.80 3.52
C THR A 89 6.29 -24.09 2.30
N ILE A 90 5.27 -24.95 2.43
CA ILE A 90 4.48 -25.41 1.24
C ILE A 90 2.98 -25.21 1.42
N ASN A 91 2.52 -24.46 2.44
CA ASN A 91 1.06 -24.31 2.65
C ASN A 91 0.56 -23.13 1.80
N ALA A 92 -0.76 -22.94 1.80
CA ALA A 92 -1.37 -21.87 0.99
C ALA A 92 -1.34 -20.50 1.69
N MET A 93 -0.61 -20.40 2.79
CA MET A 93 -0.24 -19.10 3.44
CA MET A 93 -0.23 -19.14 3.49
C MET A 93 -1.44 -18.49 4.17
N VAL A 94 -2.53 -19.23 4.35
CA VAL A 94 -3.75 -18.72 5.00
C VAL A 94 -3.45 -18.61 6.48
N TYR A 95 -3.56 -17.40 7.02
CA TYR A 95 -3.05 -17.08 8.39
C TYR A 95 -4.24 -16.57 9.21
N LEU A 96 -4.87 -17.46 9.99
CA LEU A 96 -6.11 -17.15 10.74
C LEU A 96 -6.03 -17.79 12.12
N ARG A 97 -6.44 -17.06 13.13
CA ARG A 97 -6.59 -17.62 14.48
C ARG A 97 -7.90 -18.39 14.53
N GLY A 98 -8.04 -19.26 15.52
CA GLY A 98 -9.34 -19.86 15.83
C GLY A 98 -10.27 -18.88 16.50
N ASP A 99 -11.42 -19.38 16.97
CA ASP A 99 -12.42 -18.55 17.66
C ASP A 99 -12.16 -18.66 19.17
N LYS A 100 -12.63 -17.69 19.94
CA LYS A 100 -12.30 -17.67 21.39
C LYS A 100 -12.60 -19.02 22.02
N ASP A 101 -13.80 -19.57 21.77
CA ASP A 101 -14.26 -20.80 22.45
C ASP A 101 -13.39 -22.00 22.10
N ASP A 102 -12.63 -22.00 20.99
CA ASP A 102 -11.73 -23.12 20.72
C ASP A 102 -10.76 -23.25 21.90
N TYR A 103 -10.06 -22.16 22.24
CA TYR A 103 -8.99 -22.21 23.25
C TYR A 103 -9.69 -22.38 24.62
N ASP A 104 -10.78 -21.69 24.81
CA ASP A 104 -11.52 -21.77 26.12
C ASP A 104 -11.92 -23.22 26.32
N SER A 105 -12.35 -23.92 25.27
CA SER A 105 -12.78 -25.32 25.35
CA SER A 105 -12.80 -25.32 25.39
C SER A 105 -11.58 -26.20 25.68
N TRP A 106 -10.42 -25.91 25.10
CA TRP A 106 -9.21 -26.73 25.40
C TRP A 106 -8.94 -26.65 26.90
N GLY A 107 -9.10 -25.48 27.46
CA GLY A 107 -8.91 -25.23 28.91
C GLY A 107 -9.91 -26.04 29.72
N ALA A 108 -11.17 -26.03 29.30
CA ALA A 108 -12.31 -26.65 30.01
C ALA A 108 -12.20 -28.19 29.95
N LEU A 109 -11.34 -28.76 29.09
CA LEU A 109 -11.14 -30.22 29.05
C LEU A 109 -10.22 -30.66 30.20
N GLY A 110 -9.66 -29.75 30.98
CA GLY A 110 -8.76 -30.09 32.11
C GLY A 110 -7.34 -29.59 31.90
N ASN A 111 -7.19 -28.39 31.32
CA ASN A 111 -5.91 -27.84 30.87
C ASN A 111 -5.76 -26.45 31.43
N PRO A 112 -5.30 -26.32 32.69
CA PRO A 112 -5.14 -24.99 33.27
C PRO A 112 -4.18 -24.18 32.38
N GLY A 113 -4.50 -22.90 32.20
CA GLY A 113 -3.69 -21.91 31.46
C GLY A 113 -4.06 -21.83 29.99
N TRP A 114 -5.09 -22.54 29.53
CA TRP A 114 -5.55 -22.51 28.12
C TRP A 114 -6.88 -21.77 28.02
N SER A 115 -6.88 -20.69 27.26
CA SER A 115 -8.07 -19.85 27.02
C SER A 115 -7.74 -18.88 25.89
N TRP A 116 -8.73 -18.18 25.35
CA TRP A 116 -8.47 -17.09 24.39
C TRP A 116 -7.57 -16.05 25.06
N ASN A 117 -7.94 -15.60 26.27
CA ASN A 117 -7.13 -14.53 26.91
C ASN A 117 -5.70 -14.98 27.18
N SER A 118 -5.45 -16.25 27.50
CA SER A 118 -4.05 -16.67 27.74
CA SER A 118 -4.09 -16.84 27.70
C SER A 118 -3.31 -16.77 26.40
N MET A 119 -4.01 -17.04 25.29
CA MET A 119 -3.34 -17.15 23.98
C MET A 119 -3.10 -15.77 23.34
N LEU A 120 -3.97 -14.77 23.57
CA LEU A 120 -3.89 -13.49 22.86
C LEU A 120 -2.47 -12.87 22.94
N PRO A 121 -1.80 -12.76 24.11
CA PRO A 121 -0.45 -12.18 24.15
C PRO A 121 0.51 -12.94 23.22
N TYR A 122 0.32 -14.24 23.04
CA TYR A 122 1.23 -15.06 22.21
C TYR A 122 0.88 -14.88 20.74
N PHE A 123 -0.41 -14.75 20.39
CA PHE A 123 -0.76 -14.34 19.00
C PHE A 123 -0.06 -13.02 18.70
N ILE A 124 -0.14 -12.02 19.60
CA ILE A 124 0.42 -10.68 19.30
C ILE A 124 1.93 -10.78 19.20
N LYS A 125 2.57 -11.51 20.13
CA LYS A 125 4.04 -11.67 20.15
C LYS A 125 4.55 -12.32 18.86
N SER A 126 3.73 -13.20 18.27
CA SER A 126 4.17 -14.12 17.19
C SER A 126 4.49 -13.37 15.90
N GLU A 127 3.98 -12.15 15.72
CA GLU A 127 3.73 -11.67 14.34
C GLU A 127 4.00 -10.17 14.19
N THR A 128 4.16 -9.77 12.95
CA THR A 128 4.08 -8.37 12.47
C THR A 128 3.07 -8.31 11.31
N PHE A 129 1.96 -7.65 11.56
CA PHE A 129 0.95 -7.32 10.52
C PHE A 129 1.39 -6.07 9.78
N THR A 130 1.39 -6.16 8.45
CA THR A 130 1.60 -4.98 7.58
C THR A 130 0.28 -4.63 6.93
N PRO A 131 -0.25 -3.42 7.18
CA PRO A 131 -1.52 -3.03 6.58
C PRO A 131 -1.44 -2.94 5.05
N PRO A 132 -2.55 -3.25 4.37
CA PRO A 132 -2.62 -3.06 2.92
C PRO A 132 -2.68 -1.55 2.65
N SER A 133 -2.52 -1.20 1.40
CA SER A 133 -2.62 0.20 0.95
CA SER A 133 -2.63 0.18 0.91
C SER A 133 -4.05 0.68 1.16
N PRO A 134 -4.23 1.96 1.48
CA PRO A 134 -5.58 2.47 1.73
C PRO A 134 -6.53 2.30 0.56
N GLU A 135 -6.05 2.46 -0.67
CA GLU A 135 -6.98 2.32 -1.83
C GLU A 135 -7.44 0.86 -1.98
N LEU A 136 -6.57 -0.09 -1.70
CA LEU A 136 -6.99 -1.52 -1.80
C LEU A 136 -7.92 -1.83 -0.64
N ALA A 137 -7.66 -1.29 0.56
CA ALA A 137 -8.56 -1.55 1.69
C ALA A 137 -9.95 -1.03 1.37
N ALA A 138 -10.05 0.18 0.85
CA ALA A 138 -11.34 0.79 0.54
C ALA A 138 -12.03 0.06 -0.61
N ALA A 139 -11.33 -0.21 -1.69
CA ALA A 139 -11.95 -0.87 -2.84
C ALA A 139 -12.32 -2.33 -2.50
N GLY A 140 -11.46 -3.01 -1.75
CA GLY A 140 -11.56 -4.46 -1.48
C GLY A 140 -12.48 -4.78 -0.29
N ASN A 141 -12.84 -3.82 0.52
CA ASN A 141 -13.53 -4.05 1.82
C ASN A 141 -12.59 -4.81 2.74
N ILE A 142 -11.33 -4.38 2.82
CA ILE A 142 -10.39 -4.97 3.79
C ILE A 142 -10.51 -4.18 5.10
N THR A 143 -10.76 -4.88 6.20
CA THR A 143 -10.82 -4.22 7.53
C THR A 143 -10.05 -5.06 8.52
N TRP A 144 -9.64 -4.44 9.62
CA TRP A 144 -8.91 -5.12 10.70
C TRP A 144 -9.01 -4.25 11.94
N ASP A 145 -8.68 -4.82 13.06
CA ASP A 145 -8.56 -4.13 14.37
C ASP A 145 -7.07 -4.15 14.72
N GLY A 146 -6.38 -3.05 14.52
CA GLY A 146 -4.92 -2.99 14.73
C GLY A 146 -4.53 -3.30 16.19
N SER A 147 -5.46 -3.10 17.12
CA SER A 147 -5.19 -3.31 18.57
C SER A 147 -4.99 -4.81 18.86
N ILE A 148 -5.42 -5.73 17.99
CA ILE A 148 -5.28 -7.16 18.32
C ILE A 148 -4.43 -7.90 17.31
N ARG A 149 -3.72 -7.15 16.45
CA ARG A 149 -2.72 -7.73 15.51
C ARG A 149 -1.32 -7.28 15.93
N GLY A 150 -0.38 -8.21 16.05
CA GLY A 150 1.00 -7.93 16.41
C GLY A 150 1.66 -6.98 15.44
N ARG A 151 2.56 -6.14 15.94
CA ARG A 151 3.33 -5.18 15.11
C ARG A 151 4.84 -5.39 15.18
N SER A 152 5.34 -6.29 16.02
CA SER A 152 6.81 -6.39 16.26
C SER A 152 7.35 -7.82 16.20
N GLY A 153 6.49 -8.85 15.98
CA GLY A 153 6.91 -10.23 16.04
C GLY A 153 7.48 -10.73 14.73
N PRO A 154 8.01 -11.96 14.74
CA PRO A 154 8.77 -12.46 13.58
C PRO A 154 7.97 -12.83 12.33
N VAL A 155 6.78 -13.38 12.51
CA VAL A 155 5.99 -13.86 11.34
C VAL A 155 5.41 -12.62 10.66
N ASN A 156 5.77 -12.42 9.39
CA ASN A 156 5.14 -11.33 8.62
C ASN A 156 3.81 -11.82 8.06
N TYR A 157 2.77 -11.00 8.14
CA TYR A 157 1.54 -11.27 7.40
C TYR A 157 0.91 -9.96 6.98
N SER A 158 0.17 -10.06 5.89
CA SER A 158 -0.46 -8.92 5.23
C SER A 158 -1.57 -9.50 4.32
N TYR A 159 -1.71 -8.91 3.15
CA TYR A 159 -2.65 -9.34 2.11
C TYR A 159 -1.95 -9.25 0.76
N PRO A 160 -2.47 -9.99 -0.23
CA PRO A 160 -2.14 -9.68 -1.63
C PRO A 160 -2.42 -8.20 -1.87
N ASN A 161 -1.79 -7.64 -2.92
CA ASN A 161 -1.99 -6.20 -3.27
C ASN A 161 -2.90 -6.04 -4.50
N TYR A 162 -3.72 -7.05 -4.77
CA TYR A 162 -4.57 -7.11 -5.96
C TYR A 162 -5.76 -8.01 -5.61
N PHE A 163 -6.87 -7.86 -6.29
CA PHE A 163 -8.00 -8.84 -6.21
C PHE A 163 -8.58 -8.96 -7.61
N PHE A 164 -8.93 -10.20 -7.97
CA PHE A 164 -9.63 -10.45 -9.26
C PHE A 164 -11.01 -9.82 -9.16
N PRO A 165 -11.57 -9.25 -10.25
CA PRO A 165 -12.81 -8.53 -10.15
C PRO A 165 -14.01 -9.34 -9.69
N GLY A 166 -14.06 -10.64 -10.04
CA GLY A 166 -15.22 -11.48 -9.67
C GLY A 166 -15.27 -11.74 -8.17
N SER A 167 -14.17 -11.48 -7.46
CA SER A 167 -14.23 -11.52 -5.98
C SER A 167 -15.27 -10.53 -5.42
N GLU A 168 -15.54 -9.45 -6.16
CA GLU A 168 -16.56 -8.44 -5.77
C GLU A 168 -17.94 -9.08 -5.85
N ASN A 169 -18.24 -9.70 -7.00
CA ASN A 169 -19.52 -10.41 -7.18
C ASN A 169 -19.74 -11.41 -6.05
N TRP A 170 -18.71 -12.16 -5.69
CA TRP A 170 -18.86 -13.20 -4.65
C TRP A 170 -19.07 -12.57 -3.27
N TRP A 171 -18.33 -11.51 -2.96
CA TRP A 171 -18.54 -10.76 -1.68
C TRP A 171 -20.01 -10.33 -1.56
N ASN A 172 -20.55 -9.69 -2.60
CA ASN A 172 -21.91 -9.12 -2.53
C ASN A 172 -22.94 -10.26 -2.42
N ALA A 173 -22.72 -11.33 -3.14
CA ALA A 173 -23.60 -12.52 -3.12
C ALA A 173 -23.59 -13.10 -1.71
N ALA A 174 -22.42 -13.26 -1.09
CA ALA A 174 -22.30 -13.82 0.26
C ALA A 174 -23.07 -12.93 1.22
N ASN A 175 -22.93 -11.60 1.08
CA ASN A 175 -23.71 -10.66 1.94
C ASN A 175 -25.22 -10.91 1.72
N GLU A 176 -25.66 -11.11 0.48
CA GLU A 176 -27.09 -11.23 0.09
C GLU A 176 -27.66 -12.46 0.80
N VAL A 177 -26.85 -13.49 1.07
CA VAL A 177 -27.35 -14.74 1.67
C VAL A 177 -26.84 -14.92 3.11
N GLY A 178 -26.63 -13.80 3.79
CA GLY A 178 -26.50 -13.78 5.27
C GLY A 178 -25.10 -14.07 5.77
N LEU A 179 -24.09 -13.75 4.97
CA LEU A 179 -22.69 -13.80 5.43
C LEU A 179 -22.14 -12.39 5.35
N PRO A 180 -22.22 -11.62 6.45
CA PRO A 180 -21.95 -10.18 6.39
C PRO A 180 -20.45 -9.93 6.51
N PRO A 181 -19.98 -8.68 6.27
CA PRO A 181 -18.57 -8.36 6.49
C PRO A 181 -18.18 -8.54 7.97
N VAL A 182 -17.04 -9.19 8.18
CA VAL A 182 -16.42 -9.41 9.52
C VAL A 182 -15.38 -8.32 9.69
N LYS A 183 -15.47 -7.54 10.76
CA LYS A 183 -14.48 -6.48 11.02
C LYS A 183 -13.04 -7.02 11.06
N ASP A 184 -12.81 -8.05 11.85
CA ASP A 184 -11.48 -8.68 11.94
C ASP A 184 -11.64 -10.14 12.32
N PRO A 185 -11.34 -11.11 11.43
CA PRO A 185 -11.48 -12.54 11.76
C PRO A 185 -10.41 -13.04 12.75
N MET A 186 -9.46 -12.15 13.15
CA MET A 186 -8.40 -12.42 14.13
C MET A 186 -8.91 -12.01 15.52
N ALA A 187 -10.11 -11.49 15.66
CA ALA A 187 -10.57 -10.93 16.97
C ALA A 187 -11.33 -12.00 17.77
N GLY A 188 -11.31 -13.25 17.34
CA GLY A 188 -11.89 -14.37 18.10
C GLY A 188 -13.29 -14.78 17.64
N SER A 189 -13.78 -14.18 16.56
CA SER A 189 -15.02 -14.58 15.85
C SER A 189 -14.86 -14.23 14.39
N LYS A 190 -15.55 -14.95 13.52
CA LYS A 190 -15.35 -14.73 12.06
C LYS A 190 -16.64 -15.08 11.30
N GLN A 191 -17.78 -14.60 11.76
CA GLN A 191 -19.11 -14.95 11.20
C GLN A 191 -19.42 -14.08 10.00
N GLY A 192 -19.07 -14.58 8.83
CA GLY A 192 -19.33 -13.90 7.57
C GLY A 192 -18.11 -13.93 6.67
N VAL A 193 -17.93 -12.86 5.91
CA VAL A 193 -16.88 -12.79 4.88
C VAL A 193 -15.82 -11.76 5.25
N PHE A 194 -14.60 -12.02 4.80
CA PHE A 194 -13.43 -11.20 5.11
C PHE A 194 -12.28 -11.52 4.19
N TRP A 195 -11.36 -10.59 4.02
CA TRP A 195 -10.08 -10.89 3.36
C TRP A 195 -9.30 -11.92 4.15
N ILE A 196 -8.72 -12.87 3.42
CA ILE A 196 -7.82 -13.92 3.96
C ILE A 196 -6.50 -13.26 4.32
N PRO A 197 -6.09 -13.20 5.60
CA PRO A 197 -4.74 -12.76 5.88
C PRO A 197 -3.75 -13.82 5.41
N SER A 198 -2.66 -13.34 4.82
CA SER A 198 -1.66 -14.18 4.15
C SER A 198 -0.28 -14.00 4.79
N ALA A 199 0.45 -15.08 5.03
CA ALA A 199 1.77 -15.08 5.67
C ALA A 199 2.84 -14.71 4.65
N ILE A 200 2.71 -13.49 4.14
CA ILE A 200 3.58 -12.86 3.10
CA ILE A 200 3.70 -12.95 3.17
C ILE A 200 4.37 -11.72 3.77
N ASP A 201 5.61 -11.56 3.40
CA ASP A 201 6.42 -10.38 3.75
C ASP A 201 6.17 -9.34 2.67
N ALA A 202 5.52 -8.26 3.01
CA ALA A 202 5.11 -7.25 2.01
C ALA A 202 6.29 -6.44 1.50
N ARG A 203 7.50 -6.56 2.03
CA ARG A 203 8.75 -5.89 1.54
CA ARG A 203 8.59 -5.75 1.43
C ARG A 203 9.01 -6.43 0.13
N THR A 204 8.85 -7.74 0.01
CA THR A 204 9.20 -8.42 -1.25
C THR A 204 8.03 -9.19 -1.84
N MET A 205 6.85 -9.18 -1.23
CA MET A 205 5.70 -10.02 -1.60
CA MET A 205 5.71 -10.01 -1.66
C MET A 205 6.14 -11.48 -1.80
N THR A 206 6.80 -12.02 -0.81
CA THR A 206 7.23 -13.42 -0.76
C THR A 206 6.77 -14.08 0.53
N ARG A 207 6.72 -15.40 0.49
CA ARG A 207 6.32 -16.20 1.66
C ARG A 207 7.19 -15.89 2.89
N SER A 208 6.55 -15.65 4.02
CA SER A 208 7.23 -15.57 5.34
C SER A 208 7.03 -16.89 6.06
N HIS A 209 7.79 -17.90 5.66
CA HIS A 209 7.72 -19.26 6.26
C HIS A 209 8.69 -19.35 7.45
N ALA A 210 8.51 -20.38 8.26
CA ALA A 210 9.20 -20.51 9.55
C ALA A 210 10.72 -20.61 9.29
N ARG A 211 11.13 -21.23 8.17
CA ARG A 211 12.58 -21.27 7.80
CA ARG A 211 12.55 -21.25 7.70
C ARG A 211 13.16 -19.85 7.78
N ARG A 212 12.42 -18.86 7.30
CA ARG A 212 12.87 -17.46 7.23
C ARG A 212 12.66 -16.78 8.59
N ASN A 213 11.44 -16.82 9.13
CA ASN A 213 11.11 -15.93 10.27
C ASN A 213 11.60 -16.49 11.60
N HIS A 214 11.96 -17.76 11.70
CA HIS A 214 12.37 -18.40 12.97
C HIS A 214 13.65 -19.26 12.79
N TYR A 215 14.30 -19.17 11.63
CA TYR A 215 15.67 -19.74 11.49
C TYR A 215 16.57 -18.69 10.81
N ASP A 216 16.39 -18.39 9.53
CA ASP A 216 17.28 -17.42 8.83
C ASP A 216 17.47 -16.16 9.68
N ARG A 217 16.40 -15.59 10.19
CA ARG A 217 16.39 -14.32 10.95
C ARG A 217 17.40 -14.38 12.11
N VAL A 218 17.64 -15.54 12.67
CA VAL A 218 18.45 -15.68 13.93
C VAL A 218 19.59 -16.65 13.69
N SER A 219 19.88 -16.94 12.41
CA SER A 219 20.88 -17.99 12.05
C SER A 219 22.33 -17.52 12.29
N SER A 220 22.59 -16.30 12.77
CA SER A 220 23.95 -15.90 13.22
C SER A 220 24.26 -16.55 14.57
N ARG A 221 23.26 -17.05 15.29
CA ARG A 221 23.46 -17.64 16.64
C ARG A 221 24.24 -18.94 16.55
N PRO A 222 25.41 -19.07 17.21
CA PRO A 222 26.13 -20.34 17.20
C PRO A 222 25.44 -21.46 18.02
N ASN A 223 24.54 -21.08 18.93
CA ASN A 223 23.86 -22.00 19.85
C ASN A 223 22.60 -22.60 19.23
N TYR A 224 22.21 -22.14 18.05
CA TYR A 224 21.01 -22.65 17.31
C TYR A 224 21.52 -23.52 16.17
N HIS A 225 21.50 -24.83 16.37
CA HIS A 225 22.04 -25.80 15.38
C HIS A 225 20.89 -26.45 14.63
N ILE A 226 21.06 -26.70 13.33
CA ILE A 226 20.04 -27.43 12.52
CA ILE A 226 20.03 -27.46 12.55
C ILE A 226 20.73 -28.59 11.80
N LEU A 227 20.06 -29.74 11.72
CA LEU A 227 20.55 -30.87 10.91
C LEU A 227 19.41 -31.30 9.99
N PRO A 228 19.39 -30.76 8.76
CA PRO A 228 18.43 -31.20 7.74
C PRO A 228 18.72 -32.61 7.23
N SER A 229 17.72 -33.18 6.57
CA SER A 229 17.75 -34.48 5.86
C SER A 229 18.08 -35.63 6.81
N HIS A 230 17.67 -35.53 8.07
CA HIS A 230 17.80 -36.64 9.06
C HIS A 230 16.48 -36.86 9.77
N LEU A 231 16.20 -38.12 10.12
CA LEU A 231 14.98 -38.57 10.84
C LEU A 231 15.33 -38.92 12.27
N VAL A 232 14.60 -38.42 13.24
CA VAL A 232 14.61 -38.96 14.63
C VAL A 232 13.85 -40.30 14.61
N SER A 233 14.54 -41.40 14.91
CA SER A 233 14.03 -42.79 14.82
C SER A 233 13.66 -43.33 16.20
N LYS A 234 14.16 -42.74 17.28
CA LYS A 234 13.86 -43.20 18.63
C LYS A 234 14.26 -42.15 19.64
N ILE A 235 13.56 -42.13 20.75
CA ILE A 235 13.92 -41.39 21.97
C ILE A 235 14.74 -42.37 22.82
N LEU A 236 15.81 -41.87 23.43
CA LEU A 236 16.67 -42.66 24.36
C LEU A 236 16.32 -42.24 25.80
N PHE A 237 16.31 -43.23 26.71
CA PHE A 237 15.93 -43.01 28.12
C PHE A 237 16.98 -43.55 29.09
N ARG A 238 17.16 -42.86 30.20
CA ARG A 238 17.73 -43.43 31.46
CA ARG A 238 17.74 -43.40 31.46
C ARG A 238 16.57 -43.60 32.44
N GLY A 239 16.12 -44.84 32.61
CA GLY A 239 14.87 -45.14 33.33
C GLY A 239 13.72 -44.49 32.60
N LYS A 240 13.02 -43.55 33.24
CA LYS A 240 11.85 -42.82 32.66
C LYS A 240 12.28 -41.43 32.20
N GLN A 241 13.58 -41.11 32.23
CA GLN A 241 14.11 -39.77 31.83
C GLN A 241 14.50 -39.78 30.35
N ALA A 242 13.91 -38.90 29.52
CA ALA A 242 14.30 -38.77 28.11
C ALA A 242 15.64 -38.03 28.09
N ILE A 243 16.68 -38.65 27.55
CA ILE A 243 18.07 -38.11 27.61
C ILE A 243 18.63 -37.82 26.22
N GLY A 244 18.03 -38.34 25.16
CA GLY A 244 18.55 -38.08 23.81
C GLY A 244 17.69 -38.72 22.75
N VAL A 245 18.19 -38.74 21.54
CA VAL A 245 17.54 -39.44 20.42
C VAL A 245 18.56 -40.20 19.61
N SER A 246 18.07 -41.15 18.85
CA SER A 246 18.74 -41.76 17.69
C SER A 246 18.22 -41.05 16.44
N TYR A 247 19.09 -40.84 15.47
CA TYR A 247 18.72 -40.33 14.13
C TYR A 247 19.46 -41.07 13.03
N ILE A 248 18.84 -41.09 11.85
CA ILE A 248 19.32 -41.76 10.63
C ILE A 248 19.17 -40.78 9.49
N PRO A 249 19.90 -40.97 8.37
CA PRO A 249 19.63 -40.18 7.17
C PRO A 249 18.20 -40.47 6.69
N THR A 250 17.50 -39.44 6.20
CA THR A 250 16.11 -39.63 5.69
C THR A 250 16.13 -40.65 4.56
N SER A 251 17.20 -40.63 3.78
CA SER A 251 17.34 -41.48 2.56
C SER A 251 17.52 -42.95 2.95
N GLY A 252 17.75 -43.25 4.23
CA GLY A 252 17.81 -44.62 4.76
C GLY A 252 19.19 -45.24 4.63
N GLY A 253 20.26 -44.43 4.65
CA GLY A 253 21.65 -44.92 4.81
C GLY A 253 21.77 -45.74 6.07
N ASN A 254 22.52 -46.84 6.01
CA ASN A 254 22.65 -47.86 7.09
C ASN A 254 23.51 -47.31 8.24
N THR A 255 23.23 -46.10 8.72
CA THR A 255 23.97 -45.46 9.84
C THR A 255 22.94 -44.94 10.85
N THR A 256 23.19 -45.14 12.12
CA THR A 256 22.38 -44.57 13.24
C THR A 256 23.34 -43.84 14.16
N THR A 257 22.92 -42.68 14.65
CA THR A 257 23.73 -41.83 15.54
C THR A 257 22.90 -41.46 16.75
N ASN A 258 23.52 -41.45 17.92
CA ASN A 258 22.86 -41.07 19.19
C ASN A 258 23.40 -39.70 19.58
N VAL A 259 22.50 -38.81 19.98
CA VAL A 259 22.85 -37.47 20.50
C VAL A 259 22.02 -37.21 21.75
N TYR A 260 22.58 -36.45 22.68
CA TYR A 260 22.04 -36.31 24.05
C TYR A 260 21.77 -34.86 24.38
N ALA A 261 20.77 -34.64 25.23
CA ALA A 261 20.32 -33.32 25.74
C ALA A 261 20.46 -33.32 27.26
N SER A 262 20.91 -32.21 27.82
CA SER A 262 21.09 -32.03 29.26
C SER A 262 19.74 -31.68 29.92
N LYS A 263 18.77 -31.09 29.21
CA LYS A 263 17.51 -30.67 29.83
C LYS A 263 16.33 -31.47 29.24
N GLU A 264 15.98 -31.29 27.96
CA GLU A 264 14.76 -31.95 27.44
C GLU A 264 14.90 -32.35 25.97
N ILE A 265 14.07 -33.33 25.61
CA ILE A 265 13.73 -33.71 24.22
C ILE A 265 12.35 -33.09 23.93
N THR A 266 12.23 -32.39 22.80
CA THR A 266 10.91 -31.87 22.34
C THR A 266 10.56 -32.55 21.03
N LEU A 267 9.37 -33.14 20.97
CA LEU A 267 8.84 -33.66 19.68
C LEU A 267 8.10 -32.54 18.97
N ALA A 268 8.42 -32.33 17.70
CA ALA A 268 7.78 -31.31 16.85
C ALA A 268 7.62 -31.87 15.46
N ALA A 269 7.30 -33.17 15.35
CA ALA A 269 7.37 -33.94 14.09
C ALA A 269 6.00 -34.02 13.42
N GLY A 270 5.03 -33.27 13.95
CA GLY A 270 3.73 -33.09 13.30
C GLY A 270 2.73 -34.18 13.68
N GLY A 271 1.46 -33.99 13.31
CA GLY A 271 0.40 -34.96 13.60
C GLY A 271 0.70 -36.37 13.16
N LEU A 272 1.40 -36.54 12.03
CA LEU A 272 1.67 -37.87 11.43
C LEU A 272 3.07 -38.35 11.82
N GLY A 273 3.88 -37.51 12.46
CA GLY A 273 5.29 -37.88 12.79
C GLY A 273 5.51 -38.11 14.27
N THR A 274 4.96 -37.25 15.13
CA THR A 274 5.18 -37.34 16.60
C THR A 274 4.70 -38.68 17.10
N PRO A 275 3.46 -39.15 16.80
CA PRO A 275 3.01 -40.43 17.38
C PRO A 275 3.91 -41.59 16.99
N LYS A 276 4.46 -41.55 15.78
CA LYS A 276 5.38 -42.60 15.28
C LYS A 276 6.66 -42.61 16.12
N ILE A 277 7.24 -41.45 16.41
CA ILE A 277 8.43 -41.41 17.33
C ILE A 277 8.05 -42.00 18.68
N LEU A 278 6.94 -41.59 19.27
CA LEU A 278 6.47 -42.09 20.59
C LEU A 278 6.32 -43.61 20.54
N GLN A 279 5.63 -44.15 19.56
CA GLN A 279 5.29 -45.60 19.49
C GLN A 279 6.60 -46.40 19.32
N LEU A 280 7.50 -45.95 18.45
CA LEU A 280 8.81 -46.63 18.21
C LEU A 280 9.67 -46.59 19.48
N SER A 281 9.44 -45.60 20.35
CA SER A 281 10.17 -45.34 21.62
C SER A 281 9.55 -46.10 22.79
N GLY A 282 8.49 -46.90 22.55
CA GLY A 282 7.70 -47.59 23.59
C GLY A 282 6.79 -46.68 24.42
N ILE A 283 6.32 -45.58 23.83
CA ILE A 283 5.31 -44.71 24.47
C ILE A 283 4.07 -44.76 23.61
N GLY A 284 3.06 -45.48 24.06
CA GLY A 284 1.92 -45.74 23.18
C GLY A 284 1.11 -46.89 23.71
N PRO A 285 0.13 -47.37 22.94
CA PRO A 285 -0.79 -48.38 23.46
C PRO A 285 -0.05 -49.73 23.64
N ARG A 286 -0.12 -50.26 24.87
CA ARG A 286 0.48 -51.58 25.23
CA ARG A 286 0.43 -51.60 25.26
C ARG A 286 0.15 -52.63 24.15
N LYS A 287 -1.09 -52.73 23.69
CA LYS A 287 -1.49 -53.78 22.71
C LYS A 287 -0.62 -53.68 21.45
N LEU A 288 -0.50 -52.49 20.85
CA LEU A 288 0.31 -52.29 19.63
C LEU A 288 1.80 -52.55 19.88
N LEU A 289 2.34 -52.02 20.98
CA LEU A 289 3.77 -52.12 21.30
C LEU A 289 4.09 -53.62 21.53
N ASN A 290 3.24 -54.34 22.27
CA ASN A 290 3.40 -55.80 22.51
C ASN A 290 3.39 -56.56 21.17
N GLU A 291 2.44 -56.27 20.27
CA GLU A 291 2.33 -56.96 18.96
C GLU A 291 3.66 -56.83 18.19
N LEU A 292 4.29 -55.66 18.23
CA LEU A 292 5.55 -55.37 17.48
C LEU A 292 6.80 -55.71 18.30
N GLY A 293 6.68 -56.18 19.55
CA GLY A 293 7.82 -56.52 20.41
C GLY A 293 8.56 -55.29 20.90
N ILE A 294 7.89 -54.15 21.02
CA ILE A 294 8.53 -52.91 21.54
C ILE A 294 8.30 -52.82 23.05
N PRO A 295 9.36 -52.73 23.88
CA PRO A 295 9.21 -52.57 25.32
C PRO A 295 8.40 -51.31 25.67
N VAL A 296 7.44 -51.45 26.58
CA VAL A 296 6.50 -50.37 26.99
C VAL A 296 7.17 -49.55 28.08
N ILE A 297 7.53 -48.31 27.77
CA ILE A 297 8.09 -47.31 28.74
C ILE A 297 6.93 -46.58 29.41
N SER A 298 5.90 -46.20 28.63
CA SER A 298 4.67 -45.55 29.16
C SER A 298 3.47 -46.02 28.34
N ASP A 299 2.53 -46.68 29.01
CA ASP A 299 1.31 -47.27 28.40
C ASP A 299 0.29 -46.14 28.23
N LEU A 300 0.28 -45.53 27.04
CA LEU A 300 -0.62 -44.37 26.73
C LEU A 300 -1.47 -44.74 25.53
N PRO A 301 -2.70 -45.24 25.76
CA PRO A 301 -3.55 -45.66 24.64
C PRO A 301 -3.90 -44.47 23.74
N GLY A 302 -3.76 -43.23 24.19
CA GLY A 302 -4.11 -42.08 23.31
C GLY A 302 -3.12 -41.85 22.18
N VAL A 303 -1.91 -42.41 22.19
CA VAL A 303 -0.89 -42.13 21.15
C VAL A 303 -1.33 -42.71 19.83
N GLY A 304 -1.59 -41.87 18.83
CA GLY A 304 -2.05 -42.25 17.49
C GLY A 304 -3.56 -42.31 17.41
N GLN A 305 -4.26 -42.11 18.52
CA GLN A 305 -5.74 -42.00 18.54
C GLN A 305 -6.10 -40.55 18.20
N ASN A 306 -7.38 -40.29 17.98
CA ASN A 306 -7.92 -38.90 17.96
C ASN A 306 -7.45 -38.09 16.76
N LEU A 307 -7.00 -38.74 15.69
CA LEU A 307 -6.53 -38.02 14.48
C LEU A 307 -7.71 -37.23 13.92
N GLN A 308 -7.41 -35.96 13.61
CA GLN A 308 -8.39 -35.11 12.95
C GLN A 308 -7.71 -34.36 11.80
N ASP A 309 -8.56 -33.95 10.86
CA ASP A 309 -8.16 -33.04 9.75
C ASP A 309 -9.37 -32.17 9.46
N GLN A 310 -9.30 -31.38 8.41
CA GLN A 310 -10.42 -30.50 8.01
C GLN A 310 -10.72 -30.86 6.58
N PRO A 311 -11.72 -31.73 6.37
CA PRO A 311 -12.02 -32.19 5.00
C PRO A 311 -12.33 -31.05 4.03
N THR A 312 -12.15 -31.34 2.75
CA THR A 312 -12.38 -30.35 1.68
C THR A 312 -13.22 -30.95 0.57
N LEU A 313 -13.92 -30.04 -0.08
CA LEU A 313 -14.77 -30.41 -1.22
C LEU A 313 -14.56 -29.36 -2.29
N THR A 314 -14.22 -29.81 -3.49
CA THR A 314 -14.08 -28.90 -4.66
C THR A 314 -15.33 -29.05 -5.50
N ILE A 315 -16.08 -28.00 -5.71
CA ILE A 315 -17.32 -28.03 -6.51
C ILE A 315 -16.99 -27.38 -7.84
N PRO A 316 -17.03 -28.11 -8.97
CA PRO A 316 -16.76 -27.54 -10.28
C PRO A 316 -17.93 -26.74 -10.84
N TYR A 317 -17.62 -25.68 -11.62
CA TYR A 317 -18.59 -24.80 -12.26
C TYR A 317 -18.23 -24.55 -13.72
N THR A 318 -19.24 -24.20 -14.48
CA THR A 318 -19.00 -23.52 -15.77
C THR A 318 -19.81 -22.23 -15.72
N PHE A 319 -19.38 -21.29 -16.54
CA PHE A 319 -19.98 -19.95 -16.57
C PHE A 319 -20.26 -19.56 -18.02
N THR A 320 -21.40 -18.93 -18.22
CA THR A 320 -21.69 -18.35 -19.55
C THR A 320 -21.11 -16.93 -19.63
N ASN A 321 -20.77 -16.29 -18.50
CA ASN A 321 -20.42 -14.84 -18.53
C ASN A 321 -19.44 -14.50 -17.41
N ASN A 322 -18.42 -15.31 -17.19
CA ASN A 322 -17.44 -14.99 -16.12
C ASN A 322 -16.71 -13.72 -16.54
N VAL A 323 -16.20 -12.99 -15.57
CA VAL A 323 -15.46 -11.73 -15.81
C VAL A 323 -13.99 -12.07 -15.98
N PHE A 324 -13.33 -11.35 -16.89
CA PHE A 324 -11.88 -11.42 -17.15
C PHE A 324 -11.23 -10.20 -16.51
N PRO A 325 -10.05 -10.34 -15.88
CA PRO A 325 -9.38 -11.62 -15.63
C PRO A 325 -9.88 -12.33 -14.37
N ASN A 326 -9.51 -13.59 -14.26
CA ASN A 326 -9.88 -14.41 -13.10
C ASN A 326 -8.73 -15.40 -12.87
N THR A 327 -8.74 -16.20 -11.80
CA THR A 327 -7.59 -17.06 -11.51
C THR A 327 -7.32 -18.05 -12.67
N ASP A 328 -8.37 -18.46 -13.35
CA ASP A 328 -8.15 -19.44 -14.45
C ASP A 328 -7.53 -18.74 -15.67
N SER A 329 -7.57 -17.42 -15.76
CA SER A 329 -6.83 -16.68 -16.80
C SER A 329 -5.35 -17.01 -16.70
N LEU A 330 -4.80 -17.18 -15.50
CA LEU A 330 -3.39 -17.51 -15.31
C LEU A 330 -3.07 -18.85 -16.03
N THR A 331 -4.02 -19.78 -15.98
CA THR A 331 -3.78 -21.15 -16.49
C THR A 331 -4.14 -21.24 -17.97
N THR A 332 -5.15 -20.54 -18.44
CA THR A 332 -5.70 -20.68 -19.82
C THR A 332 -5.29 -19.55 -20.76
N ASN A 333 -4.68 -18.48 -20.25
CA ASN A 333 -4.23 -17.35 -21.11
C ASN A 333 -2.74 -17.05 -20.88
N ALA A 334 -1.86 -17.58 -21.70
CA ALA A 334 -0.39 -17.49 -21.51
C ALA A 334 0.06 -16.04 -21.59
N THR A 335 -0.65 -15.22 -22.33
CA THR A 335 -0.33 -13.78 -22.49
C THR A 335 -0.58 -13.10 -21.13
N TYR A 336 -1.77 -13.29 -20.58
CA TYR A 336 -2.14 -12.74 -19.23
C TYR A 336 -1.11 -13.22 -18.21
N ASN A 337 -0.80 -14.51 -18.20
CA ASN A 337 0.12 -15.08 -17.23
C ASN A 337 1.50 -14.38 -17.34
N ALA A 338 2.02 -14.26 -18.56
CA ALA A 338 3.36 -13.66 -18.79
C ALA A 338 3.36 -12.18 -18.35
N GLU A 339 2.28 -11.47 -18.63
CA GLU A 339 2.20 -10.02 -18.29
C GLU A 339 2.08 -9.87 -16.76
N GLN A 340 1.27 -10.70 -16.10
CA GLN A 340 1.22 -10.60 -14.62
C GLN A 340 2.57 -10.98 -14.03
N ARG A 341 3.27 -11.99 -14.57
CA ARG A 341 4.58 -12.35 -13.99
C ARG A 341 5.60 -11.21 -14.21
N ALA A 342 5.57 -10.56 -15.37
CA ALA A 342 6.48 -9.42 -15.64
C ALA A 342 6.14 -8.25 -14.69
N LEU A 343 4.86 -8.01 -14.48
CA LEU A 343 4.36 -6.97 -13.53
C LEU A 343 4.93 -7.26 -12.14
N TYR A 344 4.83 -8.49 -11.68
CA TYR A 344 5.35 -8.87 -10.34
C TYR A 344 6.88 -8.68 -10.31
N ASP A 345 7.57 -9.14 -11.34
CA ASP A 345 9.05 -9.05 -11.40
C ASP A 345 9.51 -7.60 -11.36
N SER A 346 8.73 -6.68 -11.95
CA SER A 346 9.13 -5.25 -12.04
C SER A 346 8.76 -4.50 -10.75
N SER A 347 7.47 -4.45 -10.42
CA SER A 347 6.96 -3.58 -9.32
C SER A 347 6.23 -4.35 -8.22
N LYS A 348 6.30 -5.68 -8.26
CA LYS A 348 5.76 -6.59 -7.23
C LYS A 348 4.25 -6.38 -7.09
N GLN A 349 3.58 -5.96 -8.18
CA GLN A 349 2.12 -5.83 -8.23
C GLN A 349 1.43 -7.03 -8.86
N GLY A 350 0.14 -7.15 -8.58
CA GLY A 350 -0.79 -7.94 -9.42
C GLY A 350 -1.05 -9.38 -8.96
N ALA A 351 -1.53 -10.20 -9.90
CA ALA A 351 -2.09 -11.54 -9.59
C ALA A 351 -1.06 -12.47 -8.96
N TYR A 352 0.26 -12.28 -9.16
CA TYR A 352 1.26 -13.20 -8.60
C TYR A 352 1.42 -12.96 -7.10
N THR A 353 0.82 -11.94 -6.52
CA THR A 353 0.83 -11.78 -5.06
C THR A 353 -0.25 -12.61 -4.36
N ILE A 354 -1.11 -13.27 -5.09
CA ILE A 354 -2.18 -14.15 -4.55
C ILE A 354 -1.68 -15.58 -4.72
N VAL A 355 -1.85 -16.44 -3.74
CA VAL A 355 -1.49 -17.88 -3.89
C VAL A 355 -2.27 -18.43 -5.09
N ASN A 356 -1.60 -19.17 -5.97
CA ASN A 356 -2.20 -19.63 -7.25
CA ASN A 356 -2.20 -19.64 -7.24
C ASN A 356 -3.42 -20.50 -6.93
N SER A 357 -4.54 -20.17 -7.54
CA SER A 357 -5.87 -20.84 -7.50
C SER A 357 -6.75 -20.26 -6.41
N LEU A 358 -6.20 -19.48 -5.48
CA LEU A 358 -7.02 -18.82 -4.45
C LEU A 358 -7.49 -17.45 -4.92
N SER A 359 -8.54 -17.01 -4.27
CA SER A 359 -8.98 -15.60 -4.31
C SER A 359 -8.54 -14.91 -2.99
N THR A 360 -9.11 -13.74 -2.77
CA THR A 360 -8.69 -12.83 -1.67
C THR A 360 -9.62 -12.85 -0.49
N ASN A 361 -10.87 -13.31 -0.64
CA ASN A 361 -11.93 -13.24 0.40
C ASN A 361 -12.41 -14.66 0.65
N ILE A 362 -13.05 -14.85 1.78
CA ILE A 362 -13.51 -16.19 2.23
C ILE A 362 -14.68 -15.97 3.16
N GLY A 363 -15.48 -16.99 3.40
CA GLY A 363 -16.59 -16.92 4.36
C GLY A 363 -16.50 -18.07 5.35
N VAL A 364 -16.84 -17.77 6.61
CA VAL A 364 -16.94 -18.80 7.66
C VAL A 364 -18.31 -18.70 8.29
N MET A 365 -18.88 -19.81 8.69
CA MET A 365 -20.24 -19.84 9.27
C MET A 365 -20.37 -20.85 10.40
N SER A 366 -21.11 -20.43 11.42
CA SER A 366 -21.60 -21.31 12.51
C SER A 366 -22.58 -22.31 11.95
N LEU A 367 -22.98 -23.29 12.75
CA LEU A 367 -24.01 -24.24 12.32
C LEU A 367 -25.33 -23.51 12.13
N GLN A 368 -25.69 -22.59 13.00
CA GLN A 368 -26.98 -21.88 12.85
C GLN A 368 -26.94 -20.95 11.65
N ARG A 369 -25.77 -20.45 11.27
CA ARG A 369 -25.70 -19.57 10.07
C ARG A 369 -25.81 -20.45 8.83
N ALA A 370 -25.20 -21.63 8.84
CA ALA A 370 -25.29 -22.58 7.71
C ALA A 370 -26.69 -23.10 7.56
N ALA A 371 -27.32 -23.43 8.68
CA ALA A 371 -28.57 -24.24 8.72
C ALA A 371 -29.59 -23.55 9.62
N PRO A 372 -30.06 -22.35 9.26
CA PRO A 372 -30.87 -21.56 10.17
C PRO A 372 -32.23 -22.19 10.55
N LYS A 373 -32.75 -23.07 9.70
CA LYS A 373 -34.07 -23.74 9.87
CA LYS A 373 -34.08 -23.73 9.90
C LYS A 373 -33.93 -25.16 10.46
N SER A 374 -32.72 -25.70 10.55
CA SER A 374 -32.55 -27.12 10.94
C SER A 374 -31.42 -27.36 11.93
N TYR A 375 -30.64 -26.35 12.35
CA TYR A 375 -29.45 -26.59 13.20
CA TYR A 375 -29.44 -26.66 13.18
C TYR A 375 -29.85 -27.33 14.49
N ARG A 376 -31.03 -27.01 15.05
CA ARG A 376 -31.47 -27.64 16.34
CA ARG A 376 -31.39 -27.65 16.35
C ARG A 376 -31.66 -29.15 16.13
N GLN A 377 -32.08 -29.53 14.94
CA GLN A 377 -32.31 -30.96 14.58
C GLN A 377 -30.97 -31.67 14.51
N ILE A 378 -29.95 -31.03 13.91
CA ILE A 378 -28.61 -31.66 13.83
C ILE A 378 -28.01 -31.81 15.24
N ILE A 379 -28.14 -30.79 16.09
CA ILE A 379 -27.65 -30.82 17.49
C ILE A 379 -28.39 -31.94 18.24
N ALA A 380 -29.70 -32.08 18.05
CA ALA A 380 -30.51 -33.13 18.73
C ALA A 380 -29.96 -34.49 18.33
N ALA A 381 -29.75 -34.77 17.05
CA ALA A 381 -29.19 -36.06 16.61
C ALA A 381 -27.81 -36.29 17.26
N ALA A 382 -26.96 -35.27 17.30
CA ALA A 382 -25.58 -35.41 17.84
C ALA A 382 -25.67 -35.68 19.37
N ARG A 383 -26.57 -34.97 20.06
CA ARG A 383 -26.69 -35.12 21.53
CA ARG A 383 -26.73 -35.11 21.54
C ARG A 383 -27.28 -36.51 21.84
N ALA A 384 -28.15 -37.02 20.99
CA ALA A 384 -28.85 -38.31 21.21
C ALA A 384 -27.86 -39.45 21.11
N ARG A 385 -26.84 -39.32 20.27
CA ARG A 385 -26.01 -40.48 19.91
C ARG A 385 -24.90 -40.67 20.92
N SER A 386 -24.67 -41.90 21.34
CA SER A 386 -23.56 -42.25 22.26
CA SER A 386 -23.56 -42.22 22.27
C SER A 386 -22.21 -41.87 21.62
N ALA A 387 -21.37 -41.15 22.34
CA ALA A 387 -20.01 -40.77 21.89
C ALA A 387 -19.29 -42.02 21.35
N SER A 388 -19.41 -43.19 22.00
CA SER A 388 -18.60 -44.38 21.71
C SER A 388 -18.91 -44.91 20.30
N LEU A 389 -20.06 -44.60 19.72
CA LEU A 389 -20.44 -45.08 18.36
C LEU A 389 -19.45 -44.51 17.32
N SER A 390 -18.76 -43.39 17.62
CA SER A 390 -17.88 -42.74 16.64
C SER A 390 -16.50 -43.42 16.60
N LEU A 391 -16.21 -44.31 17.56
CA LEU A 391 -14.84 -44.87 17.68
C LEU A 391 -14.89 -46.35 17.37
N PRO A 392 -13.75 -46.90 16.89
CA PRO A 392 -13.67 -48.32 16.57
C PRO A 392 -14.19 -49.12 17.75
N PRO A 393 -14.78 -50.29 17.48
CA PRO A 393 -15.23 -51.15 18.57
C PRO A 393 -14.01 -51.55 19.43
N GLY A 394 -14.14 -51.58 20.75
CA GLY A 394 -13.05 -51.92 21.69
C GLY A 394 -12.00 -50.83 21.85
N THR A 395 -12.26 -49.59 21.42
CA THR A 395 -11.43 -48.42 21.75
C THR A 395 -11.23 -48.35 23.25
N ASP A 396 -10.03 -47.99 23.69
CA ASP A 396 -9.71 -47.87 25.14
C ASP A 396 -10.74 -47.00 25.84
N PRO A 397 -11.32 -47.37 27.01
CA PRO A 397 -12.31 -46.53 27.68
CA PRO A 397 -12.31 -46.52 27.67
C PRO A 397 -11.82 -45.09 28.02
N ALA A 398 -10.51 -44.91 28.30
CA ALA A 398 -9.94 -43.58 28.61
C ALA A 398 -10.05 -42.71 27.34
N VAL A 399 -9.73 -43.29 26.21
CA VAL A 399 -9.85 -42.56 24.90
C VAL A 399 -11.32 -42.21 24.65
N ILE A 400 -12.25 -43.12 24.91
CA ILE A 400 -13.70 -42.81 24.73
C ILE A 400 -14.04 -41.63 25.65
N ARG A 401 -13.59 -41.64 26.90
CA ARG A 401 -13.92 -40.54 27.84
C ARG A 401 -13.41 -39.19 27.32
N GLY A 402 -12.19 -39.15 26.77
CA GLY A 402 -11.67 -37.89 26.19
C GLY A 402 -12.54 -37.48 25.01
N TYR A 403 -12.94 -38.43 24.17
CA TYR A 403 -13.74 -38.10 22.99
C TYR A 403 -15.11 -37.58 23.47
N GLN A 404 -15.71 -38.21 24.47
CA GLN A 404 -17.00 -37.71 25.01
C GLN A 404 -16.85 -36.24 25.45
N ALA A 405 -15.77 -35.86 26.12
CA ALA A 405 -15.59 -34.49 26.60
C ALA A 405 -15.44 -33.57 25.38
N GLN A 406 -14.64 -33.97 24.39
CA GLN A 406 -14.48 -33.15 23.16
C GLN A 406 -15.86 -32.96 22.52
N ARG A 407 -16.59 -34.05 22.35
CA ARG A 407 -17.90 -34.00 21.69
C ARG A 407 -18.82 -33.04 22.44
N ASN A 408 -18.88 -33.09 23.77
CA ASN A 408 -19.74 -32.18 24.54
C ASN A 408 -19.31 -30.73 24.26
N ALA A 409 -18.01 -30.47 24.15
CA ALA A 409 -17.49 -29.11 23.84
C ALA A 409 -17.94 -28.71 22.44
N ILE A 410 -17.83 -29.62 21.48
CA ILE A 410 -18.18 -29.27 20.08
CA ILE A 410 -18.18 -29.33 20.07
C ILE A 410 -19.69 -29.08 19.94
N LEU A 411 -20.53 -29.88 20.64
CA LEU A 411 -21.99 -29.66 20.57
C LEU A 411 -22.33 -28.29 21.18
N LYS A 412 -21.63 -27.80 22.21
CA LYS A 412 -21.83 -26.43 22.68
C LYS A 412 -21.44 -25.47 21.55
N GLN A 413 -20.35 -25.75 20.82
CA GLN A 413 -19.94 -24.89 19.68
C GLN A 413 -21.01 -24.88 18.60
N PHE A 414 -21.64 -26.03 18.35
CA PHE A 414 -22.75 -26.11 17.37
C PHE A 414 -23.90 -25.15 17.77
N GLU A 415 -24.13 -24.94 19.06
CA GLU A 415 -25.24 -24.07 19.52
CA GLU A 415 -25.20 -24.09 19.61
C GLU A 415 -24.79 -22.60 19.55
N ASN A 416 -23.49 -22.34 19.42
CA ASN A 416 -22.88 -21.02 19.61
C ASN A 416 -22.95 -20.28 18.29
N PRO A 417 -23.64 -19.13 18.19
CA PRO A 417 -23.70 -18.40 16.93
C PRO A 417 -22.32 -17.84 16.53
N ASN A 418 -21.36 -17.82 17.43
CA ASN A 418 -20.05 -17.14 17.18
C ASN A 418 -18.88 -18.12 17.00
N VAL A 419 -19.14 -19.40 16.74
CA VAL A 419 -18.06 -20.36 16.43
C VAL A 419 -18.32 -20.95 15.04
N GLY A 420 -17.30 -20.94 14.21
CA GLY A 420 -17.38 -21.52 12.85
C GLY A 420 -17.35 -23.04 12.83
N VAL A 421 -18.07 -23.64 11.86
CA VAL A 421 -17.98 -25.10 11.58
C VAL A 421 -17.61 -25.35 10.13
N GLY A 422 -17.60 -24.34 9.28
CA GLY A 422 -17.31 -24.58 7.86
C GLY A 422 -16.92 -23.30 7.14
N THR A 423 -16.36 -23.44 5.95
CA THR A 423 -15.83 -22.33 5.14
CA THR A 423 -15.84 -22.32 5.14
C THR A 423 -16.39 -22.44 3.72
N VAL A 424 -16.54 -21.32 3.07
CA VAL A 424 -16.86 -21.27 1.62
C VAL A 424 -15.83 -20.32 0.98
N HIS A 425 -15.32 -20.69 -0.18
CA HIS A 425 -14.36 -19.87 -0.95
C HIS A 425 -14.70 -20.05 -2.42
N TRP A 426 -14.47 -19.03 -3.21
CA TRP A 426 -14.44 -19.20 -4.67
C TRP A 426 -13.17 -18.55 -5.23
N GLY A 427 -12.31 -19.29 -5.88
CA GLY A 427 -11.05 -18.74 -6.42
C GLY A 427 -11.22 -17.73 -7.55
N THR A 428 -12.42 -17.59 -8.11
CA THR A 428 -12.86 -16.74 -9.26
C THR A 428 -12.89 -17.53 -10.55
N GLY A 429 -12.50 -18.79 -10.52
CA GLY A 429 -12.47 -19.63 -11.73
C GLY A 429 -13.44 -20.80 -11.64
N SER A 430 -12.98 -21.95 -12.11
CA SER A 430 -13.86 -23.10 -12.43
C SER A 430 -14.22 -23.93 -11.19
N SER A 431 -13.78 -23.57 -9.99
CA SER A 431 -14.22 -24.36 -8.82
C SER A 431 -14.39 -23.47 -7.59
N ALA A 432 -15.25 -23.98 -6.72
CA ALA A 432 -15.47 -23.44 -5.37
C ALA A 432 -14.95 -24.46 -4.38
N LEU A 433 -14.69 -24.00 -3.15
CA LEU A 433 -14.15 -24.87 -2.09
C LEU A 433 -15.02 -24.73 -0.87
N VAL A 434 -15.38 -25.86 -0.28
CA VAL A 434 -16.18 -25.91 0.94
C VAL A 434 -15.40 -26.77 1.92
N TYR A 435 -14.98 -26.21 3.06
CA TYR A 435 -14.23 -26.96 4.08
C TYR A 435 -15.11 -27.25 5.29
N HIS A 436 -14.90 -28.45 5.82
CA HIS A 436 -15.54 -28.86 7.08
C HIS A 436 -14.53 -28.68 8.19
N LEU A 437 -14.74 -27.69 9.06
CA LEU A 437 -13.73 -27.34 10.08
C LEU A 437 -13.83 -28.15 11.35
N LYS A 438 -15.00 -28.70 11.67
CA LYS A 438 -15.27 -29.26 13.01
C LYS A 438 -15.83 -30.66 12.87
N PRO A 439 -15.10 -31.61 12.24
CA PRO A 439 -15.61 -32.98 12.18
C PRO A 439 -15.69 -33.59 13.58
N LEU A 440 -16.73 -34.38 13.78
CA LEU A 440 -16.86 -35.26 14.97
C LEU A 440 -16.17 -36.61 14.69
N SER A 441 -15.88 -36.98 13.45
CA SER A 441 -15.17 -38.24 13.17
C SER A 441 -13.75 -38.17 13.72
N ARG A 442 -13.18 -39.33 14.07
CA ARG A 442 -11.82 -39.44 14.60
C ARG A 442 -11.12 -40.61 13.96
N GLY A 443 -9.85 -40.38 13.58
CA GLY A 443 -9.03 -41.41 12.93
C GLY A 443 -7.88 -41.86 13.78
N THR A 444 -6.99 -42.59 13.12
CA THR A 444 -5.84 -43.27 13.77
C THR A 444 -4.58 -43.11 12.92
N VAL A 445 -3.43 -43.02 13.60
CA VAL A 445 -2.12 -43.17 12.95
C VAL A 445 -1.23 -44.08 13.80
N ASN A 446 -0.94 -45.28 13.27
CA ASN A 446 -0.22 -46.32 14.05
C ASN A 446 0.98 -46.80 13.24
N ILE A 447 2.10 -47.04 13.89
CA ILE A 447 3.22 -47.75 13.20
C ILE A 447 2.78 -49.17 12.84
N ARG A 448 3.39 -49.67 11.77
CA ARG A 448 3.10 -51.01 11.23
C ARG A 448 4.28 -51.95 11.50
N SER A 449 5.39 -51.40 11.99
CA SER A 449 6.69 -52.12 12.11
C SER A 449 7.62 -51.32 13.02
N THR A 450 8.74 -51.92 13.42
CA THR A 450 9.81 -51.25 14.17
C THR A 450 10.78 -50.58 13.19
N ASN A 451 10.58 -50.67 11.87
CA ASN A 451 11.46 -50.02 10.87
C ASN A 451 11.06 -48.55 10.83
N PRO A 452 11.96 -47.63 11.23
CA PRO A 452 11.67 -46.19 11.24
C PRO A 452 11.51 -45.59 9.84
N LEU A 453 11.89 -46.30 8.77
CA LEU A 453 11.62 -45.86 7.38
C LEU A 453 10.23 -46.26 6.89
N ASP A 454 9.50 -47.11 7.65
CA ASP A 454 8.19 -47.60 7.15
C ASP A 454 7.15 -46.52 7.48
N ALA A 455 6.33 -46.15 6.51
CA ALA A 455 5.16 -45.26 6.75
C ALA A 455 4.28 -45.92 7.80
N PRO A 456 3.61 -45.10 8.65
CA PRO A 456 2.59 -45.59 9.55
C PRO A 456 1.31 -45.88 8.75
N GLU A 457 0.38 -46.59 9.38
CA GLU A 457 -0.98 -46.78 8.87
C GLU A 457 -1.77 -45.52 9.22
N ILE A 458 -2.31 -44.88 8.21
CA ILE A 458 -3.06 -43.59 8.39
C ILE A 458 -4.51 -43.80 8.00
N ASP A 459 -5.39 -43.79 8.97
CA ASP A 459 -6.85 -43.99 8.74
C ASP A 459 -7.63 -42.76 9.19
N TYR A 460 -7.95 -41.87 8.28
CA TYR A 460 -8.62 -40.61 8.68
C TYR A 460 -9.99 -40.91 9.31
N ARG A 461 -10.71 -41.91 8.81
CA ARG A 461 -12.08 -42.28 9.28
C ARG A 461 -13.03 -41.11 8.99
N THR A 462 -12.76 -40.35 7.93
CA THR A 462 -13.62 -39.25 7.48
C THR A 462 -15.05 -39.77 7.30
N GLY A 463 -16.02 -39.02 7.78
CA GLY A 463 -17.43 -39.33 7.52
C GLY A 463 -17.89 -40.61 8.17
N THR A 464 -17.15 -41.14 9.14
CA THR A 464 -17.62 -42.32 9.89
C THR A 464 -18.70 -41.91 10.90
N ASP A 465 -18.58 -40.72 11.48
CA ASP A 465 -19.62 -40.16 12.35
C ASP A 465 -20.68 -39.56 11.43
N PRO A 466 -21.92 -40.10 11.42
CA PRO A 466 -22.93 -39.64 10.47
C PRO A 466 -23.36 -38.19 10.65
N ILE A 467 -23.07 -37.57 11.79
CA ILE A 467 -23.46 -36.16 12.02
C ILE A 467 -22.66 -35.33 11.02
N ASP A 468 -21.42 -35.72 10.72
CA ASP A 468 -20.55 -34.92 9.81
C ASP A 468 -21.23 -34.69 8.46
N ALA A 469 -21.89 -35.69 7.89
CA ALA A 469 -22.58 -35.55 6.59
C ALA A 469 -23.66 -34.48 6.71
N GLN A 470 -24.39 -34.42 7.82
CA GLN A 470 -25.49 -33.42 7.98
C GLN A 470 -24.91 -32.00 7.99
N VAL A 471 -23.80 -31.81 8.72
CA VAL A 471 -23.10 -30.51 8.78
C VAL A 471 -22.60 -30.18 7.37
N TYR A 472 -21.95 -31.12 6.72
CA TYR A 472 -21.29 -30.83 5.43
C TYR A 472 -22.34 -30.53 4.38
N THR A 473 -23.47 -31.26 4.38
CA THR A 473 -24.55 -31.02 3.40
C THR A 473 -25.08 -29.60 3.61
N SER A 474 -25.22 -29.14 4.85
CA SER A 474 -25.68 -27.76 5.12
CA SER A 474 -25.71 -27.75 5.07
C SER A 474 -24.68 -26.75 4.51
N LEU A 475 -23.39 -27.02 4.65
CA LEU A 475 -22.35 -26.10 4.10
C LEU A 475 -22.51 -26.06 2.57
N PHE A 476 -22.65 -27.22 1.96
CA PHE A 476 -22.84 -27.31 0.49
C PHE A 476 -24.03 -26.43 0.09
N ARG A 477 -25.17 -26.58 0.76
CA ARG A 477 -26.38 -25.78 0.45
C ARG A 477 -26.12 -24.28 0.59
N LYS A 478 -25.36 -23.83 1.59
CA LYS A 478 -25.06 -22.39 1.71
C LYS A 478 -24.20 -21.94 0.53
N ASN A 479 -23.24 -22.73 0.11
CA ASN A 479 -22.42 -22.40 -1.08
C ASN A 479 -23.37 -22.22 -2.29
N ARG A 480 -24.32 -23.13 -2.46
CA ARG A 480 -25.28 -23.05 -3.58
C ARG A 480 -26.04 -21.74 -3.51
N GLU A 481 -26.42 -21.27 -2.31
CA GLU A 481 -27.17 -20.01 -2.15
C GLU A 481 -26.30 -18.87 -2.71
N ILE A 482 -25.01 -18.88 -2.41
CA ILE A 482 -24.09 -17.76 -2.86
C ILE A 482 -24.15 -17.73 -4.39
N PHE A 483 -23.92 -18.86 -5.03
CA PHE A 483 -23.86 -18.92 -6.52
C PHE A 483 -25.21 -18.62 -7.18
N ASN A 484 -26.31 -18.71 -6.47
CA ASN A 484 -27.66 -18.40 -7.03
CA ASN A 484 -27.68 -18.41 -6.99
C ASN A 484 -28.10 -16.98 -6.65
N ALA A 485 -27.29 -16.24 -5.87
CA ALA A 485 -27.63 -14.86 -5.47
C ALA A 485 -27.48 -13.95 -6.69
N PRO A 486 -28.19 -12.81 -6.72
CA PRO A 486 -28.16 -11.90 -7.86
C PRO A 486 -26.76 -11.51 -8.39
N SER A 487 -25.85 -11.13 -7.49
CA SER A 487 -24.48 -10.66 -7.82
CA SER A 487 -24.53 -10.63 -7.96
C SER A 487 -23.67 -11.77 -8.51
N MET A 488 -24.00 -13.06 -8.27
CA MET A 488 -23.26 -14.17 -8.94
C MET A 488 -24.03 -14.62 -10.19
N ARG A 489 -25.36 -14.58 -10.16
CA ARG A 489 -26.18 -15.01 -11.35
C ARG A 489 -25.77 -14.21 -12.59
N VAL A 490 -25.35 -12.96 -12.45
CA VAL A 490 -24.88 -12.13 -13.61
C VAL A 490 -23.70 -12.79 -14.33
N LEU A 491 -22.90 -13.65 -13.68
CA LEU A 491 -21.75 -14.32 -14.33
C LEU A 491 -22.20 -15.63 -15.01
N GLY A 492 -23.45 -16.03 -14.81
CA GLY A 492 -24.03 -17.24 -15.45
C GLY A 492 -23.40 -18.55 -14.99
N PRO A 493 -23.22 -18.76 -13.67
CA PRO A 493 -22.66 -20.01 -13.17
C PRO A 493 -23.67 -21.16 -13.24
N SER A 494 -23.14 -22.37 -13.41
CA SER A 494 -23.90 -23.59 -13.08
CA SER A 494 -23.86 -23.66 -13.28
C SER A 494 -22.93 -24.66 -12.60
N GLU A 495 -23.39 -25.38 -11.59
CA GLU A 495 -22.63 -26.53 -11.08
C GLU A 495 -22.37 -27.48 -12.26
N ALA A 496 -21.14 -27.95 -12.39
CA ALA A 496 -20.72 -28.92 -13.39
C ALA A 496 -20.81 -30.32 -12.77
N ALA A 497 -20.87 -31.31 -13.63
CA ALA A 497 -20.84 -32.73 -13.23
C ALA A 497 -19.62 -32.98 -12.36
N PRO A 498 -19.70 -33.84 -11.33
CA PRO A 498 -20.89 -34.64 -11.00
C PRO A 498 -21.92 -33.98 -10.08
N PHE A 499 -21.80 -32.68 -9.83
CA PHE A 499 -22.87 -31.90 -9.16
C PHE A 499 -23.83 -31.37 -10.22
N GLY A 500 -24.69 -30.44 -9.86
CA GLY A 500 -25.79 -30.02 -10.75
C GLY A 500 -27.04 -29.60 -10.01
N ALA A 501 -27.74 -28.62 -10.55
CA ALA A 501 -28.99 -28.08 -10.00
C ALA A 501 -30.06 -29.17 -9.81
N ASN A 502 -29.99 -30.26 -10.57
CA ASN A 502 -31.00 -31.35 -10.46
C ASN A 502 -30.73 -32.22 -9.23
N LEU A 503 -29.60 -32.06 -8.53
CA LEU A 503 -29.37 -32.73 -7.23
CA LEU A 503 -29.34 -32.72 -7.23
C LEU A 503 -29.96 -31.83 -6.15
N THR A 504 -31.17 -32.17 -5.67
CA THR A 504 -31.93 -31.26 -4.77
C THR A 504 -32.09 -31.85 -3.36
N THR A 505 -32.08 -33.16 -3.21
CA THR A 505 -32.24 -33.76 -1.86
C THR A 505 -30.90 -33.89 -1.15
N ASP A 506 -30.94 -33.98 0.18
CA ASP A 506 -29.72 -34.28 0.97
C ASP A 506 -29.07 -35.55 0.47
N GLU A 507 -29.88 -36.54 0.17
N GLU A 507 -29.83 -36.60 0.19
CA GLU A 507 -29.40 -37.88 -0.24
CA GLU A 507 -29.23 -37.90 -0.20
C GLU A 507 -28.61 -37.75 -1.55
C GLU A 507 -28.57 -37.77 -1.58
N GLU A 508 -29.18 -37.02 -2.51
CA GLU A 508 -28.61 -36.89 -3.87
C GLU A 508 -27.28 -36.13 -3.77
N ILE A 509 -27.28 -35.08 -2.97
CA ILE A 509 -26.09 -34.19 -2.86
C ILE A 509 -25.00 -34.98 -2.13
N TYR A 510 -25.34 -35.61 -0.99
CA TYR A 510 -24.28 -36.26 -0.20
C TYR A 510 -23.71 -37.50 -0.91
N ALA A 511 -24.50 -38.20 -1.73
CA ALA A 511 -23.92 -39.37 -2.45
C ALA A 511 -22.76 -38.89 -3.35
N VAL A 512 -22.88 -37.71 -3.95
CA VAL A 512 -21.75 -37.17 -4.78
C VAL A 512 -20.63 -36.70 -3.87
N MET A 513 -20.98 -36.04 -2.77
CA MET A 513 -19.92 -35.58 -1.83
C MET A 513 -19.11 -36.74 -1.31
N ARG A 514 -19.75 -37.86 -1.00
CA ARG A 514 -19.05 -39.04 -0.46
C ARG A 514 -17.95 -39.47 -1.44
N GLU A 515 -18.18 -39.30 -2.75
CA GLU A 515 -17.22 -39.73 -3.79
C GLU A 515 -16.10 -38.68 -3.99
N LEU A 516 -16.33 -37.42 -3.61
CA LEU A 516 -15.39 -36.31 -3.94
CA LEU A 516 -15.40 -36.29 -3.94
C LEU A 516 -14.68 -35.72 -2.71
N ILE A 517 -15.27 -35.80 -1.53
CA ILE A 517 -14.61 -35.22 -0.31
C ILE A 517 -13.18 -35.74 -0.21
N ASN A 518 -12.23 -34.83 0.04
CA ASN A 518 -10.86 -35.20 0.43
C ASN A 518 -10.86 -35.23 1.95
N PRO A 519 -10.41 -36.31 2.59
CA PRO A 519 -10.27 -36.31 4.05
C PRO A 519 -9.46 -35.20 4.67
N SER A 520 -8.58 -34.57 3.88
CA SER A 520 -7.46 -33.80 4.45
C SER A 520 -7.20 -32.55 3.64
N ASN A 521 -6.90 -31.48 4.35
CA ASN A 521 -6.26 -30.26 3.80
CA ASN A 521 -6.23 -30.29 3.76
C ASN A 521 -4.82 -30.15 4.35
N ALA A 522 -4.22 -31.25 4.76
CA ALA A 522 -2.89 -31.36 5.38
C ALA A 522 -2.91 -30.60 6.73
N HIS A 523 -4.08 -30.65 7.40
CA HIS A 523 -4.21 -30.04 8.74
C HIS A 523 -4.21 -31.13 9.83
N GLN A 524 -3.43 -32.19 9.68
CA GLN A 524 -3.46 -33.33 10.61
C GLN A 524 -3.10 -32.84 12.01
N CYS A 525 -3.89 -33.26 13.01
CA CYS A 525 -3.66 -32.83 14.41
C CYS A 525 -4.05 -33.94 15.37
N CYS A 526 -3.71 -33.70 16.63
CA CYS A 526 -4.48 -34.15 17.81
C CYS A 526 -4.22 -35.63 18.16
N THR A 527 -3.12 -36.16 17.65
CA THR A 527 -2.69 -37.58 17.78
C THR A 527 -1.81 -37.78 19.03
N ALA A 528 -1.52 -36.75 19.79
CA ALA A 528 -0.81 -36.84 21.10
C ALA A 528 -1.46 -35.83 22.01
N ALA A 529 -2.77 -36.01 22.21
CA ALA A 529 -3.64 -34.93 22.70
C ALA A 529 -3.29 -34.48 24.12
N MET A 530 -3.42 -33.19 24.34
CA MET A 530 -3.33 -32.55 25.65
C MET A 530 -4.71 -32.66 26.35
N MET A 531 -4.89 -33.77 27.05
CA MET A 531 -6.03 -34.00 27.95
CA MET A 531 -6.07 -34.15 27.87
C MET A 531 -5.52 -34.81 29.13
N PRO A 532 -6.27 -34.79 30.25
CA PRO A 532 -5.96 -35.68 31.38
C PRO A 532 -5.68 -37.11 30.89
N LYS A 533 -4.72 -37.80 31.53
CA LYS A 533 -4.36 -39.19 31.16
C LYS A 533 -5.61 -40.07 31.25
N ASP A 534 -6.52 -39.82 32.20
CA ASP A 534 -7.70 -40.72 32.38
C ASP A 534 -8.80 -40.39 31.37
N MET A 535 -8.54 -39.39 30.52
CA MET A 535 -9.35 -39.06 29.34
C MET A 535 -8.60 -39.38 28.06
N GLY A 536 -7.61 -40.26 28.11
CA GLY A 536 -6.91 -40.72 26.90
C GLY A 536 -5.90 -39.69 26.41
N GLY A 537 -5.52 -38.75 27.26
CA GLY A 537 -4.52 -37.76 26.91
C GLY A 537 -3.14 -38.38 26.84
N VAL A 538 -2.25 -37.76 26.10
CA VAL A 538 -0.81 -38.14 25.96
C VAL A 538 0.05 -37.11 26.69
N VAL A 539 -0.37 -35.85 26.76
CA VAL A 539 0.42 -34.79 27.42
C VAL A 539 -0.42 -34.01 28.39
N SER A 540 0.27 -33.53 29.44
CA SER A 540 -0.25 -32.64 30.48
C SER A 540 -0.51 -31.23 29.94
N SER A 541 -1.02 -30.32 30.77
CA SER A 541 -1.30 -28.92 30.38
C SER A 541 0.04 -28.19 30.12
N GLU A 542 1.16 -28.73 30.61
N GLU A 542 1.15 -28.77 30.58
CA GLU A 542 2.55 -28.22 30.34
CA GLU A 542 2.53 -28.26 30.35
C GLU A 542 3.15 -28.96 29.13
C GLU A 542 3.16 -28.98 29.14
N GLN A 543 2.36 -29.78 28.43
CA GLN A 543 2.75 -30.52 27.20
C GLN A 543 3.81 -31.58 27.49
N LYS A 544 3.90 -32.05 28.75
CA LYS A 544 4.80 -33.16 29.11
C LYS A 544 4.13 -34.52 28.90
N VAL A 545 4.85 -35.43 28.27
CA VAL A 545 4.32 -36.79 27.97
C VAL A 545 4.17 -37.54 29.31
N TYR A 546 2.99 -38.10 29.53
CA TYR A 546 2.70 -38.80 30.81
C TYR A 546 3.66 -39.98 30.97
N GLY A 547 4.11 -40.19 32.21
CA GLY A 547 4.85 -41.42 32.55
C GLY A 547 6.35 -41.31 32.29
N VAL A 548 6.81 -40.20 31.70
CA VAL A 548 8.26 -39.96 31.44
C VAL A 548 8.59 -38.51 31.77
N GLN A 549 9.86 -38.25 32.07
CA GLN A 549 10.37 -36.90 32.40
C GLN A 549 11.23 -36.42 31.24
N GLY A 550 11.29 -35.10 31.08
CA GLY A 550 12.16 -34.44 30.10
C GLY A 550 11.65 -34.50 28.64
N LEU A 551 10.36 -34.83 28.41
CA LEU A 551 9.82 -35.08 27.06
C LEU A 551 8.51 -34.30 26.88
N ARG A 552 8.49 -33.40 25.88
CA ARG A 552 7.26 -32.64 25.56
C ARG A 552 6.89 -32.80 24.09
N VAL A 553 5.65 -32.49 23.80
CA VAL A 553 5.15 -32.42 22.40
C VAL A 553 4.81 -30.97 22.10
N ALA A 554 5.43 -30.39 21.05
CA ALA A 554 5.27 -28.96 20.69
C ALA A 554 4.34 -28.79 19.47
N ASP A 555 4.32 -29.75 18.59
CA ASP A 555 3.58 -29.64 17.31
C ASP A 555 2.09 -29.95 17.57
N ILE A 556 1.26 -29.72 16.56
CA ILE A 556 -0.22 -29.69 16.78
C ILE A 556 -0.79 -31.10 16.98
N SER A 557 0.04 -32.13 17.04
CA SER A 557 -0.31 -33.41 17.72
CA SER A 557 -0.41 -33.41 17.65
C SER A 557 -0.95 -33.16 19.06
N PHE A 558 -0.54 -32.10 19.79
CA PHE A 558 -1.05 -31.95 21.17
C PHE A 558 -2.47 -31.37 21.21
N TRP A 559 -3.01 -30.80 20.12
CA TRP A 559 -4.33 -30.13 20.19
C TRP A 559 -5.41 -31.17 20.55
N PRO A 560 -6.36 -30.85 21.42
CA PRO A 560 -7.51 -31.74 21.63
C PRO A 560 -8.36 -31.91 20.37
N PHE A 561 -8.66 -30.81 19.68
CA PHE A 561 -9.51 -30.86 18.47
C PHE A 561 -9.28 -29.61 17.62
N GLN A 562 -9.76 -29.70 16.39
CA GLN A 562 -9.62 -28.68 15.35
C GLN A 562 -10.28 -27.35 15.70
N LEU A 563 -9.67 -26.29 15.17
CA LEU A 563 -10.15 -24.91 15.34
C LEU A 563 -11.25 -24.52 14.35
N SER A 564 -11.95 -23.45 14.63
CA SER A 564 -12.68 -22.65 13.63
C SER A 564 -11.61 -21.79 12.93
N GLY A 565 -10.87 -22.40 12.02
CA GLY A 565 -9.70 -21.77 11.41
C GLY A 565 -8.74 -22.83 10.94
N SER A 566 -7.76 -22.43 10.16
CA SER A 566 -6.67 -23.33 9.74
CA SER A 566 -6.68 -23.34 9.74
C SER A 566 -5.57 -23.26 10.78
N PRO A 567 -4.71 -24.30 10.88
CA PRO A 567 -3.84 -24.39 12.06
C PRO A 567 -2.64 -23.43 12.16
N MET A 568 -2.15 -22.88 11.06
CA MET A 568 -0.78 -22.25 11.10
C MET A 568 -0.63 -21.17 12.16
N ALA A 569 -1.49 -20.18 12.25
CA ALA A 569 -1.26 -19.07 13.21
C ALA A 569 -1.14 -19.64 14.60
N THR A 570 -1.97 -20.62 14.95
CA THR A 570 -1.97 -21.21 16.30
C THR A 570 -0.74 -22.11 16.46
N ALA A 571 -0.29 -22.79 15.43
CA ALA A 571 0.96 -23.57 15.50
C ALA A 571 2.11 -22.63 15.93
N TYR A 572 2.20 -21.42 15.37
CA TYR A 572 3.25 -20.46 15.78
C TYR A 572 2.99 -20.02 17.24
N ALA A 573 1.77 -19.54 17.55
CA ALA A 573 1.49 -18.94 18.86
C ALA A 573 1.68 -19.98 19.96
N GLY A 574 1.29 -21.22 19.69
CA GLY A 574 1.37 -22.25 20.74
C GLY A 574 2.81 -22.61 21.02
N ALA A 575 3.68 -22.49 20.05
CA ALA A 575 5.14 -22.73 20.23
C ALA A 575 5.73 -21.52 20.95
N GLU A 576 5.27 -20.31 20.65
CA GLU A 576 5.66 -19.11 21.40
C GLU A 576 5.32 -19.33 22.88
N ARG A 577 4.13 -19.86 23.15
CA ARG A 577 3.71 -20.02 24.56
C ARG A 577 4.58 -21.12 25.17
N LEU A 578 4.83 -22.22 24.49
CA LEU A 578 5.56 -23.36 25.10
C LEU A 578 6.99 -22.88 25.41
N ALA A 579 7.57 -22.02 24.59
CA ALA A 579 8.92 -21.50 24.86
C ALA A 579 8.94 -20.86 26.24
N ASP A 580 7.95 -20.04 26.56
CA ASP A 580 7.89 -19.33 27.86
C ASP A 580 7.68 -20.36 28.97
N VAL A 581 6.86 -21.40 28.76
CA VAL A 581 6.58 -22.45 29.78
C VAL A 581 7.91 -23.13 30.12
N ILE A 582 8.66 -23.53 29.11
CA ILE A 582 9.99 -24.20 29.28
C ILE A 582 10.97 -23.26 29.97
N LYS A 583 11.11 -22.03 29.50
CA LYS A 583 12.05 -21.06 30.11
C LYS A 583 11.71 -20.87 31.58
N LYS A 584 10.43 -20.79 31.92
CA LYS A 584 10.05 -20.56 33.35
C LYS A 584 10.47 -21.75 34.20
N GLU A 585 10.29 -22.97 33.72
CA GLU A 585 10.56 -24.16 34.54
C GLU A 585 12.05 -24.23 34.83
N HIS A 586 12.89 -23.97 33.84
N HIS A 586 12.90 -23.94 33.83
CA HIS A 586 14.35 -24.13 34.00
CA HIS A 586 14.39 -24.10 33.91
C HIS A 586 14.93 -22.91 34.72
C HIS A 586 15.11 -22.77 34.18
N ARG A 587 14.38 -21.70 34.48
CA ARG A 587 14.90 -20.33 34.79
CA ARG A 587 14.99 -20.39 34.85
C ARG A 587 15.91 -19.89 33.71
N LEU A 588 15.48 -19.91 32.44
CA LEU A 588 16.31 -19.49 31.27
C LEU A 588 16.17 -17.98 31.02
N SER B 4 -24.46 44.26 2.69
CA SER B 4 -23.70 42.97 2.52
C SER B 4 -22.29 43.10 3.13
N ASN B 5 -22.06 42.47 4.30
CA ASN B 5 -20.84 42.60 5.17
C ASN B 5 -20.33 41.22 5.62
N TYR B 6 -19.03 41.04 5.51
CA TYR B 6 -18.26 39.85 5.90
C TYR B 6 -17.08 40.31 6.76
N THR B 7 -16.45 39.42 7.50
CA THR B 7 -15.21 39.79 8.24
C THR B 7 -14.07 39.95 7.23
N PHE B 8 -13.95 39.02 6.25
CA PHE B 8 -12.95 39.08 5.17
C PHE B 8 -13.61 38.77 3.83
N ILE B 9 -13.12 39.40 2.77
CA ILE B 9 -13.45 39.05 1.37
C ILE B 9 -12.15 38.64 0.71
N ILE B 10 -12.16 37.48 0.08
CA ILE B 10 -10.97 36.98 -0.65
C ILE B 10 -11.30 36.93 -2.14
N ALA B 11 -10.47 37.58 -2.95
CA ALA B 11 -10.63 37.67 -4.40
C ALA B 11 -9.83 36.50 -4.99
N GLY B 12 -10.52 35.46 -5.46
CA GLY B 12 -9.87 34.25 -6.02
C GLY B 12 -9.97 33.07 -5.09
N GLY B 13 -10.56 31.99 -5.58
CA GLY B 13 -10.73 30.75 -4.83
C GLY B 13 -9.79 29.68 -5.36
N GLY B 14 -8.53 30.01 -5.49
CA GLY B 14 -7.48 29.03 -5.87
C GLY B 14 -6.82 28.46 -4.67
N ILE B 15 -5.60 27.95 -4.87
CA ILE B 15 -4.90 27.29 -3.74
C ILE B 15 -4.81 28.22 -2.53
N SER B 16 -4.32 29.43 -2.75
CA SER B 16 -4.04 30.38 -1.63
C SER B 16 -5.38 30.84 -1.01
N GLY B 17 -6.33 31.21 -1.84
CA GLY B 17 -7.60 31.78 -1.36
C GLY B 17 -8.38 30.76 -0.54
N LEU B 18 -8.50 29.51 -1.02
CA LEU B 18 -9.29 28.51 -0.23
C LEU B 18 -8.54 28.11 1.04
N THR B 19 -7.20 27.96 0.99
CA THR B 19 -6.45 27.59 2.22
C THR B 19 -6.70 28.65 3.27
N LEU B 20 -6.61 29.91 2.90
CA LEU B 20 -6.79 31.01 3.87
C LEU B 20 -8.25 31.02 4.37
N ALA B 21 -9.21 30.89 3.47
CA ALA B 21 -10.65 30.92 3.86
C ALA B 21 -10.95 29.83 4.86
N ASP B 22 -10.50 28.62 4.60
CA ASP B 22 -10.64 27.46 5.50
C ASP B 22 -10.14 27.89 6.88
N ARG B 23 -8.89 28.33 6.95
CA ARG B 23 -8.28 28.57 8.28
C ARG B 23 -9.01 29.71 9.02
N LEU B 24 -9.39 30.76 8.33
CA LEU B 24 -10.02 31.96 8.98
C LEU B 24 -11.40 31.54 9.52
N THR B 25 -12.12 30.67 8.82
CA THR B 25 -13.49 30.25 9.26
C THR B 25 -13.44 29.17 10.36
N GLU B 26 -12.27 28.75 10.85
CA GLU B 26 -12.16 27.90 12.06
C GLU B 26 -12.73 28.67 13.26
N ASP B 27 -12.67 29.99 13.24
CA ASP B 27 -13.28 30.89 14.25
C ASP B 27 -14.71 31.16 13.83
N PRO B 28 -15.74 30.63 14.53
CA PRO B 28 -17.12 30.81 14.06
C PRO B 28 -17.59 32.27 14.06
N ARG B 29 -16.84 33.17 14.73
CA ARG B 29 -17.17 34.61 14.72
C ARG B 29 -16.69 35.29 13.45
N VAL B 30 -15.93 34.57 12.60
CA VAL B 30 -15.31 35.17 11.39
C VAL B 30 -16.06 34.64 10.18
N THR B 31 -16.61 35.51 9.39
CA THR B 31 -17.27 35.16 8.12
C THR B 31 -16.33 35.56 6.97
N VAL B 32 -16.31 34.75 5.94
CA VAL B 32 -15.44 34.97 4.77
C VAL B 32 -16.30 34.78 3.54
N LEU B 33 -16.17 35.67 2.58
CA LEU B 33 -16.67 35.45 1.22
C LEU B 33 -15.47 35.25 0.30
N VAL B 34 -15.45 34.11 -0.41
CA VAL B 34 -14.48 33.91 -1.51
C VAL B 34 -15.20 34.13 -2.82
N ILE B 35 -14.73 35.04 -3.66
CA ILE B 35 -15.29 35.30 -5.00
C ILE B 35 -14.33 34.70 -6.01
N GLU B 36 -14.81 33.74 -6.80
CA GLU B 36 -13.96 32.94 -7.71
C GLU B 36 -14.48 33.07 -9.15
N ALA B 37 -13.60 33.42 -10.06
CA ALA B 37 -13.88 33.66 -11.49
C ALA B 37 -14.54 32.44 -12.17
N GLY B 38 -14.07 31.23 -11.85
CA GLY B 38 -14.50 29.99 -12.47
C GLY B 38 -15.65 29.33 -11.73
N PRO B 39 -16.18 28.24 -12.31
CA PRO B 39 -17.20 27.42 -11.66
C PRO B 39 -16.60 26.37 -10.71
N LEU B 40 -17.46 25.69 -10.00
CA LEU B 40 -17.11 24.42 -9.34
C LEU B 40 -16.87 23.38 -10.42
N ASP B 41 -15.81 22.59 -10.28
CA ASP B 41 -15.65 21.39 -11.11
C ASP B 41 -16.80 20.42 -10.79
N ARG B 42 -17.06 19.50 -11.71
CA ARG B 42 -18.18 18.54 -11.60
C ARG B 42 -17.68 17.16 -11.17
N GLY B 43 -16.45 17.05 -10.66
CA GLY B 43 -15.91 15.73 -10.27
C GLY B 43 -15.71 14.83 -11.49
N GLU B 44 -15.47 15.40 -12.65
CA GLU B 44 -15.15 14.75 -13.96
CA GLU B 44 -15.31 14.55 -13.85
C GLU B 44 -13.97 13.79 -13.77
N ASP B 45 -13.90 12.70 -14.51
CA ASP B 45 -12.71 11.81 -14.46
C ASP B 45 -11.47 12.60 -14.88
N GLY B 46 -11.59 13.54 -15.82
CA GLY B 46 -10.44 14.34 -16.27
C GLY B 46 -9.85 15.22 -15.16
N ILE B 47 -10.60 15.40 -14.09
CA ILE B 47 -10.10 16.13 -12.89
C ILE B 47 -9.66 15.08 -11.88
N LEU B 48 -10.50 14.13 -11.52
CA LEU B 48 -10.20 13.32 -10.32
C LEU B 48 -9.21 12.21 -10.60
N VAL B 49 -9.20 11.61 -11.79
CA VAL B 49 -8.41 10.39 -12.06
C VAL B 49 -7.07 10.77 -12.73
N PRO B 50 -5.92 10.47 -12.12
CA PRO B 50 -4.64 10.89 -12.69
C PRO B 50 -4.47 10.49 -14.17
N GLY B 51 -4.78 9.24 -14.50
CA GLY B 51 -4.60 8.73 -15.86
C GLY B 51 -5.48 9.42 -16.87
N ALA B 52 -6.60 10.02 -16.45
CA ALA B 52 -7.57 10.67 -17.34
C ALA B 52 -7.29 12.17 -17.46
N PHE B 53 -6.18 12.63 -16.89
CA PHE B 53 -5.83 14.08 -16.79
C PHE B 53 -6.22 14.89 -18.04
N SER B 54 -7.08 15.88 -17.83
CA SER B 54 -7.66 16.77 -18.88
C SER B 54 -7.64 18.22 -18.42
N PRO B 55 -6.47 18.87 -18.32
CA PRO B 55 -6.37 20.20 -17.68
C PRO B 55 -7.19 21.26 -18.43
N TRP B 56 -7.43 21.05 -19.74
CA TRP B 56 -8.04 22.04 -20.68
C TRP B 56 -9.49 22.27 -20.29
N LEU B 57 -10.06 21.40 -19.46
CA LEU B 57 -11.44 21.59 -18.97
C LEU B 57 -11.63 23.00 -18.37
N TYR B 58 -10.63 23.63 -17.75
CA TYR B 58 -10.88 24.83 -16.90
C TYR B 58 -9.75 25.89 -17.10
N PHE B 59 -9.19 25.97 -18.29
CA PHE B 59 -8.21 27.02 -18.64
C PHE B 59 -8.95 28.35 -18.78
N TRP B 60 -8.37 29.40 -18.26
CA TRP B 60 -8.87 30.78 -18.45
C TRP B 60 -8.90 31.07 -19.95
N PRO B 61 -10.05 31.50 -20.54
CA PRO B 61 -10.10 31.68 -21.99
C PRO B 61 -9.55 33.04 -22.48
N GLY B 62 -9.03 33.06 -23.69
CA GLY B 62 -8.75 34.32 -24.39
C GLY B 62 -7.54 35.06 -23.87
N LEU B 63 -6.58 34.33 -23.27
CA LEU B 63 -5.27 34.93 -22.91
C LEU B 63 -4.19 34.49 -23.89
N VAL B 64 -3.52 35.47 -24.48
CA VAL B 64 -2.43 35.27 -25.48
CA VAL B 64 -2.40 35.24 -25.45
C VAL B 64 -1.28 36.19 -25.07
N SER B 65 -0.05 35.75 -25.28
CA SER B 65 1.12 36.58 -25.00
C SER B 65 1.26 37.62 -26.11
N THR B 66 2.06 38.62 -25.81
CA THR B 66 2.71 39.47 -26.84
C THR B 66 3.68 38.59 -27.62
N PRO B 67 4.14 39.04 -28.80
CA PRO B 67 5.23 38.36 -29.49
C PRO B 67 6.47 38.31 -28.57
N GLN B 68 7.10 37.15 -28.45
CA GLN B 68 8.20 36.91 -27.49
C GLN B 68 9.55 37.19 -28.17
N ALA B 69 10.15 38.31 -27.83
CA ALA B 69 11.38 38.84 -28.48
C ALA B 69 12.49 37.81 -28.36
N GLY B 70 12.56 37.05 -27.25
CA GLY B 70 13.62 36.07 -27.03
C GLY B 70 13.32 34.72 -27.66
N LEU B 71 12.14 34.52 -28.28
CA LEU B 71 11.70 33.22 -28.81
C LEU B 71 11.22 33.45 -30.25
N ASN B 72 12.00 34.18 -31.04
CA ASN B 72 11.67 34.41 -32.47
C ASN B 72 10.30 35.09 -32.64
N ASN B 73 9.88 35.93 -31.71
CA ASN B 73 8.61 36.68 -31.78
C ASN B 73 7.41 35.75 -31.87
N ARG B 74 7.54 34.52 -31.37
CA ARG B 74 6.37 33.63 -31.23
C ARG B 74 5.35 34.26 -30.29
N THR B 75 4.07 34.11 -30.59
CA THR B 75 2.97 34.36 -29.63
CA THR B 75 2.93 34.37 -29.69
C THR B 75 2.47 33.01 -29.14
N VAL B 76 2.22 32.91 -27.82
CA VAL B 76 1.77 31.64 -27.21
C VAL B 76 0.43 31.86 -26.51
N ASP B 77 -0.41 30.84 -26.48
CA ASP B 77 -1.63 30.86 -25.62
C ASP B 77 -1.14 30.79 -24.18
N VAL B 78 -1.73 31.62 -23.36
CA VAL B 78 -1.42 31.71 -21.92
C VAL B 78 -2.32 30.73 -21.18
N ILE B 79 -1.70 29.92 -20.33
CA ILE B 79 -2.43 28.88 -19.57
C ILE B 79 -2.46 29.26 -18.10
N THR B 80 -3.68 29.39 -17.55
CA THR B 80 -3.82 29.54 -16.09
C THR B 80 -5.22 29.05 -15.72
N ALA B 81 -5.45 28.71 -14.46
CA ALA B 81 -6.74 28.10 -14.05
C ALA B 81 -7.83 29.17 -14.00
N GLN B 82 -9.06 28.74 -14.27
CA GLN B 82 -10.29 29.50 -13.98
C GLN B 82 -11.33 28.52 -13.43
N VAL B 83 -11.22 28.22 -12.13
CA VAL B 83 -12.05 27.18 -11.48
C VAL B 83 -11.86 27.26 -9.99
N VAL B 84 -12.89 26.89 -9.22
CA VAL B 84 -12.71 26.74 -7.77
C VAL B 84 -11.58 25.73 -7.56
N GLY B 85 -10.61 26.10 -6.74
CA GLY B 85 -9.44 25.26 -6.50
C GLY B 85 -8.24 25.76 -7.32
N GLY B 86 -8.46 26.67 -8.26
CA GLY B 86 -7.39 27.25 -9.11
C GLY B 86 -6.48 26.20 -9.72
N GLY B 87 -5.17 26.46 -9.69
CA GLY B 87 -4.24 25.53 -10.35
C GLY B 87 -4.29 24.14 -9.78
N SER B 88 -4.61 23.96 -8.50
CA SER B 88 -4.66 22.60 -7.93
C SER B 88 -5.70 21.75 -8.63
N THR B 89 -6.74 22.33 -9.19
CA THR B 89 -7.84 21.57 -9.84
C THR B 89 -7.36 20.96 -11.16
N ILE B 90 -6.43 21.59 -11.83
CA ILE B 90 -6.09 21.19 -13.22
C ILE B 90 -4.58 21.06 -13.41
N ASN B 91 -3.77 21.02 -12.34
CA ASN B 91 -2.31 20.89 -12.52
C ASN B 91 -1.92 19.41 -12.58
N ALA B 92 -0.64 19.15 -12.86
CA ALA B 92 -0.15 17.77 -12.97
C ALA B 92 0.10 17.12 -11.60
N MET B 93 -0.29 17.77 -10.49
CA MET B 93 -0.31 17.14 -9.13
CA MET B 93 -0.31 17.21 -9.11
C MET B 93 1.11 17.00 -8.56
N VAL B 94 2.12 17.54 -9.21
CA VAL B 94 3.54 17.46 -8.75
C VAL B 94 3.65 18.29 -7.48
N TYR B 95 4.01 17.68 -6.38
CA TYR B 95 3.95 18.29 -5.01
C TYR B 95 5.34 18.27 -4.44
N LEU B 96 6.04 19.42 -4.54
CA LEU B 96 7.45 19.56 -4.13
C LEU B 96 7.68 20.91 -3.47
N ARG B 97 8.40 20.87 -2.35
CA ARG B 97 8.87 22.12 -1.76
C ARG B 97 10.07 22.66 -2.54
N GLY B 98 10.38 23.92 -2.35
CA GLY B 98 11.64 24.54 -2.82
C GLY B 98 12.85 24.06 -2.01
N ASP B 99 14.02 24.63 -2.29
CA ASP B 99 15.26 24.34 -1.56
C ASP B 99 15.40 25.37 -0.44
N LYS B 100 16.16 25.03 0.59
CA LYS B 100 16.24 25.88 1.81
C LYS B 100 16.57 27.30 1.39
N ASP B 101 17.56 27.47 0.50
CA ASP B 101 18.04 28.84 0.20
C ASP B 101 16.99 29.67 -0.55
N ASP B 102 16.00 29.07 -1.20
CA ASP B 102 14.89 29.84 -1.79
C ASP B 102 14.30 30.75 -0.71
N TYR B 103 13.82 30.15 0.37
CA TYR B 103 13.12 30.92 1.43
C TYR B 103 14.12 31.76 2.20
N ASP B 104 15.32 31.26 2.43
CA ASP B 104 16.36 32.09 3.11
C ASP B 104 16.63 33.33 2.27
N SER B 105 16.67 33.20 0.95
CA SER B 105 16.94 34.33 0.02
CA SER B 105 16.97 34.36 0.07
C SER B 105 15.78 35.33 0.09
N TRP B 106 14.53 34.83 0.16
CA TRP B 106 13.35 35.73 0.30
C TRP B 106 13.55 36.56 1.58
N GLY B 107 13.99 35.95 2.66
CA GLY B 107 14.23 36.68 3.94
C GLY B 107 15.29 37.76 3.73
N ALA B 108 16.36 37.39 3.08
CA ALA B 108 17.56 38.24 2.90
C ALA B 108 17.27 39.42 1.98
N LEU B 109 16.16 39.41 1.21
CA LEU B 109 15.78 40.56 0.38
C LEU B 109 15.18 41.67 1.26
N GLY B 110 15.03 41.47 2.57
CA GLY B 110 14.45 42.49 3.49
C GLY B 110 13.09 42.06 4.04
N ASN B 111 12.90 40.75 4.27
CA ASN B 111 11.62 40.10 4.70
C ASN B 111 11.80 39.33 6.00
N PRO B 112 11.73 40.05 7.13
CA PRO B 112 11.82 39.39 8.42
C PRO B 112 10.76 38.27 8.53
N GLY B 113 11.19 37.13 9.08
CA GLY B 113 10.33 35.99 9.39
C GLY B 113 10.30 34.99 8.25
N TRP B 114 11.07 35.24 7.19
CA TRP B 114 11.09 34.35 6.00
C TRP B 114 12.42 33.58 5.91
N SER B 115 12.32 32.26 5.93
CA SER B 115 13.45 31.31 5.99
C SER B 115 12.90 29.92 5.76
N TRP B 116 13.79 28.98 5.46
CA TRP B 116 13.40 27.56 5.49
C TRP B 116 12.88 27.23 6.88
N ASN B 117 13.64 27.62 7.91
CA ASN B 117 13.26 27.20 9.28
C ASN B 117 11.85 27.70 9.61
N SER B 118 11.44 28.89 9.21
CA SER B 118 10.11 29.43 9.56
CA SER B 118 10.11 29.48 9.50
C SER B 118 9.02 28.77 8.70
N MET B 119 9.36 28.33 7.50
CA MET B 119 8.38 27.67 6.58
C MET B 119 8.13 26.23 6.96
N LEU B 120 9.11 25.52 7.50
CA LEU B 120 9.01 24.08 7.76
C LEU B 120 7.75 23.72 8.57
N PRO B 121 7.43 24.36 9.72
CA PRO B 121 6.19 24.01 10.46
C PRO B 121 4.92 24.14 9.62
N TYR B 122 4.89 25.09 8.68
CA TYR B 122 3.71 25.33 7.81
C TYR B 122 3.65 24.32 6.66
N PHE B 123 4.78 23.94 6.11
CA PHE B 123 4.82 22.80 5.17
C PHE B 123 4.22 21.57 5.88
N ILE B 124 4.65 21.28 7.10
CA ILE B 124 4.18 20.09 7.80
C ILE B 124 2.69 20.23 8.13
N LYS B 125 2.26 21.39 8.64
CA LYS B 125 0.84 21.62 8.99
C LYS B 125 -0.06 21.44 7.79
N SER B 126 0.40 21.84 6.60
CA SER B 126 -0.41 21.87 5.36
C SER B 126 -0.95 20.50 4.95
N GLU B 127 -0.37 19.37 5.38
CA GLU B 127 -0.45 18.13 4.57
C GLU B 127 -0.56 16.87 5.40
N THR B 128 -1.05 15.81 4.78
CA THR B 128 -0.95 14.42 5.25
C THR B 128 -0.28 13.59 4.15
N PHE B 129 0.93 13.15 4.43
CA PHE B 129 1.65 12.19 3.59
C PHE B 129 1.15 10.79 3.89
N THR B 130 0.76 10.03 2.86
CA THR B 130 0.50 8.58 2.96
C THR B 130 1.65 7.83 2.34
N PRO B 131 2.38 7.00 3.10
CA PRO B 131 3.47 6.23 2.56
C PRO B 131 2.98 5.25 1.51
N PRO B 132 3.82 4.99 0.49
CA PRO B 132 3.54 3.93 -0.47
C PRO B 132 3.66 2.57 0.21
N SER B 133 3.19 1.55 -0.47
CA SER B 133 3.29 0.15 0.03
CA SER B 133 3.29 0.15 0.03
C SER B 133 4.76 -0.23 0.10
N PRO B 134 5.14 -1.09 1.06
CA PRO B 134 6.54 -1.48 1.21
C PRO B 134 7.14 -2.13 -0.03
N GLU B 135 6.37 -2.93 -0.77
CA GLU B 135 6.98 -3.61 -1.93
C GLU B 135 7.27 -2.59 -3.02
N LEU B 136 6.42 -1.58 -3.15
CA LEU B 136 6.64 -0.56 -4.21
C LEU B 136 7.79 0.32 -3.78
N ALA B 137 7.90 0.66 -2.49
CA ALA B 137 9.04 1.48 -2.05
C ALA B 137 10.36 0.76 -2.32
N ALA B 138 10.40 -0.56 -2.07
CA ALA B 138 11.63 -1.32 -2.27
C ALA B 138 11.90 -1.48 -3.77
N ALA B 139 10.91 -1.89 -4.56
CA ALA B 139 11.14 -2.13 -6.00
C ALA B 139 11.40 -0.80 -6.72
N GLY B 140 10.77 0.28 -6.27
CA GLY B 140 10.76 1.56 -6.99
C GLY B 140 11.89 2.48 -6.57
N ASN B 141 12.56 2.21 -5.46
CA ASN B 141 13.56 3.10 -4.84
C ASN B 141 12.83 4.35 -4.33
N ILE B 142 11.69 4.16 -3.68
CA ILE B 142 10.96 5.29 -3.06
C ILE B 142 11.53 5.47 -1.66
N THR B 143 11.96 6.69 -1.31
CA THR B 143 12.42 6.97 0.07
C THR B 143 11.90 8.31 0.50
N TRP B 144 11.86 8.53 1.80
CA TRP B 144 11.36 9.77 2.39
C TRP B 144 11.85 9.87 3.82
N ASP B 145 11.78 11.06 4.39
CA ASP B 145 12.12 11.32 5.81
C ASP B 145 10.80 11.69 6.49
N GLY B 146 10.21 10.74 7.22
CA GLY B 146 8.89 10.95 7.83
C GLY B 146 8.88 12.09 8.84
N SER B 147 10.05 12.43 9.39
CA SER B 147 10.19 13.49 10.41
C SER B 147 9.92 14.88 9.82
N ILE B 148 9.95 15.04 8.49
CA ILE B 148 9.72 16.39 7.89
C ILE B 148 8.55 16.34 6.92
N ARG B 149 7.70 15.30 6.98
CA ARG B 149 6.46 15.26 6.17
C ARG B 149 5.26 15.29 7.13
N GLY B 150 4.26 16.07 6.78
CA GLY B 150 3.02 16.20 7.59
C GLY B 150 2.25 14.89 7.68
N ARG B 151 1.52 14.71 8.75
CA ARG B 151 0.69 13.50 8.95
C ARG B 151 -0.76 13.87 9.30
N SER B 152 -1.09 15.15 9.51
CA SER B 152 -2.40 15.55 10.07
CA SER B 152 -2.41 15.53 10.07
C SER B 152 -3.07 16.65 9.27
N GLY B 153 -2.41 17.20 8.27
CA GLY B 153 -2.96 18.36 7.57
C GLY B 153 -3.84 17.98 6.39
N PRO B 154 -4.54 18.97 5.82
CA PRO B 154 -5.59 18.69 4.87
C PRO B 154 -5.21 18.20 3.47
N VAL B 155 -4.06 18.66 2.98
CA VAL B 155 -3.67 18.28 1.60
C VAL B 155 -3.16 16.85 1.64
N ASN B 156 -3.82 15.92 0.96
CA ASN B 156 -3.27 14.57 0.83
C ASN B 156 -2.17 14.55 -0.23
N TYR B 157 -1.13 13.81 0.05
CA TYR B 157 -0.14 13.49 -0.99
C TYR B 157 0.48 12.12 -0.72
N SER B 158 0.91 11.51 -1.79
CA SER B 158 1.47 10.15 -1.79
C SER B 158 2.22 9.95 -3.12
N TYR B 159 2.17 8.74 -3.62
CA TYR B 159 2.73 8.32 -4.93
C TYR B 159 1.69 7.52 -5.68
N PRO B 160 1.83 7.44 -7.02
CA PRO B 160 1.16 6.39 -7.78
C PRO B 160 1.55 5.04 -7.16
N ASN B 161 0.74 4.01 -7.43
CA ASN B 161 0.97 2.67 -6.86
C ASN B 161 1.50 1.71 -7.94
N TYR B 162 2.16 2.23 -8.96
CA TYR B 162 2.63 1.52 -10.16
C TYR B 162 3.77 2.35 -10.74
N PHE B 163 4.67 1.71 -11.46
CA PHE B 163 5.67 2.41 -12.31
C PHE B 163 5.84 1.61 -13.59
N PHE B 164 6.02 2.33 -14.68
CA PHE B 164 6.33 1.70 -15.99
C PHE B 164 7.73 1.14 -15.93
N PRO B 165 8.04 -0.02 -16.54
CA PRO B 165 9.36 -0.60 -16.42
C PRO B 165 10.52 0.29 -16.92
N GLY B 166 10.31 1.07 -17.99
CA GLY B 166 11.32 1.98 -18.55
C GLY B 166 11.82 3.00 -17.51
N SER B 167 10.98 3.30 -16.51
CA SER B 167 11.42 4.26 -15.46
C SER B 167 12.67 3.72 -14.75
N GLU B 168 12.86 2.40 -14.71
CA GLU B 168 14.02 1.78 -14.05
C GLU B 168 15.27 2.05 -14.90
N ASN B 169 15.18 1.84 -16.22
CA ASN B 169 16.28 2.20 -17.13
C ASN B 169 16.70 3.67 -16.90
N TRP B 170 15.72 4.55 -16.80
CA TRP B 170 15.98 6.01 -16.71
C TRP B 170 16.63 6.32 -15.37
N TRP B 171 16.16 5.69 -14.30
CA TRP B 171 16.75 5.91 -12.96
C TRP B 171 18.22 5.52 -12.97
N ASN B 172 18.53 4.33 -13.51
CA ASN B 172 19.90 3.82 -13.51
C ASN B 172 20.82 4.69 -14.40
N ALA B 173 20.30 5.14 -15.54
CA ALA B 173 21.04 6.02 -16.50
C ALA B 173 21.33 7.35 -15.82
N ALA B 174 20.35 7.90 -15.11
CA ALA B 174 20.55 9.17 -14.39
C ALA B 174 21.65 9.00 -13.35
N ASN B 175 21.60 7.89 -12.59
CA ASN B 175 22.67 7.60 -11.60
C ASN B 175 24.04 7.50 -12.29
N GLU B 176 24.10 6.87 -13.47
CA GLU B 176 25.35 6.63 -14.22
C GLU B 176 25.96 7.98 -14.61
N VAL B 177 25.17 9.05 -14.78
CA VAL B 177 25.72 10.35 -15.22
C VAL B 177 25.61 11.38 -14.12
N GLY B 178 25.62 10.95 -12.88
CA GLY B 178 25.89 11.86 -11.76
C GLY B 178 24.64 12.52 -11.19
N LEU B 179 23.49 11.87 -11.32
CA LEU B 179 22.26 12.30 -10.64
C LEU B 179 21.90 11.17 -9.67
N PRO B 180 22.34 11.25 -8.39
CA PRO B 180 22.20 10.12 -7.49
C PRO B 180 20.82 10.11 -6.85
N PRO B 181 20.41 9.04 -6.18
CA PRO B 181 19.15 9.03 -5.44
C PRO B 181 19.14 10.10 -4.34
N VAL B 182 18.03 10.81 -4.24
CA VAL B 182 17.78 11.81 -3.18
C VAL B 182 16.95 11.13 -2.10
N LYS B 183 17.40 11.20 -0.85
CA LYS B 183 16.67 10.56 0.26
CA LYS B 183 16.66 10.53 0.25
C LYS B 183 15.26 11.15 0.37
N ASP B 184 15.18 12.48 0.39
CA ASP B 184 13.84 13.13 0.43
C ASP B 184 13.91 14.50 -0.21
N PRO B 185 13.28 14.71 -1.38
CA PRO B 185 13.33 16.02 -2.06
C PRO B 185 12.53 17.10 -1.32
N MET B 186 11.84 16.75 -0.22
CA MET B 186 11.06 17.67 0.65
C MET B 186 11.96 18.16 1.80
N ALA B 187 13.21 17.71 1.89
CA ALA B 187 14.06 18.04 3.06
C ALA B 187 14.90 19.28 2.78
N GLY B 188 14.61 20.02 1.73
CA GLY B 188 15.26 21.31 1.48
C GLY B 188 16.46 21.23 0.52
N SER B 189 16.68 20.07 -0.10
CA SER B 189 17.63 19.89 -1.21
C SER B 189 17.13 18.74 -2.05
N LYS B 190 17.50 18.72 -3.32
CA LYS B 190 16.96 17.66 -4.20
C LYS B 190 17.92 17.40 -5.36
N GLN B 191 19.20 17.25 -5.06
CA GLN B 191 20.26 17.06 -6.08
C GLN B 191 20.31 15.60 -6.50
N GLY B 192 19.66 15.31 -7.60
CA GLY B 192 19.63 13.95 -8.21
C GLY B 192 18.22 13.52 -8.50
N VAL B 193 17.96 12.23 -8.42
CA VAL B 193 16.66 11.61 -8.82
C VAL B 193 15.85 11.13 -7.62
N PHE B 194 14.53 11.16 -7.77
CA PHE B 194 13.59 10.78 -6.72
C PHE B 194 12.23 10.54 -7.35
N TRP B 195 11.39 9.81 -6.64
CA TRP B 195 9.96 9.72 -6.99
C TRP B 195 9.30 11.07 -6.81
N ILE B 196 8.47 11.41 -7.76
CA ILE B 196 7.64 12.63 -7.73
C ILE B 196 6.53 12.46 -6.69
N PRO B 197 6.48 13.25 -5.59
CA PRO B 197 5.32 13.21 -4.73
C PRO B 197 4.14 13.81 -5.49
N SER B 198 2.98 13.21 -5.32
CA SER B 198 1.76 13.57 -6.07
C SER B 198 0.61 13.89 -5.11
N ALA B 199 -0.11 14.99 -5.36
CA ALA B 199 -1.20 15.48 -4.52
C ALA B 199 -2.48 14.64 -4.76
N ILE B 200 -2.36 13.35 -4.46
CA ILE B 200 -3.41 12.31 -4.58
CA ILE B 200 -3.51 12.42 -4.56
C ILE B 200 -3.85 11.90 -3.17
N ASP B 201 -5.12 11.63 -2.96
CA ASP B 201 -5.68 10.98 -1.77
C ASP B 201 -5.65 9.49 -2.06
N ALA B 202 -4.84 8.79 -1.35
CA ALA B 202 -4.58 7.36 -1.57
C ALA B 202 -5.82 6.55 -1.15
N ARG B 203 -6.79 7.11 -0.45
CA ARG B 203 -8.08 6.44 -0.12
CA ARG B 203 -7.97 6.27 -0.11
C ARG B 203 -8.72 5.97 -1.42
N THR B 204 -8.67 6.84 -2.41
CA THR B 204 -9.39 6.61 -3.68
C THR B 204 -8.50 6.78 -4.89
N MET B 205 -7.21 7.05 -4.71
CA MET B 205 -6.29 7.40 -5.82
CA MET B 205 -6.33 7.36 -5.85
C MET B 205 -6.96 8.44 -6.72
N THR B 206 -7.39 9.55 -6.13
CA THR B 206 -7.93 10.69 -6.86
C THR B 206 -7.29 11.99 -6.37
N ARG B 207 -7.36 12.99 -7.22
CA ARG B 207 -6.77 14.32 -6.97
C ARG B 207 -7.23 14.90 -5.64
N SER B 208 -6.28 15.36 -4.82
CA SER B 208 -6.58 16.13 -3.59
C SER B 208 -6.34 17.61 -3.90
N HIS B 209 -7.27 18.25 -4.57
CA HIS B 209 -7.17 19.68 -4.94
C HIS B 209 -7.76 20.54 -3.83
N ALA B 210 -7.55 21.83 -3.92
CA ALA B 210 -7.92 22.77 -2.85
C ALA B 210 -9.46 22.84 -2.71
N ARG B 211 -10.20 22.63 -3.79
CA ARG B 211 -11.68 22.58 -3.68
CA ARG B 211 -11.68 22.52 -3.74
C ARG B 211 -12.09 21.47 -2.71
N ARG B 212 -11.40 20.33 -2.71
CA ARG B 212 -11.76 19.23 -1.81
CA ARG B 212 -11.70 19.18 -1.82
C ARG B 212 -11.13 19.48 -0.44
N ASN B 213 -9.81 19.74 -0.37
CA ASN B 213 -9.11 19.66 0.94
C ASN B 213 -9.29 20.96 1.73
N HIS B 214 -9.72 22.05 1.11
CA HIS B 214 -9.86 23.36 1.80
C HIS B 214 -11.22 24.01 1.55
N TYR B 215 -12.17 23.28 0.94
CA TYR B 215 -13.55 23.79 0.86
C TYR B 215 -14.52 22.66 1.16
N ASP B 216 -14.59 21.61 0.33
CA ASP B 216 -15.58 20.53 0.59
C ASP B 216 -15.43 20.01 2.01
N ARG B 217 -14.20 19.79 2.47
CA ARG B 217 -13.89 19.23 3.80
C ARG B 217 -14.57 20.04 4.92
N VAL B 218 -14.81 21.32 4.71
CA VAL B 218 -15.31 22.24 5.77
C VAL B 218 -16.60 22.95 5.28
N SER B 219 -17.24 22.45 4.23
CA SER B 219 -18.34 23.17 3.53
C SER B 219 -19.64 23.15 4.37
N SER B 220 -19.68 22.47 5.51
CA SER B 220 -20.84 22.56 6.45
C SER B 220 -20.79 23.91 7.15
N ARG B 221 -19.67 24.62 7.10
CA ARG B 221 -19.54 25.90 7.85
C ARG B 221 -20.43 26.96 7.21
N PRO B 222 -21.40 27.54 7.95
CA PRO B 222 -22.23 28.59 7.38
C PRO B 222 -21.44 29.90 7.19
N ASN B 223 -20.31 30.03 7.91
CA ASN B 223 -19.49 31.29 7.86
C ASN B 223 -18.48 31.28 6.69
N TYR B 224 -18.35 30.18 5.96
CA TYR B 224 -17.45 30.06 4.78
C TYR B 224 -18.29 30.15 3.51
N HIS B 225 -18.41 31.32 2.93
CA HIS B 225 -19.23 31.60 1.73
C HIS B 225 -18.38 31.55 0.49
N ILE B 226 -18.90 30.98 -0.58
CA ILE B 226 -18.23 30.95 -1.92
CA ILE B 226 -18.20 30.97 -1.91
C ILE B 226 -19.18 31.48 -2.96
N LEU B 227 -18.66 32.25 -3.90
CA LEU B 227 -19.41 32.74 -5.06
C LEU B 227 -18.60 32.44 -6.28
N PRO B 228 -18.84 31.27 -6.91
CA PRO B 228 -18.22 30.93 -8.17
C PRO B 228 -18.75 31.78 -9.32
N SER B 229 -18.07 31.73 -10.43
CA SER B 229 -18.43 32.37 -11.70
C SER B 229 -18.59 33.89 -11.54
N HIS B 230 -17.88 34.52 -10.60
CA HIS B 230 -17.89 36.01 -10.49
C HIS B 230 -16.46 36.54 -10.42
N LEU B 231 -16.23 37.73 -11.00
CA LEU B 231 -14.90 38.40 -11.04
C LEU B 231 -14.87 39.56 -10.05
N VAL B 232 -13.83 39.66 -9.25
CA VAL B 232 -13.53 40.91 -8.51
C VAL B 232 -12.96 41.91 -9.51
N SER B 233 -13.67 43.05 -9.72
CA SER B 233 -13.37 44.02 -10.79
C SER B 233 -12.68 45.24 -10.17
N LYS B 234 -12.72 45.42 -8.86
CA LYS B 234 -12.16 46.62 -8.19
C LYS B 234 -12.17 46.44 -6.69
N ILE B 235 -11.18 47.00 -6.01
CA ILE B 235 -11.15 47.17 -4.54
C ILE B 235 -11.77 48.54 -4.24
N LEU B 236 -12.61 48.59 -3.19
CA LEU B 236 -13.24 49.83 -2.68
C LEU B 236 -12.49 50.29 -1.44
N PHE B 237 -12.34 51.63 -1.37
CA PHE B 237 -11.56 52.31 -0.32
C PHE B 237 -12.40 53.35 0.42
N ARG B 238 -12.10 53.51 1.70
CA ARG B 238 -12.42 54.77 2.43
C ARG B 238 -11.07 55.40 2.76
N GLY B 239 -10.69 56.45 2.04
CA GLY B 239 -9.34 57.02 2.19
C GLY B 239 -8.34 55.97 1.71
N LYS B 240 -7.47 55.51 2.60
CA LYS B 240 -6.44 54.50 2.24
C LYS B 240 -6.81 53.13 2.84
N GLN B 241 -8.01 53.00 3.41
CA GLN B 241 -8.49 51.72 3.98
C GLN B 241 -9.26 50.95 2.90
N ALA B 242 -8.80 49.73 2.55
CA ALA B 242 -9.57 48.79 1.73
C ALA B 242 -10.77 48.30 2.57
N ILE B 243 -11.99 48.56 2.11
CA ILE B 243 -13.23 48.22 2.88
C ILE B 243 -14.12 47.22 2.13
N GLY B 244 -13.88 46.97 0.85
CA GLY B 244 -14.80 46.14 0.07
C GLY B 244 -14.28 45.89 -1.30
N VAL B 245 -15.10 45.26 -2.14
CA VAL B 245 -14.80 45.01 -3.58
C VAL B 245 -16.08 45.19 -4.37
N SER B 246 -15.93 45.52 -5.64
CA SER B 246 -16.94 45.34 -6.71
C SER B 246 -16.76 43.96 -7.34
N TYR B 247 -17.86 43.29 -7.71
CA TYR B 247 -17.77 42.07 -8.54
C TYR B 247 -18.82 42.08 -9.65
N ILE B 248 -18.54 41.35 -10.70
CA ILE B 248 -19.36 41.20 -11.91
C ILE B 248 -19.41 39.72 -12.25
N PRO B 249 -20.42 39.28 -13.02
CA PRO B 249 -20.45 37.92 -13.54
C PRO B 249 -19.24 37.76 -14.46
N THR B 250 -18.55 36.62 -14.36
CA THR B 250 -17.43 36.30 -15.27
C THR B 250 -17.89 36.36 -16.73
N SER B 251 -19.15 35.97 -17.02
CA SER B 251 -19.69 35.86 -18.40
C SER B 251 -19.97 37.23 -19.00
N GLY B 252 -19.85 38.30 -18.23
CA GLY B 252 -19.87 39.65 -18.78
C GLY B 252 -21.28 40.23 -18.84
N GLY B 253 -22.18 39.73 -17.99
CA GLY B 253 -23.49 40.39 -17.75
C GLY B 253 -23.24 41.82 -17.30
N ASN B 254 -24.08 42.77 -17.72
CA ASN B 254 -23.93 44.21 -17.40
C ASN B 254 -24.49 44.49 -16.00
N THR B 255 -23.98 43.82 -14.97
CA THR B 255 -24.36 44.03 -13.55
C THR B 255 -23.08 44.18 -12.71
N THR B 256 -23.05 45.10 -11.73
CA THR B 256 -21.92 45.27 -10.77
C THR B 256 -22.48 45.33 -9.36
N THR B 257 -21.85 44.65 -8.43
CA THR B 257 -22.29 44.55 -7.03
C THR B 257 -21.13 44.91 -6.12
N ASN B 258 -21.40 45.66 -5.06
CA ASN B 258 -20.42 46.01 -4.02
C ASN B 258 -20.69 45.22 -2.75
N VAL B 259 -19.63 44.69 -2.15
CA VAL B 259 -19.70 43.95 -0.88
CA VAL B 259 -19.67 43.91 -0.88
C VAL B 259 -18.52 44.42 0.00
N TYR B 260 -18.72 44.39 1.30
CA TYR B 260 -17.78 45.03 2.25
C TYR B 260 -17.30 44.08 3.33
N ALA B 261 -16.06 44.31 3.76
CA ALA B 261 -15.40 43.56 4.83
C ALA B 261 -15.15 44.46 6.01
N SER B 262 -15.34 43.91 7.19
CA SER B 262 -15.11 44.60 8.49
C SER B 262 -13.62 44.57 8.85
N LYS B 263 -12.83 43.60 8.39
CA LYS B 263 -11.39 43.51 8.78
C LYS B 263 -10.49 43.74 7.56
N GLU B 264 -10.44 42.81 6.59
CA GLU B 264 -9.54 43.02 5.43
C GLU B 264 -10.07 42.40 4.14
N ILE B 265 -9.54 42.91 3.05
CA ILE B 265 -9.60 42.34 1.67
C ILE B 265 -8.31 41.56 1.45
N THR B 266 -8.43 40.32 1.03
CA THR B 266 -7.25 39.53 0.60
C THR B 266 -7.31 39.30 -0.91
N LEU B 267 -6.24 39.63 -1.63
CA LEU B 267 -6.14 39.24 -3.05
C LEU B 267 -5.46 37.86 -3.15
N ALA B 268 -6.08 36.96 -3.89
CA ALA B 268 -5.64 35.57 -4.10
C ALA B 268 -5.94 35.19 -5.55
N ALA B 269 -5.78 36.13 -6.48
CA ALA B 269 -6.25 35.98 -7.88
C ALA B 269 -5.13 35.50 -8.81
N GLY B 270 -4.00 35.13 -8.25
CA GLY B 270 -2.87 34.49 -9.00
C GLY B 270 -1.95 35.51 -9.65
N GLY B 271 -0.82 35.05 -10.19
CA GLY B 271 0.17 35.85 -10.90
C GLY B 271 -0.41 36.75 -11.96
N LEU B 272 -1.38 36.28 -12.72
CA LEU B 272 -1.98 37.04 -13.81
C LEU B 272 -3.28 37.76 -13.39
N GLY B 273 -3.84 37.51 -12.23
CA GLY B 273 -5.10 38.15 -11.80
C GLY B 273 -4.88 39.24 -10.76
N THR B 274 -4.02 39.00 -9.78
CA THR B 274 -3.80 39.94 -8.67
C THR B 274 -3.33 41.30 -9.18
N PRO B 275 -2.30 41.42 -10.07
CA PRO B 275 -1.87 42.76 -10.48
CA PRO B 275 -1.86 42.72 -10.54
C PRO B 275 -2.98 43.50 -11.23
N LYS B 276 -3.85 42.79 -11.97
CA LYS B 276 -4.93 43.43 -12.73
C LYS B 276 -5.94 44.02 -11.75
N ILE B 277 -6.28 43.33 -10.66
CA ILE B 277 -7.18 43.90 -9.62
C ILE B 277 -6.50 45.15 -9.03
N LEU B 278 -5.24 45.07 -8.68
CA LEU B 278 -4.52 46.25 -8.09
C LEU B 278 -4.57 47.42 -9.08
N GLN B 279 -4.18 47.20 -10.33
CA GLN B 279 -4.06 48.32 -11.31
C GLN B 279 -5.46 48.93 -11.54
N LEU B 280 -6.49 48.12 -11.69
CA LEU B 280 -7.87 48.64 -11.89
C LEU B 280 -8.29 49.46 -10.70
N SER B 281 -7.76 49.20 -9.53
CA SER B 281 -8.11 49.83 -8.23
C SER B 281 -7.26 51.06 -7.93
N GLY B 282 -6.36 51.45 -8.83
CA GLY B 282 -5.45 52.60 -8.62
C GLY B 282 -4.22 52.27 -7.79
N ILE B 283 -3.84 50.98 -7.71
CA ILE B 283 -2.60 50.55 -7.01
C ILE B 283 -1.64 49.99 -8.06
N GLY B 284 -0.63 50.78 -8.44
CA GLY B 284 0.18 50.40 -9.60
C GLY B 284 1.05 51.54 -10.10
N PRO B 285 1.67 51.38 -11.28
CA PRO B 285 2.60 52.41 -11.76
C PRO B 285 1.80 53.65 -12.19
N ARG B 286 2.15 54.82 -11.63
CA ARG B 286 1.60 56.15 -12.01
C ARG B 286 1.41 56.28 -13.52
N LYS B 287 2.46 56.03 -14.29
CA LYS B 287 2.42 56.18 -15.78
C LYS B 287 1.25 55.41 -16.39
N LEU B 288 1.10 54.11 -16.07
CA LEU B 288 0.05 53.25 -16.67
C LEU B 288 -1.33 53.77 -16.23
N LEU B 289 -1.47 54.08 -14.95
CA LEU B 289 -2.74 54.50 -14.32
C LEU B 289 -3.16 55.86 -14.89
N ASN B 290 -2.21 56.80 -14.99
CA ASN B 290 -2.43 58.12 -15.66
C ASN B 290 -2.91 57.91 -17.09
N GLU B 291 -2.22 57.10 -17.91
CA GLU B 291 -2.57 56.89 -19.34
CA GLU B 291 -2.55 56.84 -19.34
C GLU B 291 -4.00 56.37 -19.47
N LEU B 292 -4.49 55.57 -18.51
CA LEU B 292 -5.85 54.96 -18.57
C LEU B 292 -6.87 55.78 -17.77
N GLY B 293 -6.45 56.86 -17.12
CA GLY B 293 -7.38 57.74 -16.40
C GLY B 293 -7.88 57.10 -15.11
N ILE B 294 -7.07 56.22 -14.51
CA ILE B 294 -7.38 55.62 -13.18
C ILE B 294 -6.75 56.47 -12.08
N PRO B 295 -7.55 56.96 -11.09
CA PRO B 295 -6.99 57.70 -9.97
C PRO B 295 -6.03 56.81 -9.19
N VAL B 296 -4.89 57.39 -8.81
CA VAL B 296 -3.78 56.71 -8.13
C VAL B 296 -4.00 56.75 -6.62
N ILE B 297 -4.24 55.59 -6.04
CA ILE B 297 -4.40 55.41 -4.58
C ILE B 297 -3.03 55.16 -3.98
N SER B 298 -2.24 54.29 -4.64
CA SER B 298 -0.87 53.97 -4.20
C SER B 298 0.01 53.74 -5.44
N ASP B 299 0.98 54.62 -5.66
CA ASP B 299 1.93 54.60 -6.79
C ASP B 299 3.02 53.54 -6.49
N LEU B 300 2.84 52.35 -7.07
CA LEU B 300 3.68 51.16 -6.81
C LEU B 300 4.14 50.64 -8.15
N PRO B 301 5.30 51.10 -8.65
CA PRO B 301 5.77 50.68 -9.96
C PRO B 301 6.00 49.15 -10.12
N GLY B 302 6.12 48.43 -9.01
CA GLY B 302 6.38 46.97 -9.06
C GLY B 302 5.12 46.21 -9.43
N VAL B 303 3.92 46.78 -9.39
CA VAL B 303 2.70 46.00 -9.72
C VAL B 303 2.71 45.65 -11.19
N GLY B 304 2.74 44.36 -11.55
CA GLY B 304 2.72 43.89 -12.93
C GLY B 304 4.13 43.67 -13.47
N GLN B 305 5.13 44.11 -12.71
CA GLN B 305 6.55 43.90 -13.07
C GLN B 305 6.95 42.51 -12.55
N ASN B 306 8.14 42.08 -12.95
CA ASN B 306 8.82 40.96 -12.26
C ASN B 306 8.12 39.61 -12.58
N LEU B 307 7.35 39.53 -13.63
CA LEU B 307 6.64 38.25 -13.97
C LEU B 307 7.71 37.20 -14.23
N GLN B 308 7.50 36.01 -13.65
CA GLN B 308 8.34 34.84 -13.95
C GLN B 308 7.45 33.63 -14.18
N ASP B 309 8.02 32.69 -14.87
CA ASP B 309 7.44 31.34 -15.02
C ASP B 309 8.63 30.38 -15.04
N GLN B 310 8.36 29.13 -15.34
CA GLN B 310 9.41 28.08 -15.43
C GLN B 310 9.26 27.42 -16.79
N PRO B 311 10.05 27.90 -17.79
CA PRO B 311 9.96 27.42 -19.17
C PRO B 311 10.13 25.90 -19.24
N THR B 312 9.56 25.34 -20.30
CA THR B 312 9.65 23.92 -20.60
C THR B 312 10.12 23.66 -22.01
N LEU B 313 10.70 22.50 -22.15
CA LEU B 313 11.17 22.01 -23.46
C LEU B 313 10.82 20.53 -23.54
N THR B 314 10.21 20.17 -24.65
CA THR B 314 9.81 18.79 -24.97
C THR B 314 10.76 18.29 -26.03
N ILE B 315 11.54 17.28 -25.73
CA ILE B 315 12.51 16.71 -26.67
C ILE B 315 11.93 15.41 -27.22
N PRO B 316 11.72 15.31 -28.54
CA PRO B 316 11.20 14.09 -29.17
C PRO B 316 12.27 13.02 -29.36
N TYR B 317 11.84 11.76 -29.19
CA TYR B 317 12.68 10.56 -29.36
C TYR B 317 11.96 9.50 -30.19
N THR B 318 12.77 8.72 -30.86
CA THR B 318 12.34 7.40 -31.37
C THR B 318 13.20 6.34 -30.70
N PHE B 319 12.68 5.13 -30.69
CA PHE B 319 13.35 3.99 -30.05
C PHE B 319 13.32 2.77 -30.97
N THR B 320 14.43 2.08 -31.02
CA THR B 320 14.49 0.75 -31.71
C THR B 320 13.98 -0.34 -30.78
N ASN B 321 13.97 -0.15 -29.46
CA ASN B 321 13.81 -1.27 -28.50
C ASN B 321 13.20 -0.75 -27.18
N ASN B 322 12.19 0.11 -27.28
CA ASN B 322 11.51 0.58 -26.04
C ASN B 322 10.82 -0.64 -25.39
N VAL B 323 10.70 -0.59 -24.07
CA VAL B 323 10.06 -1.69 -23.29
C VAL B 323 8.56 -1.42 -23.20
N PHE B 324 7.76 -2.50 -23.19
CA PHE B 324 6.29 -2.52 -23.04
C PHE B 324 5.97 -3.03 -21.64
N PRO B 325 4.95 -2.47 -20.97
CA PRO B 325 4.23 -1.26 -21.40
C PRO B 325 4.93 0.04 -21.02
N ASN B 326 4.49 1.12 -21.64
CA ASN B 326 5.01 2.48 -21.36
C ASN B 326 3.84 3.44 -21.48
N THR B 327 4.03 4.74 -21.16
CA THR B 327 2.91 5.70 -21.16
C THR B 327 2.22 5.74 -22.52
N ASP B 328 2.99 5.56 -23.57
CA ASP B 328 2.39 5.68 -24.93
C ASP B 328 1.57 4.44 -25.25
N SER B 329 1.74 3.34 -24.52
CA SER B 329 0.82 2.17 -24.64
C SER B 329 -0.62 2.57 -24.36
N LEU B 330 -0.88 3.50 -23.46
CA LEU B 330 -2.24 3.92 -23.12
C LEU B 330 -2.93 4.54 -24.35
N THR B 331 -2.18 5.24 -25.19
CA THR B 331 -2.82 5.93 -26.34
C THR B 331 -2.77 5.09 -27.60
N THR B 332 -1.84 4.17 -27.76
CA THR B 332 -1.67 3.39 -29.02
C THR B 332 -2.20 1.97 -28.89
N ASN B 333 -2.45 1.50 -27.68
CA ASN B 333 -2.92 0.10 -27.48
C ASN B 333 -4.26 0.16 -26.75
N ALA B 334 -5.36 0.15 -27.47
CA ALA B 334 -6.71 0.22 -26.88
C ALA B 334 -6.95 -0.90 -25.87
N THR B 335 -6.41 -2.09 -26.12
CA THR B 335 -6.59 -3.26 -25.23
C THR B 335 -5.90 -2.97 -23.89
N TYR B 336 -4.67 -2.49 -23.95
CA TYR B 336 -3.89 -2.16 -22.71
C TYR B 336 -4.65 -1.06 -21.97
N ASN B 337 -5.04 -0.01 -22.68
CA ASN B 337 -5.72 1.13 -22.05
C ASN B 337 -7.00 0.63 -21.36
N ALA B 338 -7.81 -0.17 -22.03
CA ALA B 338 -9.08 -0.70 -21.46
C ALA B 338 -8.77 -1.53 -20.21
N GLU B 339 -7.77 -2.39 -20.25
CA GLU B 339 -7.41 -3.29 -19.10
C GLU B 339 -6.92 -2.41 -17.95
N GLN B 340 -6.09 -1.41 -18.20
CA GLN B 340 -5.60 -0.54 -17.09
C GLN B 340 -6.80 0.25 -16.53
N ARG B 341 -7.73 0.75 -17.31
CA ARG B 341 -8.86 1.51 -16.75
C ARG B 341 -9.75 0.56 -15.93
N ALA B 342 -9.96 -0.69 -16.39
CA ALA B 342 -10.79 -1.66 -15.69
C ALA B 342 -10.12 -1.96 -14.34
N LEU B 343 -8.81 -2.14 -14.37
CA LEU B 343 -8.00 -2.42 -13.17
C LEU B 343 -8.20 -1.28 -12.18
N TYR B 344 -8.09 -0.06 -12.64
CA TYR B 344 -8.25 1.12 -11.74
C TYR B 344 -9.68 1.11 -11.19
N ASP B 345 -10.68 0.97 -12.03
CA ASP B 345 -12.08 1.03 -11.62
C ASP B 345 -12.38 -0.06 -10.59
N SER B 346 -11.74 -1.24 -10.67
CA SER B 346 -11.98 -2.35 -9.76
C SER B 346 -11.19 -2.17 -8.44
N SER B 347 -9.86 -2.16 -8.50
CA SER B 347 -8.97 -2.24 -7.31
C SER B 347 -8.07 -1.00 -7.16
N LYS B 348 -8.26 0.02 -7.98
CA LYS B 348 -7.53 1.32 -7.93
C LYS B 348 -6.03 1.10 -8.10
N GLN B 349 -5.63 0.07 -8.86
CA GLN B 349 -4.22 -0.22 -9.16
C GLN B 349 -3.88 0.26 -10.57
N GLY B 350 -2.58 0.42 -10.82
CA GLY B 350 -2.01 0.44 -12.19
C GLY B 350 -1.78 1.81 -12.77
N ALA B 351 -1.68 1.86 -14.10
CA ALA B 351 -1.16 3.01 -14.85
C ALA B 351 -2.06 4.24 -14.67
N TYR B 352 -3.35 4.07 -14.34
CA TYR B 352 -4.26 5.23 -14.20
C TYR B 352 -3.99 5.98 -12.89
N THR B 353 -3.12 5.48 -12.04
CA THR B 353 -2.74 6.25 -10.81
C THR B 353 -1.63 7.26 -11.07
N ILE B 354 -1.03 7.23 -12.24
CA ILE B 354 0.05 8.15 -12.70
C ILE B 354 -0.63 9.23 -13.55
N VAL B 355 -0.25 10.49 -13.39
CA VAL B 355 -0.81 11.55 -14.26
C VAL B 355 -0.46 11.22 -15.72
N ASN B 356 -1.45 11.36 -16.58
CA ASN B 356 -1.28 10.96 -18.00
C ASN B 356 -0.07 11.68 -18.63
N SER B 357 0.79 10.89 -19.21
CA SER B 357 2.03 11.27 -19.98
C SER B 357 3.24 11.40 -19.08
N LEU B 358 3.06 11.42 -17.76
CA LEU B 358 4.20 11.44 -16.83
C LEU B 358 4.61 10.04 -16.41
N SER B 359 5.82 9.97 -15.92
CA SER B 359 6.36 8.80 -15.21
C SER B 359 6.41 9.10 -13.71
N THR B 360 7.13 8.27 -12.97
CA THR B 360 7.09 8.27 -11.50
C THR B 360 8.29 8.95 -10.90
N ASN B 361 9.38 9.10 -11.64
CA ASN B 361 10.65 9.64 -11.11
C ASN B 361 11.02 10.90 -11.92
N ILE B 362 11.93 11.68 -11.37
CA ILE B 362 12.39 12.96 -11.96
C ILE B 362 13.74 13.26 -11.40
N GLY B 363 14.47 14.17 -12.05
CA GLY B 363 15.79 14.61 -11.61
C GLY B 363 15.88 16.12 -11.57
N VAL B 364 16.60 16.61 -10.56
CA VAL B 364 16.84 18.06 -10.42
C VAL B 364 18.34 18.26 -10.30
N MET B 365 18.87 19.36 -10.82
CA MET B 365 20.31 19.57 -10.78
C MET B 365 20.61 21.06 -10.51
N SER B 366 21.64 21.28 -9.73
CA SER B 366 22.33 22.59 -9.61
C SER B 366 23.03 22.93 -10.91
N LEU B 367 23.48 24.18 -11.05
CA LEU B 367 24.22 24.58 -12.24
C LEU B 367 25.52 23.79 -12.35
N GLN B 368 26.21 23.59 -11.23
CA GLN B 368 27.51 22.88 -11.30
C GLN B 368 27.29 21.39 -11.58
N ARG B 369 26.15 20.83 -11.18
CA ARG B 369 25.81 19.43 -11.51
C ARG B 369 25.48 19.33 -13.01
N ALA B 370 24.77 20.30 -13.57
CA ALA B 370 24.47 20.31 -15.02
C ALA B 370 25.75 20.47 -15.82
N ALA B 371 26.62 21.39 -15.40
CA ALA B 371 27.73 21.91 -16.22
C ALA B 371 29.01 21.97 -15.38
N PRO B 372 29.56 20.82 -14.96
CA PRO B 372 30.67 20.82 -14.02
C PRO B 372 31.94 21.49 -14.55
N LYS B 373 32.12 21.51 -15.86
CA LYS B 373 33.34 22.04 -16.52
C LYS B 373 33.15 23.48 -17.00
N SER B 374 31.92 24.05 -16.97
CA SER B 374 31.69 25.40 -17.55
C SER B 374 30.82 26.29 -16.66
N TYR B 375 30.27 25.81 -15.54
CA TYR B 375 29.36 26.66 -14.73
C TYR B 375 30.04 27.96 -14.30
N ARG B 376 31.35 27.99 -14.06
CA ARG B 376 31.96 29.28 -13.62
CA ARG B 376 32.06 29.24 -13.66
C ARG B 376 32.00 30.26 -14.80
N GLN B 377 31.99 29.81 -16.04
CA GLN B 377 31.98 30.68 -17.24
C GLN B 377 30.60 31.33 -17.34
N ILE B 378 29.54 30.56 -17.08
CA ILE B 378 28.16 31.08 -17.07
C ILE B 378 28.00 32.10 -15.94
N ILE B 379 28.46 31.78 -14.74
CA ILE B 379 28.38 32.74 -13.60
C ILE B 379 29.19 34.01 -13.91
N ALA B 380 30.35 33.87 -14.54
CA ALA B 380 31.17 35.05 -14.90
C ALA B 380 30.36 35.93 -15.85
N ALA B 381 29.80 35.39 -16.92
CA ALA B 381 29.00 36.17 -17.88
C ALA B 381 27.88 36.88 -17.14
N ALA B 382 27.21 36.21 -16.21
CA ALA B 382 26.04 36.78 -15.50
C ALA B 382 26.52 37.91 -14.58
N ARG B 383 27.64 37.68 -13.90
CA ARG B 383 28.23 38.68 -12.97
CA ARG B 383 28.18 38.70 -12.96
C ARG B 383 28.66 39.92 -13.75
N ALA B 384 29.18 39.72 -14.96
CA ALA B 384 29.75 40.83 -15.75
C ALA B 384 28.63 41.76 -16.20
N ARG B 385 27.47 41.22 -16.50
CA ARG B 385 26.42 41.96 -17.19
C ARG B 385 25.62 42.77 -16.19
N SER B 386 25.40 44.05 -16.51
CA SER B 386 24.58 44.97 -15.69
CA SER B 386 24.57 44.96 -15.68
C SER B 386 23.16 44.37 -15.53
N ALA B 387 22.66 44.32 -14.31
CA ALA B 387 21.29 43.81 -14.04
C ALA B 387 20.28 44.56 -14.90
N SER B 388 20.45 45.88 -15.17
CA SER B 388 19.44 46.66 -15.89
C SER B 388 19.30 46.24 -17.35
N LEU B 389 20.28 45.56 -17.93
CA LEU B 389 20.18 45.10 -19.33
C LEU B 389 19.04 44.07 -19.45
N SER B 390 18.64 43.40 -18.37
CA SER B 390 17.57 42.37 -18.45
C SER B 390 16.19 43.03 -18.51
N LEU B 391 16.10 44.32 -18.23
CA LEU B 391 14.76 44.92 -18.06
C LEU B 391 14.52 45.87 -19.23
N PRO B 392 13.24 46.13 -19.55
CA PRO B 392 12.90 47.09 -20.58
C PRO B 392 13.62 48.40 -20.29
N PRO B 393 14.07 49.11 -21.34
CA PRO B 393 14.65 50.43 -21.16
C PRO B 393 13.61 51.35 -20.48
N GLY B 394 14.07 52.15 -19.53
CA GLY B 394 13.22 53.08 -18.75
C GLY B 394 12.48 52.41 -17.61
N THR B 395 12.72 51.12 -17.34
CA THR B 395 12.16 50.48 -16.12
C THR B 395 12.44 51.37 -14.91
N ASP B 396 11.45 51.48 -14.03
CA ASP B 396 11.56 52.28 -12.79
C ASP B 396 12.82 51.87 -12.03
N PRO B 397 13.66 52.82 -11.57
CA PRO B 397 14.85 52.48 -10.78
C PRO B 397 14.63 51.61 -9.53
N ALA B 398 13.48 51.74 -8.84
CA ALA B 398 13.15 50.91 -7.66
C ALA B 398 13.02 49.44 -8.14
N VAL B 399 12.35 49.26 -9.25
CA VAL B 399 12.14 47.88 -9.82
C VAL B 399 13.51 47.32 -10.21
N ILE B 400 14.38 48.12 -10.82
CA ILE B 400 15.78 47.71 -11.16
C ILE B 400 16.51 47.31 -9.88
N ARG B 401 16.40 48.04 -8.77
CA ARG B 401 17.14 47.69 -7.55
C ARG B 401 16.64 46.35 -6.99
N GLY B 402 15.33 46.09 -7.05
CA GLY B 402 14.84 44.79 -6.60
C GLY B 402 15.34 43.69 -7.50
N TYR B 403 15.35 43.91 -8.80
CA TYR B 403 15.84 42.88 -9.73
C TYR B 403 17.33 42.62 -9.47
N GLN B 404 18.11 43.67 -9.26
CA GLN B 404 19.56 43.51 -8.95
C GLN B 404 19.72 42.62 -7.73
N ALA B 405 18.93 42.86 -6.67
CA ALA B 405 19.00 42.07 -5.42
C ALA B 405 18.61 40.62 -5.71
N GLN B 406 17.52 40.38 -6.41
CA GLN B 406 17.12 38.99 -6.80
C GLN B 406 18.28 38.35 -7.58
N ARG B 407 18.81 39.06 -8.56
CA ARG B 407 19.87 38.53 -9.44
C ARG B 407 21.08 38.15 -8.61
N ASN B 408 21.48 38.94 -7.62
CA ASN B 408 22.65 38.63 -6.76
C ASN B 408 22.32 37.35 -5.98
N ALA B 409 21.08 37.21 -5.51
CA ALA B 409 20.68 35.99 -4.76
C ALA B 409 20.75 34.78 -5.68
N ILE B 410 20.28 34.93 -6.91
CA ILE B 410 20.24 33.80 -7.87
C ILE B 410 21.65 33.42 -8.30
N LEU B 411 22.55 34.38 -8.52
CA LEU B 411 23.96 34.04 -8.84
C LEU B 411 24.64 33.32 -7.68
N LYS B 412 24.33 33.65 -6.42
CA LYS B 412 24.79 32.81 -5.30
C LYS B 412 24.19 31.40 -5.42
N GLN B 413 22.93 31.27 -5.82
CA GLN B 413 22.31 29.94 -6.01
C GLN B 413 23.04 29.17 -7.12
N PHE B 414 23.42 29.85 -8.20
CA PHE B 414 24.20 29.25 -9.31
C PHE B 414 25.50 28.64 -8.80
N GLU B 415 26.09 29.21 -7.76
CA GLU B 415 27.39 28.72 -7.24
CA GLU B 415 27.38 28.81 -7.15
C GLU B 415 27.15 27.65 -6.17
N ASN B 416 25.93 27.50 -5.71
CA ASN B 416 25.56 26.59 -4.60
C ASN B 416 25.36 25.18 -5.16
N PRO B 417 26.07 24.15 -4.69
CA PRO B 417 25.84 22.81 -5.21
C PRO B 417 24.49 22.24 -4.75
N ASN B 418 23.84 22.87 -3.80
CA ASN B 418 22.61 22.32 -3.20
C ASN B 418 21.35 23.06 -3.61
N VAL B 419 21.40 23.89 -4.65
CA VAL B 419 20.17 24.54 -5.17
C VAL B 419 19.94 24.14 -6.62
N GLY B 420 18.71 23.74 -6.95
CA GLY B 420 18.38 23.33 -8.32
C GLY B 420 18.15 24.51 -9.26
N VAL B 421 18.49 24.37 -10.53
CA VAL B 421 18.16 25.36 -11.60
C VAL B 421 17.40 24.70 -12.73
N GLY B 422 17.31 23.38 -12.79
CA GLY B 422 16.59 22.71 -13.88
C GLY B 422 16.16 21.30 -13.52
N THR B 423 15.33 20.73 -14.36
CA THR B 423 14.73 19.39 -14.12
CA THR B 423 14.76 19.38 -14.13
C THR B 423 14.87 18.57 -15.41
N VAL B 424 14.96 17.28 -15.27
CA VAL B 424 14.92 16.28 -16.37
C VAL B 424 13.87 15.24 -16.00
N HIS B 425 13.03 14.90 -16.97
CA HIS B 425 11.95 13.89 -16.79
C HIS B 425 11.87 13.09 -18.09
N TRP B 426 11.55 11.82 -17.98
CA TRP B 426 11.13 11.01 -19.16
C TRP B 426 9.84 10.28 -18.83
N GLY B 427 8.77 10.57 -19.55
CA GLY B 427 7.48 9.91 -19.29
C GLY B 427 7.44 8.41 -19.63
N THR B 428 8.46 7.87 -20.28
CA THR B 428 8.69 6.46 -20.71
C THR B 428 8.28 6.29 -22.17
N GLY B 429 7.79 7.32 -22.80
CA GLY B 429 7.31 7.35 -24.20
C GLY B 429 8.16 8.23 -25.11
N SER B 430 7.52 8.91 -26.04
CA SER B 430 8.19 9.52 -27.22
C SER B 430 8.82 10.86 -26.89
N SER B 431 8.79 11.33 -25.65
CA SER B 431 9.45 12.61 -25.37
C SER B 431 10.03 12.67 -23.95
N ALA B 432 11.04 13.50 -23.83
CA ALA B 432 11.63 13.93 -22.54
C ALA B 432 11.23 15.37 -22.28
N LEU B 433 11.26 15.76 -21.02
CA LEU B 433 10.89 17.13 -20.59
C LEU B 433 12.07 17.69 -19.82
N VAL B 434 12.47 18.89 -20.20
CA VAL B 434 13.55 19.62 -19.50
C VAL B 434 12.96 20.96 -19.10
N TYR B 435 12.94 21.25 -17.79
CA TYR B 435 12.38 22.52 -17.29
CA TYR B 435 12.36 22.50 -17.25
C TYR B 435 13.50 23.42 -16.78
N HIS B 436 13.35 24.70 -17.02
CA HIS B 436 14.26 25.75 -16.55
C HIS B 436 13.61 26.41 -15.34
N LEU B 437 14.13 26.13 -14.16
CA LEU B 437 13.46 26.54 -12.91
C LEU B 437 13.80 27.96 -12.48
N LYS B 438 14.96 28.50 -12.86
CA LYS B 438 15.51 29.76 -12.30
C LYS B 438 15.89 30.72 -13.41
N PRO B 439 14.93 31.13 -14.24
CA PRO B 439 15.25 32.13 -15.25
C PRO B 439 15.60 33.48 -14.61
N LEU B 440 16.59 34.13 -15.23
CA LEU B 440 16.97 35.52 -14.90
C LEU B 440 16.11 36.48 -15.71
N SER B 441 15.42 36.04 -16.77
CA SER B 441 14.51 36.91 -17.54
C SER B 441 13.32 37.33 -16.68
N ARG B 442 12.75 38.51 -16.95
CA ARG B 442 11.60 39.06 -16.21
C ARG B 442 10.62 39.65 -17.21
N GLY B 443 9.34 39.34 -16.97
CA GLY B 443 8.26 39.82 -17.84
C GLY B 443 7.37 40.85 -17.18
N THR B 444 6.26 41.09 -17.86
CA THR B 444 5.25 42.08 -17.43
C THR B 444 3.82 41.58 -17.66
N VAL B 445 2.94 42.03 -16.77
CA VAL B 445 1.48 41.86 -16.99
CA VAL B 445 1.46 41.83 -16.84
C VAL B 445 0.78 43.17 -16.60
N ASN B 446 0.19 43.80 -17.60
CA ASN B 446 -0.37 45.16 -17.45
C ASN B 446 -1.79 45.19 -18.06
N ILE B 447 -2.71 45.81 -17.34
CA ILE B 447 -4.04 46.09 -17.95
C ILE B 447 -3.87 46.96 -19.21
N ARG B 448 -4.72 46.70 -20.20
CA ARG B 448 -4.77 47.44 -21.49
CA ARG B 448 -4.79 47.42 -21.51
C ARG B 448 -5.93 48.44 -21.47
N SER B 449 -6.79 48.41 -20.45
CA SER B 449 -8.04 49.23 -20.38
C SER B 449 -8.65 49.18 -18.99
N THR B 450 -9.68 49.99 -18.76
CA THR B 450 -10.47 50.02 -17.50
C THR B 450 -11.61 48.99 -17.56
N ASN B 451 -11.74 48.26 -18.66
CA ASN B 451 -12.78 47.21 -18.78
C ASN B 451 -12.29 45.96 -18.05
N PRO B 452 -12.92 45.55 -16.92
CA PRO B 452 -12.45 44.39 -16.17
C PRO B 452 -12.58 43.07 -16.94
N LEU B 453 -13.29 43.03 -18.05
CA LEU B 453 -13.43 41.84 -18.91
C LEU B 453 -12.26 41.72 -19.91
N ASP B 454 -11.46 42.77 -20.11
CA ASP B 454 -10.41 42.75 -21.14
C ASP B 454 -9.20 41.99 -20.55
N ALA B 455 -8.66 41.06 -21.31
CA ALA B 455 -7.37 40.41 -20.93
C ALA B 455 -6.29 41.47 -20.75
N PRO B 456 -5.35 41.28 -19.78
CA PRO B 456 -4.17 42.14 -19.68
C PRO B 456 -3.18 41.74 -20.77
N GLU B 457 -2.23 42.64 -21.03
CA GLU B 457 -1.06 42.39 -21.91
C GLU B 457 -0.09 41.54 -21.10
N ILE B 458 0.23 40.38 -21.62
CA ILE B 458 1.10 39.40 -20.91
C ILE B 458 2.34 39.20 -21.75
N ASP B 459 3.48 39.68 -21.25
CA ASP B 459 4.78 39.55 -21.99
C ASP B 459 5.75 38.77 -21.10
N TYR B 460 5.92 37.48 -21.37
CA TYR B 460 6.78 36.63 -20.50
C TYR B 460 8.23 37.12 -20.55
N ARG B 461 8.67 37.62 -21.70
CA ARG B 461 10.08 38.05 -21.94
C ARG B 461 11.05 36.87 -21.76
N THR B 462 10.56 35.66 -22.07
CA THR B 462 11.38 34.44 -22.02
C THR B 462 12.65 34.63 -22.85
N GLY B 463 13.80 34.23 -22.32
CA GLY B 463 15.05 34.18 -23.13
C GLY B 463 15.53 35.58 -23.51
N THR B 464 15.02 36.66 -22.91
CA THR B 464 15.54 38.01 -23.20
C THR B 464 16.87 38.23 -22.49
N ASP B 465 17.05 37.63 -21.33
CA ASP B 465 18.36 37.61 -20.65
C ASP B 465 19.15 36.49 -21.28
N PRO B 466 20.27 36.79 -21.97
CA PRO B 466 21.00 35.75 -22.67
C PRO B 466 21.64 34.69 -21.79
N ILE B 467 21.78 34.93 -20.49
CA ILE B 467 22.33 33.92 -19.58
C ILE B 467 21.38 32.71 -19.57
N ASP B 468 20.08 32.94 -19.71
CA ASP B 468 19.05 31.86 -19.63
C ASP B 468 19.33 30.81 -20.70
N ALA B 469 19.73 31.22 -21.90
CA ALA B 469 20.05 30.25 -22.97
C ALA B 469 21.26 29.42 -22.57
N GLN B 470 22.27 29.98 -21.90
CA GLN B 470 23.47 29.22 -21.48
C GLN B 470 23.10 28.14 -20.44
N VAL B 471 22.29 28.51 -19.46
CA VAL B 471 21.80 27.55 -18.44
C VAL B 471 20.96 26.48 -19.15
N TYR B 472 20.03 26.88 -20.00
CA TYR B 472 19.10 25.92 -20.63
C TYR B 472 19.87 24.96 -21.55
N THR B 473 20.85 25.45 -22.31
CA THR B 473 21.70 24.59 -23.16
C THR B 473 22.41 23.56 -22.30
N SER B 474 22.88 23.94 -21.14
CA SER B 474 23.57 22.99 -20.24
CA SER B 474 23.57 22.98 -20.23
C SER B 474 22.57 21.90 -19.77
N LEU B 475 21.34 22.29 -19.47
CA LEU B 475 20.32 21.31 -19.01
C LEU B 475 20.04 20.32 -20.15
N PHE B 476 19.88 20.82 -21.36
CA PHE B 476 19.69 19.97 -22.58
C PHE B 476 20.82 18.98 -22.67
N ARG B 477 22.06 19.42 -22.55
CA ARG B 477 23.20 18.49 -22.70
C ARG B 477 23.18 17.44 -21.60
N LYS B 478 22.80 17.79 -20.38
N LYS B 478 22.83 17.76 -20.35
CA LYS B 478 22.74 16.78 -19.31
CA LYS B 478 22.78 16.70 -19.31
C LYS B 478 21.67 15.73 -19.66
C LYS B 478 21.65 15.71 -19.64
N ASN B 479 20.52 16.14 -20.16
CA ASN B 479 19.45 15.20 -20.59
C ASN B 479 20.06 14.25 -21.64
N ARG B 480 20.85 14.81 -22.56
CA ARG B 480 21.45 13.98 -23.65
C ARG B 480 22.33 12.91 -22.99
N GLU B 481 23.09 13.25 -21.95
CA GLU B 481 23.95 12.29 -21.25
C GLU B 481 23.09 11.13 -20.76
N ILE B 482 21.94 11.42 -20.14
CA ILE B 482 21.08 10.33 -19.59
C ILE B 482 20.73 9.36 -20.72
N PHE B 483 20.25 9.87 -21.83
CA PHE B 483 19.78 9.01 -22.94
C PHE B 483 20.93 8.22 -23.58
N ASN B 484 22.16 8.69 -23.42
CA ASN B 484 23.37 8.05 -24.00
CA ASN B 484 23.38 8.04 -23.98
C ASN B 484 24.02 7.12 -22.96
N ALA B 485 23.48 7.02 -21.76
CA ALA B 485 24.08 6.18 -20.69
C ALA B 485 23.73 4.71 -20.94
N PRO B 486 24.57 3.79 -20.45
CA PRO B 486 24.37 2.36 -20.75
C PRO B 486 22.93 1.84 -20.54
N SER B 487 22.29 2.17 -19.40
CA SER B 487 20.95 1.65 -19.06
C SER B 487 19.87 2.21 -20.00
N MET B 488 20.06 3.33 -20.69
CA MET B 488 19.04 3.79 -21.68
C MET B 488 19.38 3.31 -23.10
N ARG B 489 20.65 3.15 -23.39
CA ARG B 489 21.11 2.71 -24.74
C ARG B 489 20.47 1.38 -25.11
N VAL B 490 20.22 0.49 -24.14
CA VAL B 490 19.58 -0.83 -24.41
C VAL B 490 18.17 -0.66 -25.02
N LEU B 491 17.50 0.48 -24.83
CA LEU B 491 16.16 0.74 -25.43
C LEU B 491 16.32 1.31 -26.85
N GLY B 492 17.54 1.64 -27.26
CA GLY B 492 17.82 2.19 -28.60
C GLY B 492 17.17 3.54 -28.88
N PRO B 493 17.32 4.52 -27.96
CA PRO B 493 16.79 5.86 -28.20
C PRO B 493 17.63 6.65 -29.21
N SER B 494 16.94 7.47 -29.99
CA SER B 494 17.59 8.54 -30.77
CA SER B 494 17.53 8.51 -30.87
C SER B 494 16.73 9.80 -30.72
N GLU B 495 17.39 10.92 -30.48
CA GLU B 495 16.73 12.23 -30.57
C GLU B 495 16.17 12.39 -31.97
N ALA B 496 14.92 12.80 -32.08
CA ALA B 496 14.21 12.99 -33.34
C ALA B 496 14.32 14.45 -33.75
N ALA B 497 14.17 14.72 -35.04
CA ALA B 497 14.04 16.12 -35.50
C ALA B 497 12.91 16.81 -34.76
N PRO B 498 12.99 18.13 -34.47
CA PRO B 498 14.10 19.00 -34.94
C PRO B 498 15.37 19.01 -34.07
N PHE B 499 15.48 18.09 -33.10
CA PHE B 499 16.75 17.81 -32.40
C PHE B 499 17.49 16.73 -33.18
N GLY B 500 18.43 16.06 -32.56
CA GLY B 500 19.22 15.03 -33.22
C GLY B 500 20.68 15.08 -32.80
N ALA B 501 21.32 13.93 -32.85
CA ALA B 501 22.72 13.73 -32.41
C ALA B 501 23.65 14.61 -33.27
N ASN B 502 23.23 14.95 -34.49
CA ASN B 502 24.06 15.76 -35.41
C ASN B 502 24.06 17.24 -34.97
N LEU B 503 23.23 17.66 -34.00
CA LEU B 503 23.33 19.02 -33.42
CA LEU B 503 23.31 19.02 -33.40
C LEU B 503 24.29 18.93 -32.23
N THR B 504 25.53 19.39 -32.40
CA THR B 504 26.60 19.22 -31.39
C THR B 504 27.02 20.58 -30.83
N THR B 505 26.77 21.69 -31.52
CA THR B 505 27.25 22.99 -31.00
C THR B 505 26.16 23.65 -30.16
N ASP B 506 26.57 24.51 -29.23
CA ASP B 506 25.58 25.33 -28.50
C ASP B 506 24.67 26.05 -29.47
N GLU B 507 25.24 26.62 -30.53
N GLU B 507 25.20 26.65 -30.55
CA GLU B 507 24.50 27.46 -31.50
CA GLU B 507 24.38 27.48 -31.48
C GLU B 507 23.39 26.62 -32.18
C GLU B 507 23.34 26.59 -32.17
N GLU B 508 23.75 25.41 -32.61
CA GLU B 508 22.86 24.45 -33.32
C GLU B 508 21.71 24.02 -32.41
N ILE B 509 22.07 23.67 -31.18
CA ILE B 509 21.05 23.20 -30.18
C ILE B 509 20.15 24.36 -29.85
N TYR B 510 20.69 25.52 -29.44
CA TYR B 510 19.81 26.59 -28.93
C TYR B 510 18.93 27.20 -30.03
N ALA B 511 19.34 27.16 -31.30
CA ALA B 511 18.51 27.67 -32.41
C ALA B 511 17.19 26.87 -32.45
N VAL B 512 17.27 25.55 -32.21
CA VAL B 512 16.02 24.73 -32.11
C VAL B 512 15.28 25.09 -30.82
N MET B 513 16.00 25.19 -29.72
CA MET B 513 15.31 25.52 -28.45
C MET B 513 14.55 26.83 -28.55
N ARG B 514 15.11 27.84 -29.24
CA ARG B 514 14.44 29.15 -29.39
C ARG B 514 13.07 28.95 -30.04
N GLU B 515 12.94 28.00 -30.97
CA GLU B 515 11.66 27.73 -31.68
C GLU B 515 10.71 26.81 -30.85
N LEU B 516 11.23 26.00 -29.92
CA LEU B 516 10.40 24.97 -29.24
C LEU B 516 10.12 25.31 -27.77
N ILE B 517 10.97 26.07 -27.10
CA ILE B 517 10.74 26.39 -25.64
C ILE B 517 9.33 26.95 -25.47
N ASN B 518 8.61 26.45 -24.47
CA ASN B 518 7.35 27.04 -24.02
C ASN B 518 7.73 27.99 -22.91
N PRO B 519 7.29 29.26 -22.96
CA PRO B 519 7.57 30.21 -21.89
C PRO B 519 7.09 29.78 -20.51
N SER B 520 6.06 28.92 -20.46
CA SER B 520 5.24 28.77 -19.26
C SER B 520 4.91 27.29 -19.01
N ASN B 521 4.96 26.92 -17.75
CA ASN B 521 4.32 25.68 -17.23
CA ASN B 521 4.27 25.68 -17.28
C ASN B 521 3.09 26.06 -16.38
N ALA B 522 2.48 27.22 -16.60
CA ALA B 522 1.40 27.78 -15.77
C ALA B 522 1.90 27.96 -14.33
N HIS B 523 3.16 28.37 -14.20
CA HIS B 523 3.75 28.69 -12.86
C HIS B 523 3.90 30.21 -12.65
N GLN B 524 3.01 31.03 -13.21
CA GLN B 524 3.18 32.48 -13.24
C GLN B 524 3.27 32.98 -11.81
N CYS B 525 4.23 33.85 -11.53
CA CYS B 525 4.43 34.36 -10.15
C CYS B 525 4.99 35.77 -10.19
N CYS B 526 5.04 36.36 -9.02
CA CYS B 526 6.06 37.35 -8.61
C CYS B 526 5.72 38.75 -9.08
N THR B 527 4.48 38.96 -9.51
CA THR B 527 4.00 40.23 -10.12
C THR B 527 3.45 41.21 -9.06
N ALA B 528 3.49 40.89 -7.79
CA ALA B 528 3.16 41.83 -6.68
C ALA B 528 4.12 41.54 -5.53
N ALA B 529 5.42 41.66 -5.83
CA ALA B 529 6.48 41.00 -5.08
C ALA B 529 6.60 41.51 -3.65
N MET B 530 6.93 40.62 -2.77
CA MET B 530 7.27 40.91 -1.37
C MET B 530 8.75 41.32 -1.29
N MET B 531 9.00 42.62 -1.47
CA MET B 531 10.31 43.25 -1.27
C MET B 531 10.03 44.61 -0.66
N PRO B 532 11.04 45.23 -0.02
CA PRO B 532 10.91 46.65 0.34
C PRO B 532 10.39 47.48 -0.82
N LYS B 533 9.59 48.51 -0.51
CA LYS B 533 9.04 49.42 -1.52
C LYS B 533 10.18 50.07 -2.35
N ASP B 534 11.32 50.41 -1.72
CA ASP B 534 12.42 51.09 -2.44
C ASP B 534 13.17 50.11 -3.34
N MET B 535 12.78 48.82 -3.30
CA MET B 535 13.29 47.75 -4.22
C MET B 535 12.20 47.33 -5.20
N GLY B 536 11.15 48.13 -5.39
CA GLY B 536 10.08 47.86 -6.35
C GLY B 536 9.08 46.83 -5.82
N GLY B 537 9.12 46.59 -4.54
CA GLY B 537 8.17 45.72 -3.83
C GLY B 537 6.78 46.29 -3.90
N VAL B 538 5.79 45.41 -3.79
CA VAL B 538 4.35 45.78 -3.71
C VAL B 538 3.82 45.44 -2.32
N VAL B 539 4.37 44.44 -1.64
CA VAL B 539 3.88 44.06 -0.28
C VAL B 539 5.03 43.96 0.70
N SER B 540 4.72 44.22 1.96
CA SER B 540 5.61 44.12 3.10
C SER B 540 5.85 42.65 3.46
N SER B 541 6.62 42.40 4.51
CA SER B 541 6.92 41.01 4.95
C SER B 541 5.66 40.35 5.55
N GLU B 542 4.67 41.18 5.92
N GLU B 542 4.64 41.12 5.96
CA GLU B 542 3.33 40.81 6.44
CA GLU B 542 3.37 40.53 6.43
C GLU B 542 2.35 40.65 5.27
C GLU B 542 2.35 40.64 5.29
N GLN B 543 2.83 40.82 4.05
CA GLN B 543 2.04 40.69 2.81
C GLN B 543 1.00 41.80 2.70
N LYS B 544 1.21 42.92 3.39
CA LYS B 544 0.33 44.11 3.21
C LYS B 544 0.79 44.99 2.07
N VAL B 545 -0.15 45.41 1.24
CA VAL B 545 0.11 46.26 0.07
C VAL B 545 0.55 47.65 0.57
N TYR B 546 1.67 48.15 0.04
CA TYR B 546 2.21 49.47 0.48
C TYR B 546 1.21 50.58 0.15
N GLY B 547 1.06 51.50 1.10
CA GLY B 547 0.32 52.75 0.84
C GLY B 547 -1.13 52.63 1.24
N VAL B 548 -1.59 51.43 1.60
CA VAL B 548 -3.00 51.21 2.00
C VAL B 548 -3.09 50.28 3.20
N GLN B 549 -4.24 50.30 3.85
CA GLN B 549 -4.55 49.49 5.03
C GLN B 549 -5.64 48.47 4.68
N GLY B 550 -5.54 47.30 5.32
CA GLY B 550 -6.54 46.23 5.33
C GLY B 550 -6.49 45.44 4.01
N LEU B 551 -5.36 45.49 3.29
CA LEU B 551 -5.25 44.79 1.98
C LEU B 551 -3.97 43.93 1.99
N ARG B 552 -4.13 42.65 1.67
CA ARG B 552 -2.96 41.76 1.54
C ARG B 552 -2.99 40.99 0.22
N VAL B 553 -1.84 40.43 -0.14
CA VAL B 553 -1.71 39.51 -1.31
C VAL B 553 -1.28 38.16 -0.76
N ALA B 554 -2.11 37.13 -1.01
CA ALA B 554 -1.90 35.77 -0.51
C ALA B 554 -1.38 34.83 -1.60
N ASP B 555 -1.69 35.11 -2.85
CA ASP B 555 -1.33 34.18 -3.96
C ASP B 555 0.13 34.43 -4.36
N ILE B 556 0.66 33.63 -5.29
CA ILE B 556 2.14 33.55 -5.49
C ILE B 556 2.61 34.76 -6.30
N SER B 557 1.72 35.70 -6.65
CA SER B 557 2.11 37.09 -7.01
CA SER B 557 2.19 37.04 -7.08
C SER B 557 3.12 37.66 -6.00
N PHE B 558 3.03 37.28 -4.73
CA PHE B 558 3.89 37.94 -3.71
C PHE B 558 5.34 37.42 -3.80
N TRP B 559 5.59 36.25 -4.40
CA TRP B 559 6.94 35.66 -4.30
C TRP B 559 7.96 36.59 -4.98
N PRO B 560 9.16 36.80 -4.40
CA PRO B 560 10.21 37.53 -5.11
C PRO B 560 10.67 36.85 -6.41
N PHE B 561 10.85 35.52 -6.34
CA PHE B 561 11.34 34.75 -7.51
C PHE B 561 11.06 33.25 -7.34
N GLN B 562 11.18 32.56 -8.49
CA GLN B 562 10.83 31.13 -8.64
C GLN B 562 11.71 30.23 -7.75
N LEU B 563 11.09 29.16 -7.32
CA LEU B 563 11.72 28.11 -6.48
C LEU B 563 12.52 27.11 -7.31
N SER B 564 13.44 26.42 -6.63
CA SER B 564 13.98 25.11 -7.07
C SER B 564 12.85 24.09 -6.80
N GLY B 565 11.85 24.05 -7.67
CA GLY B 565 10.62 23.28 -7.46
C GLY B 565 9.44 23.95 -8.11
N SER B 566 8.32 23.24 -8.19
CA SER B 566 7.08 23.79 -8.76
CA SER B 566 7.08 23.79 -8.76
C SER B 566 6.31 24.46 -7.62
N PRO B 567 5.39 25.38 -7.90
CA PRO B 567 4.90 26.26 -6.84
C PRO B 567 3.89 25.69 -5.84
N MET B 568 3.19 24.62 -6.19
CA MET B 568 1.94 24.25 -5.44
C MET B 568 2.18 24.03 -3.94
N ALA B 569 3.13 23.20 -3.52
CA ALA B 569 3.28 22.94 -2.07
C ALA B 569 3.52 24.25 -1.31
N THR B 570 4.33 25.14 -1.87
CA THR B 570 4.61 26.43 -1.19
C THR B 570 3.35 27.33 -1.25
N ALA B 571 2.55 27.27 -2.30
CA ALA B 571 1.31 28.07 -2.37
C ALA B 571 0.42 27.68 -1.17
N TYR B 572 0.24 26.40 -0.88
CA TYR B 572 -0.54 25.93 0.30
C TYR B 572 0.15 26.42 1.59
N ALA B 573 1.46 26.16 1.76
CA ALA B 573 2.14 26.44 3.04
C ALA B 573 2.15 27.94 3.28
N GLY B 574 2.42 28.75 2.27
CA GLY B 574 2.47 30.22 2.47
C GLY B 574 1.13 30.73 2.93
N ALA B 575 0.04 30.14 2.47
CA ALA B 575 -1.34 30.55 2.85
C ALA B 575 -1.62 30.05 4.27
N GLU B 576 -1.10 28.89 4.68
CA GLU B 576 -1.20 28.39 6.05
C GLU B 576 -0.53 29.43 6.97
N ARG B 577 0.67 29.86 6.59
CA ARG B 577 1.44 30.81 7.40
C ARG B 577 0.67 32.11 7.48
N LEU B 578 0.17 32.65 6.36
CA LEU B 578 -0.52 33.97 6.37
C LEU B 578 -1.76 33.89 7.25
N ALA B 579 -2.46 32.76 7.25
CA ALA B 579 -3.66 32.63 8.12
C ALA B 579 -3.24 32.90 9.57
N ASP B 580 -2.11 32.35 10.05
CA ASP B 580 -1.67 32.52 11.45
C ASP B 580 -1.31 33.98 11.67
N VAL B 581 -0.63 34.62 10.74
CA VAL B 581 -0.28 36.07 10.84
C VAL B 581 -1.56 36.89 11.06
N ILE B 582 -2.57 36.68 10.22
CA ILE B 582 -3.86 37.42 10.27
C ILE B 582 -4.56 37.08 11.60
N LYS B 583 -4.58 35.82 12.03
CA LYS B 583 -5.25 35.42 13.30
C LYS B 583 -4.55 36.15 14.46
N LYS B 584 -3.21 36.22 14.48
CA LYS B 584 -2.52 36.77 15.67
C LYS B 584 -2.84 38.25 15.73
N GLU B 585 -2.82 38.94 14.60
CA GLU B 585 -3.01 40.41 14.54
C GLU B 585 -4.42 40.77 15.03
N HIS B 586 -5.42 39.95 14.71
CA HIS B 586 -6.83 40.28 15.00
C HIS B 586 -7.31 39.50 16.21
N ARG B 587 -6.43 38.76 16.89
CA ARG B 587 -6.79 37.96 18.10
C ARG B 587 -7.95 37.02 17.74
N LEU B 588 -7.88 36.37 16.59
CA LEU B 588 -8.91 35.37 16.17
C LEU B 588 -8.58 34.03 16.81
N ALA B 589 -9.53 33.09 16.79
CA ALA B 589 -9.36 31.74 17.39
C ALA B 589 -8.64 30.84 16.37
C1 NAG C . 8.44 -8.35 8.96
C2 NAG C . 8.49 -6.90 8.53
C3 NAG C . 9.86 -6.27 8.90
C4 NAG C . 10.02 -6.30 10.44
C5 NAG C . 9.57 -7.64 11.06
C6 NAG C . 9.37 -7.55 12.61
C7 NAG C . 7.31 -5.58 6.82
C8 NAG C . 6.88 -5.44 5.38
N2 NAG C . 8.05 -6.63 7.13
O3 NAG C . 9.85 -4.88 8.57
O4 NAG C . 11.41 -5.97 10.90
O5 NAG C . 8.38 -8.14 10.45
O6 NAG C . 8.56 -6.42 13.01
O7 NAG C . 6.98 -4.72 7.61
C1 NAG C . 11.63 -4.59 11.21
C2 NAG C . 12.61 -4.38 12.36
C3 NAG C . 12.97 -2.91 12.47
C4 NAG C . 13.41 -2.29 11.14
C5 NAG C . 12.28 -2.55 10.15
C6 NAG C . 12.57 -1.94 8.79
C7 NAG C . 12.22 -5.83 14.36
C8 NAG C . 11.37 -6.00 15.59
N2 NAG C . 11.97 -4.73 13.63
O3 NAG C . 13.90 -2.72 13.53
O4 NAG C . 13.64 -0.86 11.29
O5 NAG C . 12.09 -3.97 10.02
O6 NAG C . 13.23 -2.92 7.98
O7 NAG C . 13.06 -6.66 14.04
C1 NAG D . -6.19 12.64 3.63
C2 NAG D . -6.12 11.34 4.34
C3 NAG D . -7.32 11.26 5.32
C4 NAG D . -7.11 12.24 6.50
C5 NAG D . -6.65 13.62 5.99
C6 NAG D . -6.00 14.46 7.17
C7 NAG D . -5.22 9.17 3.66
C8 NAG D . -5.14 8.08 2.61
N2 NAG D . -6.02 10.22 3.39
O3 NAG D . -7.24 10.05 6.03
O4 NAG D . -8.31 12.38 7.40
O5 NAG D . -5.92 13.60 4.70
O6 NAG D . -5.03 13.71 8.01
O7 NAG D . -4.58 9.07 4.69
C1 NAG D . -8.14 11.72 8.67
C2 NAG D . -9.10 12.29 9.73
C3 NAG D . -9.27 11.33 10.92
C4 NAG D . -9.60 9.93 10.43
C5 NAG D . -8.46 9.44 9.54
C6 NAG D . -8.76 8.07 8.97
C7 NAG D . -8.90 14.76 9.63
C8 NAG D . -8.48 16.02 10.36
N2 NAG D . -8.60 13.59 10.22
O3 NAG D . -10.30 11.76 11.81
O4 NAG D . -9.80 8.99 11.51
O5 NAG D . -8.31 10.34 8.43
O6 NAG D . -9.98 8.19 8.22
O7 NAG D . -9.50 14.84 8.57
PA FDA E . 4.89 -29.23 10.53
O1A FDA E . 4.30 -30.20 9.53
O2A FDA E . 4.96 -27.76 10.23
O5B FDA E . 6.39 -29.70 10.89
C5B FDA E . 6.69 -31.09 11.17
C4B FDA E . 8.08 -31.34 10.64
O4B FDA E . 8.57 -32.59 11.19
C3B FDA E . 8.19 -31.48 9.11
O3B FDA E . 9.01 -30.44 8.54
C2B FDA E . 8.69 -32.92 8.91
O2B FDA E . 9.58 -33.10 7.82
C1B FDA E . 9.38 -33.20 10.23
N9A FDA E . 9.47 -34.58 10.66
C8A FDA E . 8.46 -35.54 10.68
N7A FDA E . 8.86 -36.67 11.24
C5A FDA E . 10.18 -36.44 11.60
C6A FDA E . 11.16 -37.25 12.24
N6A FDA E . 10.95 -38.52 12.63
N1A FDA E . 12.38 -36.69 12.42
C2A FDA E . 12.60 -35.44 12.03
N3A FDA E . 11.77 -34.58 11.42
C4A FDA E . 10.57 -35.16 11.24
N1 FDA E . -2.47 -24.28 7.48
C2 FDA E . -2.87 -22.98 7.51
O2 FDA E . -3.20 -22.43 8.55
N3 FDA E . -3.00 -22.36 6.31
C4 FDA E . -2.82 -22.95 5.07
O4 FDA E . -2.95 -22.24 4.04
C4X FDA E . -2.48 -24.29 5.06
N5 FDA E . -2.35 -25.01 3.89
C5X FDA E . -1.62 -26.17 3.88
C6 FDA E . -1.17 -26.70 2.67
C7 FDA E . -0.28 -27.74 2.64
C7M FDA E . 0.21 -28.28 1.33
C8 FDA E . 0.20 -28.26 3.87
C8M FDA E . 1.16 -29.40 3.89
C9 FDA E . -0.27 -27.74 5.06
C9A FDA E . -1.20 -26.71 5.08
N10 FDA E . -1.69 -26.16 6.29
C10 FDA E . -2.21 -24.91 6.29
C1' FDA E . -1.42 -26.84 7.58
C2' FDA E . -0.30 -26.24 8.39
O2' FDA E . 0.78 -25.82 7.58
C3' FDA E . 0.16 -27.33 9.38
O3' FDA E . -0.99 -27.69 10.19
C4' FDA E . 1.29 -26.87 10.30
O4' FDA E . 2.49 -26.71 9.54
C5' FDA E . 1.54 -27.84 11.43
O5' FDA E . 2.74 -27.42 12.12
P FDA E . 3.55 -28.49 13.00
O1P FDA E . 4.70 -27.78 13.65
O2P FDA E . 2.56 -29.30 13.77
O3P FDA E . 4.07 -29.48 11.86
C1 NAG F . -16.05 -51.07 2.30
C2 NAG F . -17.49 -51.26 1.86
C3 NAG F . -18.22 -52.20 2.81
C4 NAG F . -17.43 -53.49 2.90
C5 NAG F . -16.00 -53.24 3.36
C6 NAG F . -15.26 -54.56 3.38
C7 NAG F . -18.82 -49.48 0.80
C8 NAG F . -19.52 -48.17 1.04
N2 NAG F . -18.21 -50.01 1.87
O3 NAG F . -19.55 -52.44 2.32
O4 NAG F . -18.09 -54.33 3.84
O5 NAG F . -15.33 -52.30 2.49
O6 NAG F . -13.88 -54.35 3.04
O7 NAG F . -18.81 -50.01 -0.29
C1 NAG G . -17.35 -3.65 -1.02
C2 NAG G . -17.68 -4.39 -2.32
C3 NAG G . -18.64 -3.51 -3.10
C4 NAG G . -19.83 -3.16 -2.32
C5 NAG G . -19.45 -2.59 -0.94
C6 NAG G . -20.61 -2.32 0.01
C6 NAG G . -20.68 -2.36 -0.09
C7 NAG G . -15.66 -5.68 -2.95
C8 NAG G . -14.45 -5.74 -3.80
N2 NAG G . -16.45 -4.63 -3.05
O3 NAG G . -18.98 -4.12 -4.37
O4 NAG G . -20.69 -2.18 -3.00
O5 NAG G . -18.55 -3.52 -0.30
O6 NAG G . -21.26 -3.55 0.40
O6 NAG G . -20.40 -1.83 1.21
O7 NAG G . -15.98 -6.61 -2.21
C1 NAG H . -5.48 -12.86 -22.61
C2 NAG H . -6.80 -12.26 -22.98
C3 NAG H . -6.57 -10.90 -23.70
C4 NAG H . -5.70 -9.99 -22.79
C5 NAG H . -4.43 -10.70 -22.41
C6 NAG H . -3.48 -10.00 -21.49
C7 NAG H . -8.47 -13.87 -23.66
C8 NAG H . -8.99 -14.70 -24.81
N2 NAG H . -7.45 -13.10 -23.99
O3 NAG H . -7.80 -10.26 -24.00
O4 NAG H . -5.46 -8.76 -23.50
O5 NAG H . -4.78 -11.94 -21.73
O6 NAG H . -4.25 -9.42 -20.43
O7 NAG H . -8.85 -13.93 -22.49
C1 NPO I . -10.42 -21.09 7.23
C2 NPO I . -10.38 -22.33 7.84
C3 NPO I . -9.67 -23.34 7.22
C4 NPO I . -9.01 -23.10 6.02
C5 NPO I . -9.05 -21.84 5.44
C6 NPO I . -9.75 -20.82 6.04
OH NPO I . -8.33 -24.11 5.45
N1 NPO I . -11.18 -20.04 7.86
O2 NPO I . -11.50 -19.07 7.19
O3 NPO I . -11.47 -20.16 9.05
C1 NPO J . -2.83 -29.38 -1.26
C2 NPO J . -3.07 -28.94 0.04
C3 NPO J . -3.57 -29.85 0.96
C4 NPO J . -3.84 -31.15 0.57
C5 NPO J . -3.64 -31.55 -0.75
C6 NPO J . -3.12 -30.66 -1.67
OH NPO J . -4.35 -32.07 1.44
N1 NPO J . -2.30 -28.44 -2.24
O2 NPO J . -2.26 -27.25 -1.94
O3 NPO J . -1.97 -28.89 -3.34
C FMT K . -5.79 -23.48 3.73
O1 FMT K . -6.91 -23.15 3.45
O2 FMT K . -5.46 -23.88 4.93
C FMT L . -31.50 -25.01 7.35
O1 FMT L . -31.92 -23.93 7.00
O2 FMT L . -31.74 -26.12 6.81
C FMT M . -15.24 -5.58 5.64
O1 FMT M . -15.18 -5.79 6.83
O2 FMT M . -15.95 -4.62 5.07
C ACT N . -13.25 -15.05 -19.02
O ACT N . -12.05 -14.83 -18.75
OXT ACT N . -14.08 -14.15 -19.29
CH3 ACT N . -13.72 -16.50 -19.04
O1 PG4 O . 0.21 -22.18 -16.45
C1 PG4 O . 0.69 -23.31 -17.17
C2 PG4 O . -0.39 -24.01 -17.95
O2 PG4 O . -0.90 -25.08 -17.17
C3 PG4 O . -1.83 -25.91 -17.85
C4 PG4 O . -2.36 -26.95 -16.94
O3 PG4 O . -3.05 -26.34 -15.86
C5 PG4 O . -3.72 -27.30 -15.03
C6 PG4 O . -4.49 -26.60 -13.95
O4 PG4 O . -3.59 -25.83 -13.14
C7 PG4 O . -4.25 -25.14 -12.08
C8 PG4 O . -3.31 -24.31 -11.26
O5 PG4 O . -2.39 -25.09 -10.49
C1 PGE P . 7.66 -27.92 -10.98
O1 PGE P . 7.67 -26.50 -11.00
C2 PGE P . 7.14 -28.51 -12.24
O2 PGE P . 5.83 -29.05 -12.01
C3 PGE P . 5.24 -29.54 -13.19
C4 PGE P . 4.10 -30.40 -12.83
O4 PGE P . 1.27 -26.43 -12.80
C6 PGE P . 1.40 -27.85 -12.87
C5 PGE P . 2.83 -28.31 -13.01
O3 PGE P . 2.92 -29.65 -12.53
MG MG Q . -24.60 -5.79 -0.77
MG MG R . -16.47 -1.15 2.76
MG MG S . 0.87 1.41 4.23
NA NA T . -0.48 -1.69 -4.89
PA FDA U . -4.35 29.92 -8.45
O1A FDA U . -4.15 29.99 -9.94
O2A FDA U . -4.37 28.55 -7.81
O5B FDA U . -5.76 30.61 -8.13
C5B FDA U . -6.10 31.92 -8.57
C4B FDA U . -7.59 31.92 -8.79
O4B FDA U . -8.03 33.27 -8.97
C3B FDA U . -8.11 31.13 -10.01
O3B FDA U . -8.97 30.08 -9.61
C2B FDA U . -8.78 32.23 -10.88
O2B FDA U . -9.92 31.77 -11.55
C1B FDA U . -9.14 33.28 -9.86
N9A FDA U . -9.22 34.64 -10.33
C8A FDA U . -8.39 35.32 -11.15
N7A FDA U . -8.74 36.59 -11.32
C5A FDA U . -9.87 36.73 -10.54
C6A FDA U . -10.70 37.84 -10.24
N6A FDA U . -10.49 39.06 -10.73
N1A FDA U . -11.77 37.61 -9.43
C2A FDA U . -11.97 36.37 -8.94
N3A FDA U . -11.25 35.28 -9.16
C4A FDA U . -10.20 35.54 -9.94
N1 FDA U . 2.36 23.48 -9.79
C2 FDA U . 2.89 22.44 -9.11
O2 FDA U . 3.51 22.64 -8.10
N3 FDA U . 2.75 21.21 -9.68
C4 FDA U . 2.24 20.96 -10.95
O4 FDA U . 2.15 19.80 -11.36
C4X FDA U . 1.78 22.06 -11.67
N5 FDA U . 1.27 21.96 -12.93
C5X FDA U . 0.44 22.92 -13.44
C6 FDA U . -0.35 22.66 -14.55
C7 FDA U . -1.35 23.52 -14.93
C7M FDA U . -2.20 23.18 -16.12
C8 FDA U . -1.56 24.72 -14.20
C8M FDA U . -2.64 25.70 -14.56
C9 FDA U . -0.74 24.98 -13.11
C9A FDA U . 0.26 24.08 -12.73
N10 FDA U . 1.10 24.34 -11.61
C10 FDA U . 1.76 23.30 -11.01
C1' FDA U . 1.09 25.68 -10.97
C2' FDA U . 0.31 25.78 -9.68
O2' FDA U . -0.87 25.06 -9.75
C3' FDA U . 0.03 27.27 -9.44
O3' FDA U . 1.29 28.00 -9.39
C4' FDA U . -0.80 27.57 -8.19
O4' FDA U . -2.15 27.10 -8.38
C5' FDA U . -0.80 29.03 -7.82
O5' FDA U . -1.71 29.20 -6.74
P FDA U . -2.35 30.68 -6.48
O1P FDA U . -3.21 30.56 -5.27
O2P FDA U . -1.28 31.70 -6.69
O3P FDA U . -3.25 30.80 -7.79
C1 NAG V . 11.14 40.32 -33.71
C2 NAG V . 12.21 40.18 -34.78
C3 NAG V . 13.13 41.40 -34.75
C4 NAG V . 12.23 42.62 -34.97
C5 NAG V . 11.21 42.70 -33.82
C6 NAG V . 10.27 43.90 -33.91
C7 NAG V . 13.06 38.00 -35.59
C8 NAG V . 12.57 38.29 -36.99
N2 NAG V . 12.93 38.92 -34.62
O3 NAG V . 14.16 41.24 -35.75
O4 NAG V . 13.03 43.80 -35.01
O5 NAG V . 10.38 41.52 -33.84
O6 NAG V . 9.43 43.72 -35.06
O7 NAG V . 13.56 36.91 -35.38
C1 NAG W . 16.49 0.85 -7.91
C2 NAG W . 16.32 0.58 -9.37
C3 NAG W . 17.11 -0.69 -9.67
C4 NAG W . 18.52 -0.58 -9.21
C5 NAG W . 18.60 -0.17 -7.77
C6 NAG W . 20.04 0.08 -7.37
C7 NAG W . 14.10 1.41 -10.04
C8 NAG W . 12.73 0.97 -10.40
N2 NAG W . 14.89 0.45 -9.69
O3 NAG W . 17.07 -0.96 -11.06
O4 NAG W . 19.21 -1.90 -9.36
O5 NAG W . 17.83 1.03 -7.59
O6 NAG W . 20.11 0.38 -5.99
O7 NAG W . 14.42 2.59 -10.08
C1 NAG X . -1.46 -4.40 -26.13
C2 NAG X . -0.27 -5.25 -26.53
C3 NAG X . -0.56 -6.72 -26.18
C4 NAG X . -0.98 -6.80 -24.68
C5 NAG X . -2.16 -5.91 -24.41
C6 NAG X . -2.74 -5.80 -23.00
C7 NAG X . 0.96 -4.51 -28.50
C8 NAG X . 0.98 -4.54 -30.03
N2 NAG X . -0.05 -5.19 -27.96
O3 NAG X . 0.64 -7.45 -26.40
O4 NAG X . -1.29 -8.17 -24.35
O5 NAG X . -1.81 -4.54 -24.75
O6 NAG X . -1.65 -5.72 -22.12
O7 NAG X . 1.76 -3.85 -27.83
C1 NPO Y . 10.20 20.18 -10.32
C2 NPO Y . 10.20 21.54 -10.59
C3 NPO Y . 9.25 22.02 -11.45
C4 NPO Y . 8.30 21.18 -12.01
C5 NPO Y . 8.30 19.82 -11.73
C6 NPO Y . 9.27 19.31 -10.89
OH NPO Y . 7.37 21.70 -12.87
N1 NPO Y . 11.19 19.67 -9.45
O2 NPO Y . 11.38 18.47 -9.47
O3 NPO Y . 11.77 20.45 -8.67
C FMT Z . 4.65 20.37 -13.03
O1 FMT Z . 5.63 19.77 -13.40
O2 FMT Z . 4.71 21.42 -12.27
C FMT AA . 29.97 21.67 -18.69
O1 FMT AA . 30.49 20.68 -18.25
O2 FMT AA . 29.88 22.03 -19.94
C FMT BA . -13.78 38.61 14.83
O1 FMT BA . -13.65 38.71 16.04
O2 FMT BA . -14.90 38.81 14.16
C FMT CA . -18.34 40.74 10.09
O1 FMT CA . -17.44 40.67 10.89
O2 FMT CA . -18.82 41.86 9.58
C FMT DA . -4.74 -3.22 -29.47
O1 FMT DA . -5.83 -3.07 -28.96
O2 FMT DA . -4.04 -2.25 -30.02
C ACT EA . 6.55 -0.70 -26.96
O ACT EA . 7.64 -1.20 -27.31
OXT ACT EA . 5.74 -1.25 -26.16
CH3 ACT EA . 6.16 0.67 -27.53
O1 PG4 FA . 4.12 35.33 12.14
C1 PG4 FA . 4.42 34.01 11.67
C2 PG4 FA . 3.35 33.03 12.04
O2 PG4 FA . 3.33 32.83 13.45
C3 PG4 FA . 4.19 31.76 13.86
C4 PG4 FA . 3.91 31.42 15.30
O3 PG4 FA . 4.20 32.55 16.11
C5 PG4 FA . 3.92 32.35 17.49
C6 PG4 FA . 4.66 33.37 18.29
O4 PG4 FA . 4.06 34.65 18.09
C7 PG4 FA . 4.57 35.64 18.98
C8 PG4 FA . 3.84 36.93 18.79
O5 PG4 FA . 3.73 37.30 17.43
C1 PGE GA . -6.55 12.39 -22.09
O1 PGE GA . -7.97 12.49 -22.15
C2 PGE GA . -6.05 11.35 -21.12
O2 PGE GA . -6.71 10.10 -21.33
C3 PGE GA . -5.87 8.94 -21.27
C4 PGE GA . -5.47 8.55 -22.65
O4 PGE GA . -6.79 7.52 -26.52
C6 PGE GA . -5.99 7.60 -25.34
C5 PGE GA . -6.66 7.06 -24.11
O3 PGE GA . -5.83 7.20 -22.95
MG MG HA . 23.18 3.05 -6.68
MG MG IA . 16.96 1.17 -3.24
#